data_2KJ5
#
_entry.id   2KJ5
#
_entity_poly.entity_id   1
_entity_poly.type   'polypeptide(L)'
_entity_poly.pdbx_seq_one_letter_code
;MAEKNAYTVAQLADEYFERMIAGRWKHPNIVRSRIEKDIKPAIGSLKVEDVKPRHIDDVLKAVMKRGAPSIANDTLRWLK
RMFNYAIKRHIIEYNPAAAFDPGDAGGKLEHHHHHH
;
_entity_poly.pdbx_strand_id   A
#
# COMPACT_ATOMS: atom_id res chain seq x y z
N MET A 1 -17.17 -5.84 9.11
CA MET A 1 -17.32 -6.14 7.67
C MET A 1 -16.60 -7.42 7.31
N ALA A 2 -17.16 -8.14 6.34
CA ALA A 2 -16.67 -9.48 5.96
C ALA A 2 -16.92 -10.47 7.09
N GLU A 3 -16.71 -11.75 6.80
CA GLU A 3 -16.89 -12.80 7.79
C GLU A 3 -15.93 -12.61 8.96
N LYS A 4 -14.64 -12.50 8.65
CA LYS A 4 -13.63 -12.22 9.66
C LYS A 4 -12.42 -11.52 9.06
N ASN A 5 -11.93 -12.01 7.93
CA ASN A 5 -10.77 -11.39 7.26
C ASN A 5 -10.83 -11.58 5.76
N ALA A 6 -11.99 -11.94 5.26
CA ALA A 6 -12.16 -12.27 3.85
C ALA A 6 -12.70 -11.10 3.06
N TYR A 7 -12.21 -9.90 3.37
CA TYR A 7 -12.65 -8.71 2.65
C TYR A 7 -11.64 -8.32 1.57
N THR A 8 -12.04 -7.40 0.72
CA THR A 8 -11.22 -6.99 -0.41
C THR A 8 -10.27 -5.86 -0.02
N VAL A 9 -9.27 -5.61 -0.86
CA VAL A 9 -8.29 -4.56 -0.59
C VAL A 9 -8.96 -3.18 -0.69
N ALA A 10 -10.04 -3.10 -1.45
CA ALA A 10 -10.82 -1.86 -1.54
C ALA A 10 -11.44 -1.52 -0.19
N GLN A 11 -11.89 -2.55 0.51
CA GLN A 11 -12.45 -2.36 1.85
C GLN A 11 -11.31 -2.19 2.84
N LEU A 12 -10.22 -2.92 2.61
CA LEU A 12 -9.01 -2.82 3.43
C LEU A 12 -8.48 -1.39 3.42
N ALA A 13 -8.70 -0.67 2.32
CA ALA A 13 -8.29 0.72 2.20
C ALA A 13 -8.92 1.58 3.29
N ASP A 14 -10.17 1.29 3.63
CA ASP A 14 -10.86 2.00 4.71
C ASP A 14 -10.18 1.73 6.04
N GLU A 15 -9.90 0.45 6.27
CA GLU A 15 -9.20 -0.02 7.47
C GLU A 15 -7.80 0.60 7.53
N TYR A 16 -7.06 0.48 6.44
CA TYR A 16 -5.69 0.95 6.36
C TYR A 16 -5.60 2.45 6.65
N PHE A 17 -6.48 3.23 6.05
CA PHE A 17 -6.49 4.68 6.25
C PHE A 17 -6.78 5.02 7.71
N GLU A 18 -7.74 4.31 8.29
CA GLU A 18 -8.16 4.58 9.66
C GLU A 18 -7.12 4.08 10.67
N ARG A 19 -6.28 3.13 10.27
CA ARG A 19 -5.30 2.57 11.19
C ARG A 19 -3.91 3.13 10.97
N MET A 20 -3.40 3.06 9.74
CA MET A 20 -2.00 3.42 9.49
C MET A 20 -1.85 4.93 9.34
N ILE A 21 -2.90 5.60 8.89
CA ILE A 21 -2.89 7.04 8.75
C ILE A 21 -3.21 7.70 10.10
N ALA A 22 -3.76 6.91 11.01
CA ALA A 22 -4.03 7.40 12.36
C ALA A 22 -2.78 7.30 13.22
N GLY A 23 -1.73 6.69 12.67
CA GLY A 23 -0.49 6.53 13.40
C GLY A 23 0.49 7.64 13.09
N ARG A 24 0.96 7.69 11.84
CA ARG A 24 1.91 8.71 11.42
C ARG A 24 1.74 8.98 9.94
N TRP A 25 1.14 10.11 9.61
CA TRP A 25 0.87 10.44 8.23
C TRP A 25 1.42 11.84 7.89
N LYS A 26 1.12 12.81 8.76
CA LYS A 26 1.61 14.19 8.68
C LYS A 26 1.19 14.94 7.39
N HIS A 27 0.79 14.21 6.35
CA HIS A 27 0.40 14.82 5.08
C HIS A 27 -0.86 14.14 4.57
N PRO A 28 -2.01 14.63 5.03
CA PRO A 28 -3.32 14.01 4.78
C PRO A 28 -3.70 14.03 3.30
N ASN A 29 -3.47 15.16 2.64
CA ASN A 29 -3.87 15.32 1.25
C ASN A 29 -3.14 14.33 0.35
N ILE A 30 -1.89 14.03 0.70
CA ILE A 30 -1.07 13.09 -0.06
C ILE A 30 -1.57 11.67 0.13
N VAL A 31 -1.68 11.25 1.39
CA VAL A 31 -2.04 9.86 1.69
C VAL A 31 -3.47 9.55 1.27
N ARG A 32 -4.37 10.53 1.36
CA ARG A 32 -5.77 10.31 1.03
C ARG A 32 -5.95 10.12 -0.48
N SER A 33 -5.33 11.00 -1.26
CA SER A 33 -5.46 10.95 -2.71
C SER A 33 -4.81 9.69 -3.28
N ARG A 34 -3.73 9.25 -2.64
CA ARG A 34 -3.05 8.01 -3.02
C ARG A 34 -4.01 6.83 -3.02
N ILE A 35 -4.84 6.77 -1.97
CA ILE A 35 -5.75 5.65 -1.76
C ILE A 35 -6.65 5.42 -2.97
N GLU A 36 -7.37 6.45 -3.37
CA GLU A 36 -8.38 6.32 -4.42
C GLU A 36 -7.73 6.24 -5.81
N LYS A 37 -6.53 6.77 -5.95
CA LYS A 37 -5.91 6.87 -7.27
C LYS A 37 -5.14 5.61 -7.64
N ASP A 38 -4.14 5.25 -6.85
CA ASP A 38 -3.25 4.15 -7.24
C ASP A 38 -3.31 2.98 -6.26
N ILE A 39 -3.53 3.27 -4.97
CA ILE A 39 -3.59 2.21 -3.95
C ILE A 39 -4.60 1.14 -4.33
N LYS A 40 -5.71 1.56 -4.95
CA LYS A 40 -6.66 0.64 -5.53
C LYS A 40 -6.50 0.63 -7.06
N PRO A 41 -5.57 -0.19 -7.57
CA PRO A 41 -5.17 -0.17 -8.99
C PRO A 41 -6.24 -0.73 -9.91
N ALA A 42 -6.65 -1.96 -9.63
CA ALA A 42 -7.65 -2.65 -10.43
C ALA A 42 -8.15 -3.88 -9.69
N ILE A 43 -7.24 -4.47 -8.94
CA ILE A 43 -7.56 -5.62 -8.09
C ILE A 43 -8.20 -5.18 -6.78
N GLY A 44 -8.83 -3.99 -6.79
CA GLY A 44 -9.47 -3.49 -5.58
C GLY A 44 -10.65 -4.35 -5.18
N SER A 45 -11.36 -4.85 -6.18
CA SER A 45 -12.49 -5.74 -5.95
C SER A 45 -12.03 -7.17 -5.74
N LEU A 46 -10.75 -7.32 -5.38
CA LEU A 46 -10.15 -8.61 -5.12
C LEU A 46 -9.62 -8.63 -3.68
N LYS A 47 -9.39 -9.82 -3.14
CA LYS A 47 -8.95 -9.94 -1.75
C LYS A 47 -7.45 -9.79 -1.62
N VAL A 48 -6.99 -9.82 -0.38
CA VAL A 48 -5.57 -9.66 -0.09
C VAL A 48 -4.84 -10.98 -0.28
N GLU A 49 -5.59 -12.08 -0.18
CA GLU A 49 -5.04 -13.42 -0.34
C GLU A 49 -4.66 -13.68 -1.79
N ASP A 50 -5.22 -12.88 -2.69
CA ASP A 50 -5.06 -13.11 -4.12
C ASP A 50 -3.92 -12.30 -4.71
N VAL A 51 -3.48 -11.27 -4.01
CA VAL A 51 -2.44 -10.40 -4.53
C VAL A 51 -1.04 -10.99 -4.25
N LYS A 52 -0.63 -11.88 -5.14
CA LYS A 52 0.71 -12.45 -5.08
C LYS A 52 1.73 -11.46 -5.65
N PRO A 53 3.02 -11.61 -5.29
CA PRO A 53 4.10 -10.71 -5.72
C PRO A 53 4.06 -10.33 -7.20
N ARG A 54 3.71 -11.28 -8.05
CA ARG A 54 3.64 -11.02 -9.49
C ARG A 54 2.63 -9.94 -9.84
N HIS A 55 1.61 -9.79 -9.02
CA HIS A 55 0.62 -8.73 -9.22
C HIS A 55 1.26 -7.38 -8.95
N ILE A 56 2.14 -7.34 -7.96
CA ILE A 56 2.87 -6.11 -7.63
C ILE A 56 3.79 -5.73 -8.79
N ASP A 57 4.39 -6.73 -9.40
CA ASP A 57 5.24 -6.54 -10.56
C ASP A 57 4.45 -5.93 -11.71
N ASP A 58 3.20 -6.36 -11.84
CA ASP A 58 2.32 -5.89 -12.89
C ASP A 58 1.83 -4.47 -12.59
N VAL A 59 1.44 -4.21 -11.35
CA VAL A 59 0.93 -2.89 -10.99
C VAL A 59 2.03 -1.84 -10.99
N LEU A 60 3.25 -2.22 -10.64
CA LEU A 60 4.39 -1.30 -10.67
C LEU A 60 4.65 -0.84 -12.10
N LYS A 61 4.45 -1.74 -13.04
CA LYS A 61 4.57 -1.43 -14.44
C LYS A 61 3.39 -0.56 -14.88
N ALA A 62 2.22 -0.89 -14.37
CA ALA A 62 0.99 -0.18 -14.70
C ALA A 62 1.00 1.26 -14.20
N VAL A 63 1.44 1.46 -12.96
CA VAL A 63 1.47 2.79 -12.36
C VAL A 63 2.48 3.71 -13.06
N MET A 64 3.57 3.13 -13.55
CA MET A 64 4.55 3.90 -14.31
C MET A 64 3.97 4.28 -15.66
N LYS A 65 3.14 3.40 -16.21
CA LYS A 65 2.51 3.61 -17.49
C LYS A 65 1.39 4.65 -17.38
N ARG A 66 0.50 4.45 -16.41
CA ARG A 66 -0.68 5.31 -16.26
C ARG A 66 -0.37 6.56 -15.45
N GLY A 67 0.81 6.60 -14.85
CA GLY A 67 1.19 7.74 -14.05
C GLY A 67 2.64 8.12 -14.23
N ALA A 68 3.46 7.77 -13.25
CA ALA A 68 4.87 8.13 -13.26
C ALA A 68 5.67 7.19 -12.37
N PRO A 69 6.99 7.07 -12.60
CA PRO A 69 7.85 6.22 -11.78
C PRO A 69 7.96 6.71 -10.34
N SER A 70 7.75 8.01 -10.16
CA SER A 70 7.83 8.61 -8.83
C SER A 70 6.76 8.03 -7.90
N ILE A 71 5.51 8.05 -8.35
CA ILE A 71 4.40 7.56 -7.56
C ILE A 71 4.46 6.04 -7.40
N ALA A 72 5.08 5.37 -8.37
CA ALA A 72 5.27 3.92 -8.30
C ALA A 72 5.98 3.51 -7.00
N ASN A 73 7.03 4.25 -6.66
CA ASN A 73 7.77 4.00 -5.42
C ASN A 73 6.93 4.43 -4.22
N ASP A 74 6.17 5.50 -4.41
CA ASP A 74 5.32 6.05 -3.37
C ASP A 74 4.29 5.02 -2.92
N THR A 75 3.56 4.45 -3.89
CA THR A 75 2.55 3.44 -3.62
C THR A 75 3.17 2.22 -2.94
N LEU A 76 4.27 1.72 -3.51
CA LEU A 76 4.97 0.56 -2.96
C LEU A 76 5.37 0.80 -1.51
N ARG A 77 5.72 2.03 -1.20
CA ARG A 77 6.12 2.43 0.14
C ARG A 77 4.98 2.20 1.14
N TRP A 78 3.76 2.56 0.74
CA TRP A 78 2.59 2.39 1.60
C TRP A 78 2.16 0.93 1.67
N LEU A 79 2.37 0.21 0.57
CA LEU A 79 1.97 -1.20 0.48
C LEU A 79 2.67 -2.04 1.54
N LYS A 80 3.92 -1.71 1.82
CA LYS A 80 4.70 -2.41 2.85
C LYS A 80 3.97 -2.37 4.18
N ARG A 81 3.64 -1.15 4.61
CA ARG A 81 2.89 -0.94 5.85
C ARG A 81 1.55 -1.67 5.81
N MET A 82 0.93 -1.69 4.63
CA MET A 82 -0.34 -2.39 4.44
C MET A 82 -0.18 -3.88 4.69
N PHE A 83 0.83 -4.49 4.07
CA PHE A 83 1.09 -5.92 4.23
C PHE A 83 1.46 -6.24 5.68
N ASN A 84 2.20 -5.32 6.30
CA ASN A 84 2.58 -5.46 7.70
C ASN A 84 1.34 -5.60 8.60
N TYR A 85 0.36 -4.74 8.35
CA TYR A 85 -0.88 -4.76 9.11
C TYR A 85 -1.71 -5.99 8.75
N ALA A 86 -1.64 -6.38 7.48
CA ALA A 86 -2.34 -7.57 7.01
C ALA A 86 -1.79 -8.84 7.67
N ILE A 87 -0.47 -8.88 7.86
CA ILE A 87 0.18 -10.04 8.46
C ILE A 87 -0.08 -10.11 9.96
N LYS A 88 -0.10 -8.97 10.64
CA LYS A 88 -0.37 -8.95 12.07
C LYS A 88 -1.85 -9.26 12.33
N ARG A 89 -2.67 -9.09 11.29
CA ARG A 89 -4.08 -9.49 11.34
C ARG A 89 -4.21 -10.93 10.84
N HIS A 90 -3.10 -11.44 10.32
CA HIS A 90 -2.99 -12.77 9.74
C HIS A 90 -3.98 -12.97 8.59
N ILE A 91 -4.09 -11.96 7.74
CA ILE A 91 -4.85 -12.09 6.50
C ILE A 91 -3.99 -12.84 5.49
N ILE A 92 -2.72 -12.47 5.45
CA ILE A 92 -1.74 -13.13 4.61
C ILE A 92 -0.54 -13.56 5.45
N GLU A 93 0.24 -14.48 4.92
CA GLU A 93 1.37 -15.05 5.66
C GLU A 93 2.70 -14.42 5.21
N TYR A 94 2.68 -13.79 4.04
CA TYR A 94 3.92 -13.26 3.46
C TYR A 94 3.77 -11.82 3.02
N ASN A 95 4.91 -11.23 2.67
CA ASN A 95 4.98 -9.85 2.17
C ASN A 95 5.18 -9.86 0.66
N PRO A 96 4.10 -9.83 -0.13
CA PRO A 96 4.18 -9.90 -1.60
C PRO A 96 5.16 -8.91 -2.21
N ALA A 97 5.50 -7.85 -1.48
CA ALA A 97 6.44 -6.84 -1.96
C ALA A 97 7.89 -7.30 -1.78
N ALA A 98 8.09 -8.37 -1.02
CA ALA A 98 9.43 -8.88 -0.73
C ALA A 98 10.07 -9.52 -1.94
N ALA A 99 9.32 -9.65 -3.02
CA ALA A 99 9.84 -10.15 -4.29
C ALA A 99 10.65 -9.05 -4.97
N PHE A 100 10.57 -7.85 -4.43
CA PHE A 100 11.26 -6.70 -4.97
C PHE A 100 12.06 -6.02 -3.86
N ASP A 101 12.68 -4.90 -4.17
CA ASP A 101 13.43 -4.15 -3.17
C ASP A 101 12.53 -3.08 -2.57
N PRO A 102 12.07 -3.26 -1.32
CA PRO A 102 11.15 -2.34 -0.66
C PRO A 102 11.87 -1.18 0.04
N GLY A 103 13.19 -1.24 0.07
CA GLY A 103 13.99 -0.24 0.74
C GLY A 103 13.61 -0.07 2.20
N ASP A 104 13.61 1.16 2.66
CA ASP A 104 13.24 1.49 4.04
C ASP A 104 12.51 2.84 4.04
N ALA A 105 13.11 3.83 4.70
CA ALA A 105 12.60 5.22 4.69
C ALA A 105 11.15 5.33 5.17
N GLY A 106 10.97 5.40 6.49
CA GLY A 106 9.66 5.61 7.04
C GLY A 106 9.29 4.60 8.10
N GLY A 107 9.30 5.03 9.35
CA GLY A 107 8.92 4.17 10.46
C GLY A 107 8.55 4.94 11.70
N LYS A 108 9.45 5.81 12.13
CA LYS A 108 9.26 6.65 13.32
C LYS A 108 9.37 5.82 14.61
N LEU A 109 9.12 6.45 15.74
CA LEU A 109 9.34 5.81 17.03
C LEU A 109 8.08 5.84 17.89
N GLU A 110 8.22 5.39 19.12
CA GLU A 110 7.13 5.38 20.09
C GLU A 110 7.41 6.40 21.18
N HIS A 111 6.49 6.50 22.13
CA HIS A 111 6.68 7.34 23.29
C HIS A 111 6.34 6.56 24.55
N HIS A 112 5.48 5.57 24.39
CA HIS A 112 5.06 4.69 25.48
C HIS A 112 4.13 3.62 24.93
N HIS A 113 3.07 4.08 24.29
CA HIS A 113 2.08 3.21 23.66
C HIS A 113 1.02 4.06 22.99
N HIS A 114 0.94 4.01 21.67
CA HIS A 114 -0.11 4.71 20.94
C HIS A 114 -1.48 4.31 21.48
N HIS A 115 -2.19 5.30 22.01
CA HIS A 115 -3.45 5.04 22.70
C HIS A 115 -4.53 4.60 21.73
N HIS A 116 -4.39 5.02 20.47
CA HIS A 116 -5.36 4.67 19.43
C HIS A 116 -4.70 4.70 18.06
N MET A 1 -20.98 -4.67 7.11
CA MET A 1 -21.57 -5.22 5.87
C MET A 1 -20.65 -6.29 5.29
N ALA A 2 -19.40 -5.92 5.08
CA ALA A 2 -18.39 -6.87 4.59
C ALA A 2 -17.18 -6.84 5.51
N GLU A 3 -17.12 -5.83 6.36
CA GLU A 3 -16.02 -5.66 7.29
C GLU A 3 -16.41 -6.17 8.67
N LYS A 4 -15.70 -7.20 9.10
CA LYS A 4 -15.90 -7.81 10.43
C LYS A 4 -14.84 -8.87 10.66
N ASN A 5 -14.61 -9.66 9.62
CA ASN A 5 -13.61 -10.71 9.60
C ASN A 5 -13.53 -11.26 8.19
N ALA A 6 -12.34 -11.67 7.77
CA ALA A 6 -12.13 -12.16 6.40
C ALA A 6 -12.54 -11.08 5.39
N TYR A 7 -12.29 -9.84 5.76
CA TYR A 7 -12.68 -8.68 4.98
C TYR A 7 -11.88 -8.56 3.68
N THR A 8 -12.19 -7.54 2.90
CA THR A 8 -11.58 -7.33 1.60
C THR A 8 -10.33 -6.47 1.74
N VAL A 9 -9.54 -6.42 0.67
CA VAL A 9 -8.35 -5.58 0.65
C VAL A 9 -8.75 -4.10 0.72
N ALA A 10 -9.97 -3.81 0.27
CA ALA A 10 -10.50 -2.45 0.31
C ALA A 10 -10.52 -1.91 1.74
N GLN A 11 -11.12 -2.68 2.64
CA GLN A 11 -11.24 -2.27 4.03
C GLN A 11 -9.88 -2.21 4.70
N LEU A 12 -9.02 -3.16 4.36
CA LEU A 12 -7.66 -3.21 4.91
C LEU A 12 -6.91 -1.91 4.61
N ALA A 13 -6.97 -1.51 3.34
CA ALA A 13 -6.25 -0.32 2.88
C ALA A 13 -6.85 0.95 3.47
N ASP A 14 -8.18 1.03 3.50
CA ASP A 14 -8.86 2.23 3.98
C ASP A 14 -8.68 2.41 5.47
N GLU A 15 -8.75 1.30 6.20
CA GLU A 15 -8.59 1.35 7.65
C GLU A 15 -7.19 1.82 8.02
N TYR A 16 -6.18 1.26 7.37
CA TYR A 16 -4.80 1.65 7.60
C TYR A 16 -4.61 3.13 7.25
N PHE A 17 -5.27 3.55 6.17
CA PHE A 17 -5.26 4.95 5.75
C PHE A 17 -5.81 5.85 6.85
N GLU A 18 -6.98 5.52 7.37
CA GLU A 18 -7.64 6.34 8.38
C GLU A 18 -6.85 6.37 9.68
N ARG A 19 -6.02 5.37 9.90
CA ARG A 19 -5.24 5.29 11.14
C ARG A 19 -3.98 6.15 11.05
N MET A 20 -3.24 6.00 9.96
CA MET A 20 -1.97 6.71 9.82
C MET A 20 -2.17 8.14 9.31
N ILE A 21 -3.25 8.35 8.57
CA ILE A 21 -3.55 9.66 8.04
C ILE A 21 -4.62 10.34 8.92
N ALA A 22 -4.51 10.11 10.22
CA ALA A 22 -5.38 10.74 11.19
C ALA A 22 -4.66 11.85 11.94
N GLY A 23 -5.37 12.51 12.85
CA GLY A 23 -4.76 13.57 13.64
C GLY A 23 -4.76 14.90 12.92
N ARG A 24 -3.67 15.20 12.23
CA ARG A 24 -3.54 16.45 11.50
C ARG A 24 -2.88 16.20 10.16
N TRP A 25 -3.71 16.06 9.12
CA TRP A 25 -3.21 15.73 7.80
C TRP A 25 -3.67 16.75 6.76
N LYS A 26 -4.96 17.07 6.78
CA LYS A 26 -5.60 17.91 5.75
C LYS A 26 -5.52 17.23 4.38
N HIS A 27 -6.56 17.47 3.56
CA HIS A 27 -6.66 16.93 2.20
C HIS A 27 -6.27 15.44 2.12
N PRO A 28 -7.11 14.57 2.70
CA PRO A 28 -6.85 13.12 2.71
C PRO A 28 -6.93 12.54 1.30
N ASN A 29 -7.67 13.23 0.43
CA ASN A 29 -7.88 12.78 -0.94
C ASN A 29 -6.56 12.67 -1.70
N ILE A 30 -5.57 13.46 -1.30
CA ILE A 30 -4.28 13.45 -1.96
C ILE A 30 -3.59 12.10 -1.80
N VAL A 31 -3.53 11.60 -0.57
CA VAL A 31 -2.91 10.32 -0.31
C VAL A 31 -3.86 9.17 -0.64
N ARG A 32 -5.16 9.37 -0.41
CA ARG A 32 -6.16 8.33 -0.63
C ARG A 32 -6.35 8.08 -2.13
N SER A 33 -6.06 9.08 -2.94
CA SER A 33 -6.23 8.99 -4.39
C SER A 33 -5.48 7.77 -4.95
N ARG A 34 -4.22 7.61 -4.56
CA ARG A 34 -3.41 6.51 -5.06
C ARG A 34 -3.95 5.17 -4.56
N ILE A 35 -4.61 5.21 -3.41
CA ILE A 35 -5.10 4.02 -2.76
C ILE A 35 -6.28 3.43 -3.52
N GLU A 36 -7.19 4.28 -3.95
CA GLU A 36 -8.39 3.83 -4.65
C GLU A 36 -8.15 3.78 -6.16
N LYS A 37 -7.00 4.25 -6.60
CA LYS A 37 -6.70 4.30 -8.03
C LYS A 37 -5.70 3.21 -8.41
N ASP A 38 -4.54 3.20 -7.78
CA ASP A 38 -3.48 2.25 -8.13
C ASP A 38 -3.46 1.06 -7.18
N ILE A 39 -3.55 1.33 -5.89
CA ILE A 39 -3.54 0.26 -4.88
C ILE A 39 -4.74 -0.66 -5.07
N LYS A 40 -5.92 -0.06 -5.16
CA LYS A 40 -7.15 -0.81 -5.41
C LYS A 40 -7.85 -0.26 -6.66
N PRO A 41 -7.40 -0.63 -7.86
CA PRO A 41 -7.97 -0.13 -9.10
C PRO A 41 -9.37 -0.69 -9.35
N ALA A 42 -9.47 -2.01 -9.39
CA ALA A 42 -10.76 -2.66 -9.54
C ALA A 42 -10.83 -3.92 -8.68
N ILE A 43 -9.88 -4.03 -7.77
CA ILE A 43 -9.77 -5.20 -6.91
C ILE A 43 -10.18 -4.87 -5.49
N GLY A 44 -11.04 -3.87 -5.33
CA GLY A 44 -11.48 -3.48 -3.99
C GLY A 44 -12.23 -4.59 -3.28
N SER A 45 -13.12 -5.26 -4.00
CA SER A 45 -13.91 -6.35 -3.44
C SER A 45 -13.13 -7.66 -3.43
N LEU A 46 -11.85 -7.57 -3.75
CA LEU A 46 -11.00 -8.75 -3.82
C LEU A 46 -10.52 -9.14 -2.41
N LYS A 47 -10.48 -10.43 -2.15
CA LYS A 47 -9.99 -10.94 -0.88
C LYS A 47 -8.51 -10.59 -0.73
N VAL A 48 -8.09 -10.34 0.52
CA VAL A 48 -6.71 -9.99 0.79
C VAL A 48 -5.77 -11.12 0.36
N GLU A 49 -6.30 -12.34 0.29
CA GLU A 49 -5.50 -13.49 -0.09
C GLU A 49 -5.26 -13.54 -1.60
N ASP A 50 -6.04 -12.79 -2.36
CA ASP A 50 -5.98 -12.86 -3.82
C ASP A 50 -5.06 -11.80 -4.40
N VAL A 51 -4.55 -10.90 -3.56
CA VAL A 51 -3.67 -9.85 -4.05
C VAL A 51 -2.23 -10.39 -4.20
N LYS A 52 -2.04 -11.18 -5.25
CA LYS A 52 -0.74 -11.74 -5.57
C LYS A 52 0.17 -10.65 -6.16
N PRO A 53 1.50 -10.86 -6.10
CA PRO A 53 2.50 -9.89 -6.59
C PRO A 53 2.19 -9.34 -7.98
N ARG A 54 1.62 -10.18 -8.85
CA ARG A 54 1.29 -9.76 -10.21
C ARG A 54 0.36 -8.54 -10.23
N HIS A 55 -0.58 -8.48 -9.29
CA HIS A 55 -1.50 -7.35 -9.22
C HIS A 55 -0.73 -6.07 -8.93
N ILE A 56 0.29 -6.19 -8.10
CA ILE A 56 1.14 -5.06 -7.75
C ILE A 56 2.08 -4.73 -8.92
N ASP A 57 2.51 -5.77 -9.62
CA ASP A 57 3.41 -5.60 -10.76
C ASP A 57 2.72 -4.80 -11.86
N ASP A 58 1.44 -5.09 -12.07
CA ASP A 58 0.64 -4.40 -13.07
C ASP A 58 0.42 -2.94 -12.72
N VAL A 59 0.26 -2.63 -11.44
CA VAL A 59 0.00 -1.26 -11.03
C VAL A 59 1.30 -0.46 -10.93
N LEU A 60 2.39 -1.11 -10.53
CA LEU A 60 3.68 -0.44 -10.42
C LEU A 60 4.15 0.02 -11.79
N LYS A 61 4.01 -0.83 -12.79
CA LYS A 61 4.43 -0.49 -14.15
C LYS A 61 3.56 0.64 -14.70
N ALA A 62 2.30 0.68 -14.28
CA ALA A 62 1.35 1.68 -14.77
C ALA A 62 1.59 3.04 -14.11
N VAL A 63 1.96 3.03 -12.83
CA VAL A 63 2.19 4.27 -12.12
C VAL A 63 3.56 4.87 -12.45
N MET A 64 4.53 4.01 -12.78
CA MET A 64 5.87 4.48 -13.07
C MET A 64 5.96 5.08 -14.48
N LYS A 65 5.10 4.64 -15.38
CA LYS A 65 5.17 5.10 -16.77
C LYS A 65 4.65 6.53 -16.92
N ARG A 66 3.47 6.80 -16.40
CA ARG A 66 2.84 8.12 -16.54
C ARG A 66 3.14 9.03 -15.36
N GLY A 67 3.64 8.45 -14.28
CA GLY A 67 3.97 9.24 -13.12
C GLY A 67 5.46 9.43 -12.97
N ALA A 68 6.04 8.70 -12.04
CA ALA A 68 7.47 8.76 -11.79
C ALA A 68 7.93 7.53 -11.03
N PRO A 69 9.16 7.06 -11.30
CA PRO A 69 9.73 5.88 -10.63
C PRO A 69 9.71 6.02 -9.11
N SER A 70 10.12 7.19 -8.63
CA SER A 70 10.17 7.46 -7.20
C SER A 70 8.78 7.34 -6.56
N ILE A 71 7.76 7.71 -7.31
CA ILE A 71 6.39 7.65 -6.82
C ILE A 71 5.91 6.19 -6.76
N ALA A 72 6.33 5.40 -7.74
CA ALA A 72 6.03 3.98 -7.76
C ALA A 72 6.63 3.29 -6.55
N ASN A 73 7.90 3.55 -6.32
CA ASN A 73 8.62 3.00 -5.17
C ASN A 73 7.98 3.48 -3.88
N ASP A 74 7.66 4.76 -3.84
CA ASP A 74 6.99 5.38 -2.69
C ASP A 74 5.69 4.66 -2.35
N THR A 75 4.93 4.31 -3.39
CA THR A 75 3.68 3.60 -3.22
C THR A 75 3.94 2.16 -2.76
N LEU A 76 4.96 1.53 -3.33
CA LEU A 76 5.34 0.16 -2.94
C LEU A 76 5.72 0.14 -1.46
N ARG A 77 6.46 1.14 -1.04
CA ARG A 77 6.85 1.32 0.34
C ARG A 77 5.62 1.36 1.25
N TRP A 78 4.60 2.10 0.83
CA TRP A 78 3.34 2.16 1.56
C TRP A 78 2.64 0.80 1.53
N LEU A 79 2.70 0.14 0.38
CA LEU A 79 2.08 -1.18 0.21
C LEU A 79 2.63 -2.21 1.19
N LYS A 80 3.96 -2.21 1.34
CA LYS A 80 4.62 -3.14 2.24
C LYS A 80 4.08 -3.00 3.66
N ARG A 81 3.94 -1.76 4.10
CA ARG A 81 3.37 -1.46 5.42
C ARG A 81 2.02 -2.16 5.60
N MET A 82 1.16 -2.01 4.60
CA MET A 82 -0.18 -2.57 4.64
C MET A 82 -0.16 -4.10 4.67
N PHE A 83 0.60 -4.69 3.78
CA PHE A 83 0.69 -6.16 3.70
C PHE A 83 1.35 -6.73 4.95
N ASN A 84 2.36 -6.02 5.44
CA ASN A 84 3.05 -6.41 6.67
C ASN A 84 2.06 -6.50 7.83
N TYR A 85 1.19 -5.51 7.93
CA TYR A 85 0.16 -5.48 8.96
C TYR A 85 -0.77 -6.69 8.82
N ALA A 86 -1.08 -7.05 7.58
CA ALA A 86 -1.91 -8.22 7.30
C ALA A 86 -1.19 -9.51 7.70
N ILE A 87 0.13 -9.46 7.71
CA ILE A 87 0.95 -10.58 8.16
C ILE A 87 0.78 -10.80 9.66
N LYS A 88 0.89 -9.73 10.44
CA LYS A 88 0.74 -9.82 11.88
C LYS A 88 -0.63 -10.33 12.26
N ARG A 89 -1.66 -9.77 11.63
CA ARG A 89 -3.03 -10.21 11.87
C ARG A 89 -3.31 -11.60 11.29
N HIS A 90 -2.31 -12.17 10.61
CA HIS A 90 -2.41 -13.52 10.04
C HIS A 90 -3.51 -13.59 8.98
N ILE A 91 -3.81 -12.47 8.36
CA ILE A 91 -4.80 -12.42 7.29
C ILE A 91 -4.28 -13.21 6.09
N ILE A 92 -3.03 -12.96 5.76
CA ILE A 92 -2.35 -13.68 4.69
C ILE A 92 -0.99 -14.19 5.15
N GLU A 93 -0.29 -13.34 5.92
CA GLU A 93 1.02 -13.68 6.48
C GLU A 93 2.08 -13.76 5.37
N TYR A 94 1.70 -13.34 4.18
CA TYR A 94 2.62 -13.26 3.06
C TYR A 94 2.73 -11.81 2.60
N ASN A 95 3.94 -11.38 2.25
CA ASN A 95 4.18 -10.03 1.79
C ASN A 95 4.43 -10.00 0.28
N PRO A 96 3.37 -9.86 -0.54
CA PRO A 96 3.52 -9.81 -2.01
C PRO A 96 4.33 -8.61 -2.47
N ALA A 97 4.48 -7.61 -1.59
CA ALA A 97 5.22 -6.40 -1.93
C ALA A 97 6.71 -6.55 -1.61
N ALA A 98 7.08 -7.69 -1.03
CA ALA A 98 8.46 -7.93 -0.65
C ALA A 98 9.32 -8.29 -1.85
N ALA A 99 8.67 -8.46 -3.00
CA ALA A 99 9.36 -8.78 -4.24
C ALA A 99 9.88 -7.52 -4.92
N PHE A 100 9.62 -6.37 -4.32
CA PHE A 100 10.06 -5.11 -4.86
C PHE A 100 10.63 -4.23 -3.74
N ASP A 101 11.60 -3.39 -4.06
CA ASP A 101 12.22 -2.53 -3.06
C ASP A 101 11.51 -1.19 -2.98
N PRO A 102 11.30 -0.67 -1.76
CA PRO A 102 10.61 0.61 -1.52
C PRO A 102 11.29 1.81 -2.20
N GLY A 103 12.51 1.61 -2.68
CA GLY A 103 13.20 2.60 -3.48
C GLY A 103 13.33 3.96 -2.79
N ASP A 104 14.20 4.05 -1.81
CA ASP A 104 14.48 5.33 -1.17
C ASP A 104 15.36 6.17 -2.09
N ALA A 105 14.79 7.26 -2.60
CA ALA A 105 15.49 8.09 -3.57
C ALA A 105 15.02 9.53 -3.49
N GLY A 106 15.67 10.40 -4.25
CA GLY A 106 15.31 11.81 -4.25
C GLY A 106 14.22 12.10 -5.26
N GLY A 107 12.98 11.87 -4.87
CA GLY A 107 11.86 12.10 -5.77
C GLY A 107 10.70 12.76 -5.07
N LYS A 108 10.86 13.07 -3.79
CA LYS A 108 9.83 13.77 -3.04
C LYS A 108 9.73 15.23 -3.48
N LEU A 109 8.69 15.90 -3.02
CA LEU A 109 8.49 17.30 -3.35
C LEU A 109 9.38 18.17 -2.49
N GLU A 110 10.53 18.55 -3.03
CA GLU A 110 11.46 19.41 -2.32
C GLU A 110 10.92 20.83 -2.27
N HIS A 111 10.43 21.23 -1.11
CA HIS A 111 9.80 22.53 -0.97
C HIS A 111 10.31 23.23 0.30
N HIS A 112 11.01 24.34 0.12
CA HIS A 112 11.59 25.07 1.24
C HIS A 112 11.43 26.57 1.05
N HIS A 113 11.07 27.25 2.11
CA HIS A 113 11.04 28.71 2.12
C HIS A 113 11.69 29.24 3.39
N HIS A 114 12.80 29.93 3.20
CA HIS A 114 13.60 30.41 4.33
C HIS A 114 12.86 31.51 5.07
N HIS A 115 12.99 31.52 6.39
CA HIS A 115 12.37 32.55 7.20
C HIS A 115 13.26 33.78 7.26
N HIS A 116 12.94 34.77 6.44
CA HIS A 116 13.72 36.00 6.39
C HIS A 116 12.83 37.15 5.93
N MET A 1 -10.92 -4.50 11.62
CA MET A 1 -9.91 -5.51 12.03
C MET A 1 -10.42 -6.90 11.69
N ALA A 2 -9.49 -7.85 11.61
CA ALA A 2 -9.87 -9.23 11.31
C ALA A 2 -10.49 -9.88 12.54
N GLU A 3 -11.80 -9.82 12.61
CA GLU A 3 -12.55 -10.37 13.74
C GLU A 3 -12.93 -11.81 13.46
N LYS A 4 -13.35 -12.06 12.23
CA LYS A 4 -13.79 -13.39 11.83
C LYS A 4 -13.56 -13.62 10.34
N ASN A 5 -13.67 -12.55 9.56
CA ASN A 5 -13.51 -12.64 8.12
C ASN A 5 -12.28 -11.86 7.67
N ALA A 6 -11.52 -12.46 6.77
CA ALA A 6 -10.38 -11.78 6.20
C ALA A 6 -10.84 -10.85 5.09
N TYR A 7 -10.94 -9.57 5.42
CA TYR A 7 -11.40 -8.55 4.47
C TYR A 7 -10.42 -8.35 3.32
N THR A 8 -10.81 -7.55 2.35
CA THR A 8 -10.01 -7.34 1.15
C THR A 8 -8.98 -6.24 1.36
N VAL A 9 -8.11 -6.07 0.37
CA VAL A 9 -7.08 -5.05 0.42
C VAL A 9 -7.71 -3.65 0.45
N ALA A 10 -8.92 -3.54 -0.10
CA ALA A 10 -9.66 -2.28 -0.07
C ALA A 10 -9.96 -1.87 1.36
N GLN A 11 -10.43 -2.84 2.15
CA GLN A 11 -10.77 -2.60 3.54
C GLN A 11 -9.51 -2.48 4.39
N LEU A 12 -8.50 -3.27 4.02
CA LEU A 12 -7.22 -3.24 4.71
C LEU A 12 -6.55 -1.88 4.56
N ALA A 13 -6.56 -1.35 3.34
CA ALA A 13 -5.97 -0.05 3.07
C ALA A 13 -6.75 1.07 3.76
N ASP A 14 -8.07 0.90 3.82
CA ASP A 14 -8.94 1.89 4.47
C ASP A 14 -8.64 1.96 5.97
N GLU A 15 -8.48 0.80 6.58
CA GLU A 15 -8.16 0.72 8.01
C GLU A 15 -6.75 1.24 8.26
N TYR A 16 -5.85 0.91 7.33
CA TYR A 16 -4.49 1.42 7.37
C TYR A 16 -4.49 2.94 7.28
N PHE A 17 -5.31 3.47 6.39
CA PHE A 17 -5.45 4.91 6.20
C PHE A 17 -5.82 5.61 7.51
N GLU A 18 -6.87 5.11 8.16
CA GLU A 18 -7.41 5.74 9.36
C GLU A 18 -6.40 5.77 10.50
N ARG A 19 -5.42 4.88 10.45
CA ARG A 19 -4.41 4.82 11.51
C ARG A 19 -3.13 5.56 11.13
N MET A 20 -2.81 5.57 9.85
CA MET A 20 -1.55 6.17 9.39
C MET A 20 -1.75 7.60 8.90
N ILE A 21 -2.98 7.98 8.63
CA ILE A 21 -3.29 9.32 8.12
C ILE A 21 -4.04 10.13 9.19
N ALA A 22 -3.86 9.71 10.44
CA ALA A 22 -4.52 10.37 11.57
C ALA A 22 -3.52 11.03 12.51
N GLY A 23 -2.28 11.20 12.04
CA GLY A 23 -1.25 11.77 12.91
C GLY A 23 -0.48 12.90 12.27
N ARG A 24 -0.18 12.74 10.99
CA ARG A 24 0.60 13.71 10.24
C ARG A 24 0.28 13.55 8.76
N TRP A 25 -0.63 14.35 8.23
CA TRP A 25 -1.11 14.10 6.88
C TRP A 25 -1.31 15.40 6.08
N LYS A 26 -1.98 16.38 6.70
CA LYS A 26 -2.21 17.70 6.09
C LYS A 26 -3.15 17.67 4.88
N HIS A 27 -3.06 16.63 4.05
CA HIS A 27 -3.83 16.54 2.82
C HIS A 27 -4.29 15.09 2.59
N PRO A 28 -5.43 14.73 3.17
CA PRO A 28 -5.94 13.35 3.15
C PRO A 28 -6.33 12.88 1.75
N ASN A 29 -6.88 13.79 0.96
CA ASN A 29 -7.38 13.44 -0.36
C ASN A 29 -6.26 13.00 -1.29
N ILE A 30 -5.07 13.60 -1.12
CA ILE A 30 -3.92 13.26 -1.96
C ILE A 30 -3.54 11.80 -1.80
N VAL A 31 -3.32 11.38 -0.55
CA VAL A 31 -2.94 10.01 -0.28
C VAL A 31 -4.12 9.05 -0.51
N ARG A 32 -5.33 9.54 -0.29
CA ARG A 32 -6.54 8.75 -0.52
C ARG A 32 -6.67 8.42 -2.01
N SER A 33 -6.34 9.39 -2.87
CA SER A 33 -6.40 9.20 -4.30
C SER A 33 -5.43 8.11 -4.74
N ARG A 34 -4.32 8.00 -4.04
CA ARG A 34 -3.35 6.94 -4.29
C ARG A 34 -3.94 5.59 -3.94
N ILE A 35 -4.74 5.54 -2.87
CA ILE A 35 -5.41 4.32 -2.48
C ILE A 35 -6.51 3.95 -3.47
N GLU A 36 -7.32 4.93 -3.85
CA GLU A 36 -8.44 4.70 -4.74
C GLU A 36 -8.01 4.31 -6.14
N LYS A 37 -6.85 4.79 -6.57
CA LYS A 37 -6.39 4.55 -7.93
C LYS A 37 -5.21 3.59 -7.99
N ASP A 38 -4.13 3.97 -7.32
CA ASP A 38 -2.87 3.24 -7.43
C ASP A 38 -2.87 1.96 -6.60
N ILE A 39 -3.35 2.04 -5.37
CA ILE A 39 -3.39 0.89 -4.49
C ILE A 39 -4.52 -0.06 -4.89
N LYS A 40 -5.64 0.51 -5.34
CA LYS A 40 -6.78 -0.30 -5.78
C LYS A 40 -7.10 -0.04 -7.24
N PRO A 41 -6.30 -0.60 -8.17
CA PRO A 41 -6.55 -0.45 -9.61
C PRO A 41 -7.68 -1.34 -10.11
N ALA A 42 -7.63 -2.61 -9.72
CA ALA A 42 -8.64 -3.58 -10.13
C ALA A 42 -8.53 -4.83 -9.27
N ILE A 43 -8.19 -4.62 -8.01
CA ILE A 43 -7.95 -5.73 -7.09
C ILE A 43 -8.51 -5.42 -5.71
N GLY A 44 -9.29 -4.35 -5.61
CA GLY A 44 -9.81 -3.90 -4.34
C GLY A 44 -10.53 -4.97 -3.55
N SER A 45 -11.46 -5.65 -4.19
CA SER A 45 -12.24 -6.68 -3.52
C SER A 45 -11.72 -8.07 -3.89
N LEU A 46 -10.44 -8.14 -4.20
CA LEU A 46 -9.82 -9.41 -4.59
C LEU A 46 -9.02 -9.98 -3.43
N LYS A 47 -9.60 -9.88 -2.23
CA LYS A 47 -8.99 -10.39 -0.99
C LYS A 47 -7.61 -9.76 -0.71
N VAL A 48 -7.09 -10.00 0.49
CA VAL A 48 -5.71 -9.68 0.80
C VAL A 48 -4.79 -10.82 0.35
N GLU A 49 -5.31 -12.04 0.38
CA GLU A 49 -4.53 -13.22 0.03
C GLU A 49 -4.55 -13.48 -1.47
N ASP A 50 -5.60 -13.01 -2.12
CA ASP A 50 -5.81 -13.30 -3.54
C ASP A 50 -5.11 -12.26 -4.41
N VAL A 51 -4.67 -11.16 -3.81
CA VAL A 51 -3.89 -10.18 -4.55
C VAL A 51 -2.43 -10.65 -4.65
N LYS A 52 -2.19 -11.47 -5.64
CA LYS A 52 -0.87 -12.05 -5.88
C LYS A 52 0.11 -10.98 -6.36
N PRO A 53 1.42 -11.22 -6.12
CA PRO A 53 2.50 -10.24 -6.39
C PRO A 53 2.35 -9.50 -7.72
N ARG A 54 2.04 -10.20 -8.80
CA ARG A 54 1.99 -9.58 -10.12
C ARG A 54 0.91 -8.49 -10.20
N HIS A 55 -0.10 -8.57 -9.33
CA HIS A 55 -1.17 -7.59 -9.33
C HIS A 55 -0.62 -6.23 -8.94
N ILE A 56 0.32 -6.24 -8.00
CA ILE A 56 1.01 -5.03 -7.58
C ILE A 56 1.91 -4.52 -8.70
N ASP A 57 2.57 -5.46 -9.38
CA ASP A 57 3.42 -5.14 -10.52
C ASP A 57 2.61 -4.51 -11.63
N ASP A 58 1.42 -5.04 -11.85
CA ASP A 58 0.52 -4.58 -12.91
C ASP A 58 0.26 -3.08 -12.80
N VAL A 59 -0.02 -2.61 -11.60
CA VAL A 59 -0.33 -1.20 -11.41
C VAL A 59 0.94 -0.34 -11.35
N LEU A 60 1.97 -0.84 -10.65
CA LEU A 60 3.22 -0.10 -10.52
C LEU A 60 3.88 0.12 -11.87
N LYS A 61 3.75 -0.87 -12.74
CA LYS A 61 4.24 -0.78 -14.10
C LYS A 61 3.60 0.39 -14.82
N ALA A 62 2.29 0.42 -14.80
CA ALA A 62 1.54 1.51 -15.44
C ALA A 62 1.92 2.87 -14.85
N VAL A 63 1.99 2.96 -13.52
CA VAL A 63 2.24 4.24 -12.86
C VAL A 63 3.69 4.70 -13.02
N MET A 64 4.60 3.77 -13.26
CA MET A 64 6.00 4.12 -13.47
C MET A 64 6.21 4.69 -14.87
N LYS A 65 5.24 4.46 -15.75
CA LYS A 65 5.29 5.01 -17.10
C LYS A 65 4.58 6.34 -17.16
N ARG A 66 3.25 6.25 -17.15
CA ARG A 66 2.38 7.42 -17.28
C ARG A 66 2.62 8.43 -16.15
N GLY A 67 3.10 7.95 -15.02
CA GLY A 67 3.39 8.85 -13.92
C GLY A 67 4.88 9.05 -13.74
N ALA A 68 5.45 8.34 -12.79
CA ALA A 68 6.86 8.44 -12.48
C ALA A 68 7.29 7.28 -11.58
N PRO A 69 8.52 6.78 -11.75
CA PRO A 69 9.06 5.70 -10.93
C PRO A 69 9.02 6.03 -9.43
N SER A 70 9.17 7.31 -9.12
CA SER A 70 9.12 7.78 -7.74
C SER A 70 7.76 7.49 -7.12
N ILE A 71 6.70 7.65 -7.92
CA ILE A 71 5.35 7.37 -7.46
C ILE A 71 5.17 5.89 -7.18
N ALA A 72 5.74 5.06 -8.05
CA ALA A 72 5.67 3.62 -7.90
C ALA A 72 6.34 3.17 -6.59
N ASN A 73 7.50 3.74 -6.29
CA ASN A 73 8.25 3.38 -5.09
C ASN A 73 7.58 3.95 -3.84
N ASP A 74 7.12 5.19 -3.96
CA ASP A 74 6.50 5.90 -2.85
C ASP A 74 5.21 5.21 -2.40
N THR A 75 4.40 4.79 -3.37
CA THR A 75 3.17 4.08 -3.06
C THR A 75 3.47 2.69 -2.50
N LEU A 76 4.57 2.10 -2.97
CA LEU A 76 5.01 0.79 -2.52
C LEU A 76 5.32 0.82 -1.02
N ARG A 77 5.92 1.93 -0.60
CA ARG A 77 6.22 2.17 0.81
C ARG A 77 5.02 1.86 1.71
N TRP A 78 3.85 2.35 1.29
CA TRP A 78 2.63 2.16 2.05
C TRP A 78 2.12 0.73 1.92
N LEU A 79 2.24 0.17 0.70
CA LEU A 79 1.82 -1.20 0.45
C LEU A 79 2.56 -2.18 1.35
N LYS A 80 3.87 -1.97 1.47
CA LYS A 80 4.73 -2.78 2.30
C LYS A 80 4.15 -2.94 3.70
N ARG A 81 3.98 -1.81 4.37
CA ARG A 81 3.48 -1.78 5.74
C ARG A 81 2.03 -2.26 5.83
N MET A 82 1.21 -1.83 4.86
CA MET A 82 -0.20 -2.17 4.84
C MET A 82 -0.42 -3.69 4.80
N PHE A 83 0.34 -4.38 3.96
CA PHE A 83 0.22 -5.84 3.85
C PHE A 83 0.77 -6.53 5.09
N ASN A 84 1.70 -5.87 5.78
CA ASN A 84 2.27 -6.41 7.01
C ASN A 84 1.21 -6.50 8.09
N TYR A 85 0.31 -5.52 8.09
CA TYR A 85 -0.81 -5.47 9.03
C TYR A 85 -1.71 -6.69 8.81
N ALA A 86 -1.83 -7.13 7.58
CA ALA A 86 -2.60 -8.32 7.26
C ALA A 86 -1.91 -9.57 7.81
N ILE A 87 -0.57 -9.54 7.78
CA ILE A 87 0.23 -10.66 8.29
C ILE A 87 0.08 -10.80 9.80
N LYS A 88 0.16 -9.68 10.51
CA LYS A 88 0.04 -9.70 11.97
C LYS A 88 -1.38 -10.07 12.40
N ARG A 89 -2.34 -9.89 11.50
CA ARG A 89 -3.71 -10.33 11.75
C ARG A 89 -3.93 -11.73 11.19
N HIS A 90 -2.89 -12.26 10.58
CA HIS A 90 -2.84 -13.65 10.11
C HIS A 90 -3.76 -13.87 8.93
N ILE A 91 -4.09 -12.81 8.23
CA ILE A 91 -4.87 -12.91 7.00
C ILE A 91 -4.01 -13.56 5.93
N ILE A 92 -2.73 -13.21 5.94
CA ILE A 92 -1.74 -13.80 5.06
C ILE A 92 -0.48 -14.13 5.84
N GLU A 93 0.38 -14.95 5.27
CA GLU A 93 1.63 -15.32 5.91
C GLU A 93 2.77 -14.51 5.29
N TYR A 94 2.76 -14.45 3.97
CA TYR A 94 3.75 -13.68 3.23
C TYR A 94 3.01 -12.72 2.30
N ASN A 95 3.48 -11.48 2.25
CA ASN A 95 2.80 -10.44 1.49
C ASN A 95 3.34 -10.35 0.07
N PRO A 96 2.47 -10.01 -0.90
CA PRO A 96 2.88 -9.83 -2.29
C PRO A 96 3.92 -8.73 -2.45
N ALA A 97 3.96 -7.82 -1.49
CA ALA A 97 4.90 -6.71 -1.51
C ALA A 97 6.24 -7.11 -0.90
N ALA A 98 6.51 -8.40 -0.84
CA ALA A 98 7.79 -8.90 -0.35
C ALA A 98 8.87 -8.71 -1.41
N ALA A 99 8.55 -9.08 -2.64
CA ALA A 99 9.51 -8.97 -3.74
C ALA A 99 9.65 -7.53 -4.21
N PHE A 100 8.59 -6.75 -4.02
CA PHE A 100 8.60 -5.35 -4.40
C PHE A 100 9.14 -4.49 -3.27
N ASP A 101 10.25 -3.85 -3.52
CA ASP A 101 10.93 -3.07 -2.50
C ASP A 101 11.54 -1.80 -3.11
N PRO A 102 11.38 -0.66 -2.44
CA PRO A 102 11.87 0.63 -2.95
C PRO A 102 13.39 0.78 -2.86
N GLY A 103 14.05 -0.21 -2.27
CA GLY A 103 15.50 -0.19 -2.20
C GLY A 103 15.98 -0.02 -0.78
N ASP A 104 15.83 1.18 -0.24
CA ASP A 104 16.24 1.46 1.13
C ASP A 104 15.27 2.42 1.80
N ALA A 105 14.73 1.97 2.93
CA ALA A 105 13.89 2.81 3.76
C ALA A 105 14.38 2.75 5.21
N GLY A 106 13.90 3.66 6.05
CA GLY A 106 14.32 3.68 7.44
C GLY A 106 13.80 2.47 8.19
N GLY A 107 14.51 2.10 9.25
CA GLY A 107 14.13 0.95 10.04
C GLY A 107 13.81 1.34 11.46
N LYS A 108 13.43 2.59 11.63
CA LYS A 108 13.11 3.14 12.94
C LYS A 108 11.69 2.77 13.36
N LEU A 109 11.19 3.48 14.35
CA LEU A 109 9.87 3.21 14.90
C LEU A 109 8.93 4.38 14.62
N GLU A 110 7.68 4.06 14.29
CA GLU A 110 6.67 5.09 14.12
C GLU A 110 6.34 5.74 15.46
N HIS A 111 6.29 4.91 16.50
CA HIS A 111 6.11 5.35 17.88
C HIS A 111 4.78 6.07 18.07
N HIS A 112 3.73 5.31 18.31
CA HIS A 112 2.41 5.88 18.57
C HIS A 112 2.14 5.95 20.07
N HIS A 113 1.19 6.81 20.45
CA HIS A 113 0.91 7.06 21.85
C HIS A 113 -0.25 6.23 22.36
N HIS A 114 -0.70 6.54 23.56
CA HIS A 114 -1.80 5.83 24.21
C HIS A 114 -3.12 6.05 23.46
N HIS A 115 -3.40 5.15 22.50
CA HIS A 115 -4.62 5.19 21.71
C HIS A 115 -4.73 6.53 20.96
N HIS A 116 -3.58 7.11 20.65
CA HIS A 116 -3.53 8.41 19.97
C HIS A 116 -2.25 8.53 19.16
N MET A 1 -19.38 -5.42 5.50
CA MET A 1 -19.84 -6.41 4.49
C MET A 1 -18.80 -7.50 4.28
N ALA A 2 -17.58 -7.11 3.90
CA ALA A 2 -16.53 -8.07 3.59
C ALA A 2 -15.87 -8.63 4.85
N GLU A 3 -16.22 -8.07 5.99
CA GLU A 3 -15.65 -8.50 7.27
C GLU A 3 -16.26 -9.82 7.75
N LYS A 4 -16.73 -10.62 6.81
CA LYS A 4 -17.34 -11.90 7.12
C LYS A 4 -16.28 -12.91 7.56
N ASN A 5 -15.08 -12.75 7.02
CA ASN A 5 -13.96 -13.63 7.34
C ASN A 5 -12.67 -13.04 6.78
N ALA A 6 -12.58 -13.01 5.46
CA ALA A 6 -11.43 -12.42 4.80
C ALA A 6 -11.88 -11.32 3.85
N TYR A 7 -11.60 -10.07 4.23
CA TYR A 7 -12.04 -8.92 3.45
C TYR A 7 -11.13 -8.68 2.25
N THR A 8 -11.32 -7.55 1.59
CA THR A 8 -10.59 -7.25 0.37
C THR A 8 -9.51 -6.20 0.62
N VAL A 9 -8.52 -6.16 -0.26
CA VAL A 9 -7.42 -5.19 -0.16
C VAL A 9 -7.96 -3.76 -0.16
N ALA A 10 -9.09 -3.54 -0.83
CA ALA A 10 -9.71 -2.22 -0.88
C ALA A 10 -10.13 -1.77 0.51
N GLN A 11 -10.67 -2.70 1.29
CA GLN A 11 -11.10 -2.39 2.65
C GLN A 11 -9.90 -2.24 3.56
N LEU A 12 -8.88 -3.06 3.33
CA LEU A 12 -7.65 -3.02 4.11
C LEU A 12 -6.98 -1.64 4.00
N ALA A 13 -6.99 -1.10 2.78
CA ALA A 13 -6.41 0.21 2.53
C ALA A 13 -7.21 1.31 3.23
N ASP A 14 -8.52 1.16 3.25
CA ASP A 14 -9.40 2.14 3.88
C ASP A 14 -9.25 2.08 5.40
N GLU A 15 -9.14 0.85 5.92
CA GLU A 15 -8.92 0.61 7.34
C GLU A 15 -7.57 1.21 7.78
N TYR A 16 -6.59 1.10 6.88
CA TYR A 16 -5.24 1.60 7.11
C TYR A 16 -5.27 3.12 7.31
N PHE A 17 -6.13 3.79 6.54
CA PHE A 17 -6.30 5.25 6.61
C PHE A 17 -6.58 5.70 8.04
N GLU A 18 -7.51 4.99 8.70
CA GLU A 18 -7.98 5.35 10.04
C GLU A 18 -6.87 5.28 11.10
N ARG A 19 -5.83 4.48 10.85
CA ARG A 19 -4.79 4.30 11.86
C ARG A 19 -3.55 5.13 11.57
N MET A 20 -3.11 5.15 10.32
CA MET A 20 -1.84 5.80 9.98
C MET A 20 -2.03 7.26 9.56
N ILE A 21 -3.20 7.57 9.03
CA ILE A 21 -3.46 8.90 8.49
C ILE A 21 -4.34 9.71 9.45
N ALA A 22 -4.52 9.17 10.65
CA ALA A 22 -5.24 9.88 11.69
C ALA A 22 -4.28 10.45 12.72
N GLY A 23 -3.52 11.46 12.30
CA GLY A 23 -2.55 12.07 13.18
C GLY A 23 -1.36 12.62 12.41
N ARG A 24 -1.36 13.93 12.20
CA ARG A 24 -0.30 14.62 11.47
C ARG A 24 -0.25 14.14 10.03
N TRP A 25 -1.20 14.60 9.23
CA TRP A 25 -1.28 14.19 7.83
C TRP A 25 -1.38 15.43 6.93
N LYS A 26 -2.24 16.38 7.30
CA LYS A 26 -2.27 17.72 6.71
C LYS A 26 -2.72 17.74 5.23
N HIS A 27 -2.74 16.59 4.58
CA HIS A 27 -3.21 16.51 3.20
C HIS A 27 -3.94 15.19 2.95
N PRO A 28 -5.22 15.16 3.34
CA PRO A 28 -6.04 13.94 3.26
C PRO A 28 -6.32 13.54 1.82
N ASN A 29 -6.64 14.53 0.99
CA ASN A 29 -6.99 14.28 -0.41
C ASN A 29 -5.77 13.79 -1.19
N ILE A 30 -4.59 14.23 -0.80
CA ILE A 30 -3.37 13.83 -1.47
C ILE A 30 -3.10 12.34 -1.26
N VAL A 31 -3.14 11.91 -0.01
CA VAL A 31 -2.89 10.50 0.31
C VAL A 31 -4.09 9.64 -0.12
N ARG A 32 -5.27 10.24 -0.13
CA ARG A 32 -6.47 9.56 -0.62
C ARG A 32 -6.32 9.26 -2.10
N SER A 33 -5.81 10.23 -2.86
CA SER A 33 -5.57 10.03 -4.27
C SER A 33 -4.57 8.89 -4.48
N ARG A 34 -3.61 8.78 -3.58
CA ARG A 34 -2.67 7.68 -3.60
C ARG A 34 -3.38 6.36 -3.39
N ILE A 35 -4.11 6.26 -2.30
CA ILE A 35 -4.82 5.02 -1.95
C ILE A 35 -5.83 4.62 -3.04
N GLU A 36 -6.60 5.59 -3.51
CA GLU A 36 -7.70 5.31 -4.42
C GLU A 36 -7.24 5.11 -5.86
N LYS A 37 -6.13 5.73 -6.23
CA LYS A 37 -5.66 5.68 -7.60
C LYS A 37 -4.38 4.85 -7.76
N ASP A 38 -3.39 5.10 -6.90
CA ASP A 38 -2.10 4.42 -7.00
C ASP A 38 -2.12 3.06 -6.33
N ILE A 39 -2.44 3.04 -5.04
CA ILE A 39 -2.47 1.80 -4.26
C ILE A 39 -3.49 0.82 -4.81
N LYS A 40 -4.70 1.30 -5.05
CA LYS A 40 -5.76 0.50 -5.60
C LYS A 40 -6.10 0.96 -7.03
N PRO A 41 -5.33 0.49 -8.03
CA PRO A 41 -5.52 0.89 -9.41
C PRO A 41 -6.49 -0.01 -10.17
N ALA A 42 -6.21 -1.32 -10.19
CA ALA A 42 -7.03 -2.26 -10.92
C ALA A 42 -7.34 -3.50 -10.10
N ILE A 43 -6.45 -3.83 -9.18
CA ILE A 43 -6.61 -4.99 -8.31
C ILE A 43 -7.47 -4.65 -7.09
N GLY A 44 -8.33 -3.65 -7.24
CA GLY A 44 -9.16 -3.20 -6.15
C GLY A 44 -10.19 -4.25 -5.75
N SER A 45 -10.22 -4.55 -4.47
CA SER A 45 -11.20 -5.48 -3.90
C SER A 45 -10.94 -6.91 -4.36
N LEU A 46 -9.76 -7.18 -4.90
CA LEU A 46 -9.39 -8.52 -5.32
C LEU A 46 -8.75 -9.27 -4.15
N LYS A 47 -9.52 -9.43 -3.07
CA LYS A 47 -9.07 -10.09 -1.84
C LYS A 47 -7.79 -9.50 -1.25
N VAL A 48 -7.50 -9.89 -0.02
CA VAL A 48 -6.18 -9.67 0.56
C VAL A 48 -5.28 -10.83 0.15
N GLU A 49 -5.91 -11.99 -0.03
CA GLU A 49 -5.20 -13.22 -0.32
C GLU A 49 -4.87 -13.35 -1.81
N ASP A 50 -5.66 -12.69 -2.65
CA ASP A 50 -5.50 -12.83 -4.10
C ASP A 50 -4.44 -11.89 -4.65
N VAL A 51 -4.12 -10.84 -3.92
CA VAL A 51 -3.10 -9.91 -4.37
C VAL A 51 -1.70 -10.53 -4.22
N LYS A 52 -1.25 -11.16 -5.29
CA LYS A 52 0.07 -11.78 -5.31
C LYS A 52 1.08 -10.81 -5.94
N PRO A 53 2.39 -11.00 -5.67
CA PRO A 53 3.44 -10.08 -6.15
C PRO A 53 3.42 -9.89 -7.66
N ARG A 54 2.90 -10.88 -8.37
CA ARG A 54 2.78 -10.82 -9.82
C ARG A 54 1.90 -9.64 -10.24
N HIS A 55 0.80 -9.45 -9.52
CA HIS A 55 -0.15 -8.38 -9.84
C HIS A 55 0.50 -7.02 -9.67
N ILE A 56 1.33 -6.92 -8.65
CA ILE A 56 1.97 -5.66 -8.28
C ILE A 56 2.83 -5.12 -9.42
N ASP A 57 3.56 -6.01 -10.09
CA ASP A 57 4.46 -5.60 -11.16
C ASP A 57 3.68 -5.00 -12.32
N ASP A 58 2.53 -5.61 -12.63
CA ASP A 58 1.72 -5.17 -13.75
C ASP A 58 1.02 -3.86 -13.44
N VAL A 59 0.49 -3.73 -12.23
CA VAL A 59 -0.22 -2.51 -11.83
C VAL A 59 0.75 -1.35 -11.68
N LEU A 60 1.96 -1.60 -11.18
CA LEU A 60 2.98 -0.57 -11.08
C LEU A 60 3.39 -0.12 -12.47
N LYS A 61 3.53 -1.08 -13.39
CA LYS A 61 3.88 -0.79 -14.76
C LYS A 61 2.86 0.16 -15.37
N ALA A 62 1.60 -0.02 -15.00
CA ALA A 62 0.52 0.82 -15.49
C ALA A 62 0.60 2.22 -14.88
N VAL A 63 0.79 2.30 -13.56
CA VAL A 63 0.84 3.59 -12.88
C VAL A 63 2.12 4.35 -13.23
N MET A 64 3.14 3.62 -13.68
CA MET A 64 4.39 4.24 -14.12
C MET A 64 4.25 4.86 -15.50
N LYS A 65 3.69 4.08 -16.44
CA LYS A 65 3.62 4.51 -17.84
C LYS A 65 2.80 5.79 -17.98
N ARG A 66 1.72 5.89 -17.24
CA ARG A 66 0.87 7.07 -17.28
C ARG A 66 1.15 7.99 -16.09
N GLY A 67 2.24 7.73 -15.39
CA GLY A 67 2.61 8.54 -14.26
C GLY A 67 4.11 8.63 -14.08
N ALA A 68 4.60 8.13 -12.96
CA ALA A 68 6.01 8.17 -12.65
C ALA A 68 6.40 7.02 -11.74
N PRO A 69 7.60 6.47 -11.93
CA PRO A 69 8.10 5.36 -11.12
C PRO A 69 8.35 5.78 -9.68
N SER A 70 8.63 7.07 -9.49
CA SER A 70 8.87 7.62 -8.16
C SER A 70 7.59 7.61 -7.31
N ILE A 71 6.45 7.55 -7.98
CA ILE A 71 5.18 7.39 -7.27
C ILE A 71 5.00 5.94 -6.83
N ALA A 72 5.32 5.03 -7.73
CA ALA A 72 5.04 3.61 -7.54
C ALA A 72 5.79 3.01 -6.35
N ASN A 73 7.04 3.39 -6.16
CA ASN A 73 7.82 2.84 -5.04
C ASN A 73 7.33 3.40 -3.71
N ASP A 74 6.73 4.58 -3.74
CA ASP A 74 6.11 5.16 -2.56
C ASP A 74 4.82 4.41 -2.25
N THR A 75 4.12 4.00 -3.30
CA THR A 75 2.96 3.14 -3.17
C THR A 75 3.34 1.82 -2.48
N LEU A 76 4.50 1.28 -2.87
CA LEU A 76 4.97 0.02 -2.34
C LEU A 76 5.20 0.06 -0.83
N ARG A 77 5.73 1.16 -0.32
CA ARG A 77 6.04 1.26 1.11
C ARG A 77 4.77 1.26 1.94
N TRP A 78 3.70 1.87 1.43
CA TRP A 78 2.41 1.82 2.09
C TRP A 78 1.90 0.38 2.13
N LEU A 79 1.99 -0.28 0.98
CA LEU A 79 1.53 -1.66 0.84
C LEU A 79 2.31 -2.62 1.73
N LYS A 80 3.62 -2.46 1.75
CA LYS A 80 4.50 -3.35 2.48
C LYS A 80 4.15 -3.36 3.97
N ARG A 81 3.81 -2.18 4.49
CA ARG A 81 3.37 -2.07 5.89
C ARG A 81 1.97 -2.65 6.05
N MET A 82 1.11 -2.31 5.08
CA MET A 82 -0.30 -2.69 5.12
C MET A 82 -0.48 -4.20 5.15
N PHE A 83 0.16 -4.90 4.22
CA PHE A 83 0.05 -6.35 4.13
C PHE A 83 0.72 -7.02 5.31
N ASN A 84 1.81 -6.43 5.79
CA ASN A 84 2.52 -6.97 6.96
C ASN A 84 1.62 -6.92 8.19
N TYR A 85 0.75 -5.92 8.25
CA TYR A 85 -0.23 -5.81 9.33
C TYR A 85 -1.21 -6.98 9.27
N ALA A 86 -1.68 -7.29 8.07
CA ALA A 86 -2.61 -8.40 7.89
C ALA A 86 -1.92 -9.74 8.20
N ILE A 87 -0.62 -9.79 8.01
CA ILE A 87 0.16 -10.97 8.33
C ILE A 87 0.30 -11.14 9.84
N LYS A 88 0.67 -10.05 10.53
CA LYS A 88 0.91 -10.12 11.96
C LYS A 88 -0.36 -10.42 12.74
N ARG A 89 -1.51 -9.97 12.24
CA ARG A 89 -2.79 -10.27 12.88
C ARG A 89 -3.37 -11.58 12.33
N HIS A 90 -2.56 -12.26 11.54
CA HIS A 90 -2.84 -13.61 11.05
C HIS A 90 -4.06 -13.67 10.13
N ILE A 91 -3.88 -13.21 8.90
CA ILE A 91 -4.83 -13.45 7.82
C ILE A 91 -4.08 -14.06 6.64
N ILE A 92 -3.15 -13.29 6.09
CA ILE A 92 -2.30 -13.78 5.02
C ILE A 92 -0.90 -14.07 5.56
N GLU A 93 -0.09 -14.72 4.75
CA GLU A 93 1.27 -15.04 5.15
C GLU A 93 2.27 -14.53 4.11
N TYR A 94 1.74 -14.07 2.98
CA TYR A 94 2.59 -13.56 1.90
C TYR A 94 2.45 -12.04 1.80
N ASN A 95 3.61 -11.37 1.81
CA ASN A 95 3.67 -9.94 1.64
C ASN A 95 4.07 -9.60 0.21
N PRO A 96 3.09 -9.43 -0.70
CA PRO A 96 3.34 -9.20 -2.13
C PRO A 96 4.24 -7.99 -2.40
N ALA A 97 4.25 -7.03 -1.49
CA ALA A 97 5.03 -5.82 -1.66
C ALA A 97 6.46 -6.01 -1.19
N ALA A 98 6.70 -7.04 -0.39
CA ALA A 98 8.02 -7.33 0.14
C ALA A 98 8.90 -7.98 -0.91
N ALA A 99 8.27 -8.41 -2.00
CA ALA A 99 8.99 -9.03 -3.11
C ALA A 99 9.70 -7.96 -3.93
N PHE A 100 9.37 -6.70 -3.66
CA PHE A 100 9.99 -5.57 -4.33
C PHE A 100 10.77 -4.75 -3.31
N ASP A 101 11.41 -3.69 -3.77
CA ASP A 101 12.14 -2.80 -2.88
C ASP A 101 11.50 -1.43 -2.84
N PRO A 102 10.63 -1.19 -1.85
CA PRO A 102 9.97 0.10 -1.64
C PRO A 102 10.90 1.12 -0.99
N GLY A 103 11.97 0.63 -0.38
CA GLY A 103 12.90 1.49 0.33
C GLY A 103 12.31 2.01 1.63
N ASP A 104 11.56 1.15 2.30
CA ASP A 104 10.92 1.53 3.54
C ASP A 104 11.54 0.78 4.72
N ALA A 105 12.59 1.37 5.27
CA ALA A 105 13.30 0.75 6.39
C ALA A 105 13.92 1.84 7.26
N GLY A 106 13.29 3.00 7.27
CA GLY A 106 13.79 4.12 8.04
C GLY A 106 13.65 3.90 9.53
N GLY A 107 14.48 4.57 10.30
CA GLY A 107 14.46 4.42 11.74
C GLY A 107 13.53 5.44 12.38
N LYS A 108 12.96 6.31 11.56
CA LYS A 108 12.01 7.29 12.01
C LYS A 108 10.68 6.60 12.28
N LEU A 109 10.33 6.49 13.55
CA LEU A 109 9.14 5.77 13.96
C LEU A 109 8.73 6.20 15.36
N GLU A 110 9.10 7.44 15.71
CA GLU A 110 8.82 7.98 17.04
C GLU A 110 7.31 8.03 17.26
N HIS A 111 6.86 7.31 18.27
CA HIS A 111 5.45 7.25 18.61
C HIS A 111 5.24 7.74 20.03
N HIS A 112 4.83 8.99 20.16
CA HIS A 112 4.67 9.64 21.46
C HIS A 112 3.63 8.90 22.31
N HIS A 113 2.39 8.93 21.85
CA HIS A 113 1.30 8.24 22.54
C HIS A 113 0.35 7.64 21.51
N HIS A 114 -0.37 6.60 21.92
CA HIS A 114 -1.36 5.97 21.04
C HIS A 114 -2.42 6.97 20.61
N HIS A 115 -2.42 7.29 19.33
CA HIS A 115 -3.38 8.26 18.79
C HIS A 115 -4.62 7.53 18.28
N HIS A 116 -5.76 8.17 18.38
CA HIS A 116 -7.03 7.57 17.94
C HIS A 116 -8.02 8.66 17.56
N MET A 1 -14.41 -3.11 9.78
CA MET A 1 -15.49 -3.17 8.76
C MET A 1 -15.19 -4.29 7.75
N ALA A 2 -14.33 -5.22 8.12
CA ALA A 2 -13.94 -6.31 7.24
C ALA A 2 -14.71 -7.58 7.60
N GLU A 3 -15.66 -7.43 8.51
CA GLU A 3 -16.41 -8.56 9.05
C GLU A 3 -17.44 -9.06 8.04
N LYS A 4 -17.43 -8.45 6.86
CA LYS A 4 -18.33 -8.83 5.79
C LYS A 4 -17.95 -10.21 5.25
N ASN A 5 -16.67 -10.54 5.39
CA ASN A 5 -16.13 -11.84 4.98
C ASN A 5 -14.72 -11.98 5.51
N ALA A 6 -13.83 -11.15 4.99
CA ALA A 6 -12.45 -11.10 5.43
C ALA A 6 -11.88 -9.73 5.12
N TYR A 7 -10.68 -9.45 5.59
CA TYR A 7 -10.03 -8.19 5.30
C TYR A 7 -9.56 -8.14 3.85
N THR A 8 -10.48 -7.75 2.97
CA THR A 8 -10.18 -7.60 1.55
C THR A 8 -9.25 -6.41 1.34
N VAL A 9 -8.42 -6.45 0.30
CA VAL A 9 -7.42 -5.40 0.07
C VAL A 9 -8.08 -4.02 -0.05
N ALA A 10 -9.21 -3.94 -0.75
CA ALA A 10 -9.94 -2.68 -0.90
C ALA A 10 -10.41 -2.16 0.46
N GLN A 11 -10.79 -3.08 1.33
CA GLN A 11 -11.31 -2.73 2.64
C GLN A 11 -10.17 -2.40 3.60
N LEU A 12 -9.10 -3.16 3.50
CA LEU A 12 -7.94 -3.00 4.38
C LEU A 12 -7.32 -1.63 4.19
N ALA A 13 -7.00 -1.31 2.94
CA ALA A 13 -6.36 -0.04 2.62
C ALA A 13 -7.27 1.14 2.97
N ASP A 14 -8.57 0.96 2.73
CA ASP A 14 -9.53 2.04 2.94
C ASP A 14 -9.66 2.35 4.43
N GLU A 15 -9.75 1.30 5.24
CA GLU A 15 -9.88 1.46 6.69
C GLU A 15 -8.54 1.90 7.28
N TYR A 16 -7.46 1.48 6.64
CA TYR A 16 -6.09 1.83 7.05
C TYR A 16 -5.91 3.35 7.07
N PHE A 17 -6.57 4.02 6.13
CA PHE A 17 -6.53 5.47 6.02
C PHE A 17 -6.93 6.13 7.34
N GLU A 18 -8.01 5.64 7.93
CA GLU A 18 -8.57 6.20 9.15
C GLU A 18 -7.62 6.01 10.34
N ARG A 19 -6.72 5.05 10.23
CA ARG A 19 -5.86 4.69 11.35
C ARG A 19 -4.59 5.52 11.35
N MET A 20 -3.81 5.43 10.28
CA MET A 20 -2.48 6.03 10.24
C MET A 20 -2.50 7.49 9.80
N ILE A 21 -3.61 7.93 9.21
CA ILE A 21 -3.71 9.28 8.68
C ILE A 21 -4.67 10.12 9.53
N ALA A 22 -4.80 9.74 10.80
CA ALA A 22 -5.58 10.50 11.75
C ALA A 22 -4.66 11.06 12.84
N GLY A 23 -4.76 12.36 13.08
CA GLY A 23 -3.91 13.00 14.06
C GLY A 23 -3.41 14.36 13.59
N ARG A 24 -2.33 14.34 12.82
CA ARG A 24 -1.77 15.55 12.27
C ARG A 24 -1.12 15.22 10.92
N TRP A 25 -1.78 15.60 9.84
CA TRP A 25 -1.33 15.23 8.51
C TRP A 25 -1.45 16.41 7.54
N LYS A 26 -2.59 17.11 7.58
CA LYS A 26 -2.90 18.19 6.63
C LYS A 26 -3.00 17.67 5.20
N HIS A 27 -4.18 17.88 4.60
CA HIS A 27 -4.47 17.43 3.23
C HIS A 27 -4.56 15.90 3.16
N PRO A 28 -5.72 15.34 3.53
CA PRO A 28 -5.93 13.89 3.52
C PRO A 28 -6.12 13.35 2.11
N ASN A 29 -6.56 14.23 1.21
CA ASN A 29 -6.91 13.85 -0.16
C ASN A 29 -5.68 13.43 -0.97
N ILE A 30 -4.57 14.10 -0.73
CA ILE A 30 -3.34 13.83 -1.46
C ILE A 30 -2.87 12.39 -1.23
N VAL A 31 -2.85 11.98 0.04
CA VAL A 31 -2.45 10.63 0.39
C VAL A 31 -3.60 9.64 0.13
N ARG A 32 -4.83 10.14 0.19
CA ARG A 32 -6.00 9.31 -0.09
C ARG A 32 -5.95 8.78 -1.51
N SER A 33 -5.50 9.62 -2.44
CA SER A 33 -5.38 9.22 -3.85
C SER A 33 -4.46 8.01 -4.00
N ARG A 34 -3.40 7.96 -3.20
CA ARG A 34 -2.51 6.80 -3.20
C ARG A 34 -3.28 5.55 -2.81
N ILE A 35 -4.12 5.69 -1.79
CA ILE A 35 -4.84 4.55 -1.25
C ILE A 35 -5.97 4.08 -2.16
N GLU A 36 -6.83 4.99 -2.57
CA GLU A 36 -8.03 4.59 -3.31
C GLU A 36 -7.77 4.39 -4.80
N LYS A 37 -6.69 4.94 -5.32
CA LYS A 37 -6.38 4.83 -6.73
C LYS A 37 -5.18 3.91 -6.98
N ASP A 38 -4.06 4.20 -6.33
CA ASP A 38 -2.83 3.45 -6.60
C ASP A 38 -2.86 2.07 -5.91
N ILE A 39 -3.25 2.05 -4.64
CA ILE A 39 -3.33 0.81 -3.89
C ILE A 39 -4.50 -0.04 -4.37
N LYS A 40 -5.59 0.63 -4.78
CA LYS A 40 -6.75 -0.08 -5.32
C LYS A 40 -6.97 0.28 -6.79
N PRO A 41 -6.18 -0.29 -7.71
CA PRO A 41 -6.31 -0.01 -9.14
C PRO A 41 -7.59 -0.62 -9.72
N ALA A 42 -7.75 -1.91 -9.50
CA ALA A 42 -8.92 -2.64 -9.98
C ALA A 42 -9.12 -3.87 -9.10
N ILE A 43 -8.00 -4.52 -8.80
CA ILE A 43 -7.94 -5.62 -7.86
C ILE A 43 -8.32 -5.14 -6.45
N GLY A 44 -9.62 -5.06 -6.20
CA GLY A 44 -10.09 -4.57 -4.92
C GLY A 44 -10.80 -5.65 -4.13
N SER A 45 -11.65 -6.40 -4.80
CA SER A 45 -12.40 -7.47 -4.16
C SER A 45 -11.71 -8.81 -4.37
N LEU A 46 -10.44 -8.74 -4.78
CA LEU A 46 -9.65 -9.93 -5.04
C LEU A 46 -8.78 -10.27 -3.82
N LYS A 47 -9.28 -9.88 -2.65
CA LYS A 47 -8.61 -10.09 -1.36
C LYS A 47 -7.15 -9.63 -1.36
N VAL A 48 -6.52 -9.75 -0.19
CA VAL A 48 -5.08 -9.56 -0.08
C VAL A 48 -4.37 -10.86 -0.42
N GLU A 49 -5.08 -11.95 -0.26
CA GLU A 49 -4.55 -13.28 -0.47
C GLU A 49 -4.53 -13.67 -1.95
N ASP A 50 -5.47 -13.10 -2.70
CA ASP A 50 -5.61 -13.44 -4.12
C ASP A 50 -4.86 -12.46 -5.01
N VAL A 51 -4.47 -11.32 -4.45
CA VAL A 51 -3.66 -10.37 -5.20
C VAL A 51 -2.20 -10.85 -5.22
N LYS A 52 -1.92 -11.74 -6.16
CA LYS A 52 -0.59 -12.32 -6.33
C LYS A 52 0.38 -11.27 -6.87
N PRO A 53 1.69 -11.48 -6.66
CA PRO A 53 2.74 -10.59 -7.17
C PRO A 53 2.62 -10.34 -8.68
N ARG A 54 2.07 -11.32 -9.40
CA ARG A 54 1.85 -11.18 -10.84
C ARG A 54 0.96 -9.98 -11.15
N HIS A 55 0.03 -9.68 -10.25
CA HIS A 55 -0.87 -8.54 -10.43
C HIS A 55 -0.12 -7.26 -10.12
N ILE A 56 0.75 -7.35 -9.12
CA ILE A 56 1.55 -6.22 -8.68
C ILE A 56 2.51 -5.78 -9.79
N ASP A 57 3.08 -6.73 -10.49
CA ASP A 57 4.01 -6.44 -11.59
C ASP A 57 3.31 -5.61 -12.66
N ASP A 58 2.05 -5.94 -12.91
CA ASP A 58 1.27 -5.26 -13.93
C ASP A 58 0.93 -3.83 -13.49
N VAL A 59 0.47 -3.68 -12.25
CA VAL A 59 0.06 -2.37 -11.75
C VAL A 59 1.27 -1.48 -11.49
N LEU A 60 2.40 -2.07 -11.11
CA LEU A 60 3.64 -1.32 -10.90
C LEU A 60 4.08 -0.66 -12.20
N LYS A 61 4.08 -1.43 -13.28
CA LYS A 61 4.45 -0.92 -14.57
C LYS A 61 3.53 0.22 -14.97
N ALA A 62 2.24 0.04 -14.69
CA ALA A 62 1.22 1.04 -15.02
C ALA A 62 1.42 2.33 -14.23
N VAL A 63 1.63 2.21 -12.92
CA VAL A 63 1.78 3.39 -12.06
C VAL A 63 3.08 4.13 -12.37
N MET A 64 4.08 3.40 -12.84
CA MET A 64 5.34 4.02 -13.26
C MET A 64 5.17 4.69 -14.62
N LYS A 65 4.32 4.09 -15.45
CA LYS A 65 4.06 4.59 -16.78
C LYS A 65 3.29 5.91 -16.72
N ARG A 66 1.99 5.83 -16.47
CA ARG A 66 1.12 7.02 -16.44
C ARG A 66 1.56 7.97 -15.33
N GLY A 67 2.12 7.43 -14.26
CA GLY A 67 2.59 8.25 -13.17
C GLY A 67 4.09 8.45 -13.23
N ALA A 68 4.79 7.73 -12.37
CA ALA A 68 6.25 7.84 -12.29
C ALA A 68 6.79 6.79 -11.33
N PRO A 69 7.98 6.24 -11.63
CA PRO A 69 8.66 5.31 -10.72
C PRO A 69 8.97 5.96 -9.38
N SER A 70 9.17 7.28 -9.42
CA SER A 70 9.48 8.07 -8.24
C SER A 70 8.44 7.88 -7.15
N ILE A 71 7.17 8.06 -7.51
CA ILE A 71 6.08 7.91 -6.55
C ILE A 71 5.82 6.43 -6.26
N ALA A 72 6.06 5.57 -7.26
CA ALA A 72 5.86 4.14 -7.12
C ALA A 72 6.73 3.57 -6.00
N ASN A 73 7.92 4.12 -5.84
CA ASN A 73 8.84 3.71 -4.76
C ASN A 73 8.18 3.94 -3.41
N ASP A 74 7.52 5.08 -3.27
CA ASP A 74 6.83 5.43 -2.02
C ASP A 74 5.57 4.59 -1.86
N THR A 75 4.92 4.29 -2.99
CA THR A 75 3.76 3.40 -2.98
C THR A 75 4.12 2.05 -2.39
N LEU A 76 5.35 1.61 -2.65
CA LEU A 76 5.85 0.35 -2.09
C LEU A 76 5.90 0.42 -0.57
N ARG A 77 6.15 1.62 -0.03
CA ARG A 77 6.15 1.82 1.41
C ARG A 77 4.74 1.61 1.97
N TRP A 78 3.76 2.20 1.30
CA TRP A 78 2.37 2.07 1.71
C TRP A 78 1.91 0.63 1.61
N LEU A 79 2.30 -0.04 0.54
CA LEU A 79 2.05 -1.46 0.38
C LEU A 79 2.67 -2.23 1.53
N LYS A 80 3.96 -1.97 1.78
CA LYS A 80 4.70 -2.62 2.84
C LYS A 80 3.99 -2.52 4.19
N ARG A 81 3.77 -1.30 4.63
CA ARG A 81 3.16 -1.06 5.94
C ARG A 81 1.72 -1.58 6.01
N MET A 82 1.02 -1.59 4.88
CA MET A 82 -0.35 -2.08 4.83
C MET A 82 -0.36 -3.61 4.93
N PHE A 83 0.47 -4.26 4.11
CA PHE A 83 0.59 -5.72 4.16
C PHE A 83 1.16 -6.17 5.49
N ASN A 84 2.06 -5.35 6.05
CA ASN A 84 2.64 -5.64 7.36
C ASN A 84 1.55 -5.74 8.42
N TYR A 85 0.58 -4.85 8.35
CA TYR A 85 -0.52 -4.85 9.29
C TYR A 85 -1.36 -6.12 9.15
N ALA A 86 -1.47 -6.61 7.92
CA ALA A 86 -2.22 -7.82 7.65
C ALA A 86 -1.45 -9.05 8.11
N ILE A 87 -0.13 -9.04 7.94
CA ILE A 87 0.71 -10.14 8.40
C ILE A 87 0.75 -10.17 9.93
N LYS A 88 0.83 -9.00 10.53
CA LYS A 88 0.80 -8.85 11.97
C LYS A 88 -0.54 -9.31 12.55
N ARG A 89 -1.61 -9.04 11.82
CA ARG A 89 -2.95 -9.49 12.20
C ARG A 89 -3.16 -10.95 11.77
N HIS A 90 -2.12 -11.52 11.14
CA HIS A 90 -2.11 -12.91 10.67
C HIS A 90 -3.27 -13.20 9.71
N ILE A 91 -3.53 -12.24 8.82
CA ILE A 91 -4.54 -12.40 7.80
C ILE A 91 -3.95 -13.09 6.59
N ILE A 92 -2.83 -12.57 6.14
CA ILE A 92 -2.11 -13.13 5.00
C ILE A 92 -0.61 -13.16 5.28
N GLU A 93 0.09 -14.10 4.69
CA GLU A 93 1.53 -14.20 4.85
C GLU A 93 2.22 -14.17 3.50
N TYR A 94 1.52 -13.66 2.49
CA TYR A 94 2.06 -13.55 1.15
C TYR A 94 3.00 -12.38 1.00
N ASN A 95 2.48 -11.17 1.26
CA ASN A 95 3.20 -9.92 1.01
C ASN A 95 3.59 -9.83 -0.45
N PRO A 96 2.62 -9.50 -1.33
CA PRO A 96 2.82 -9.47 -2.79
C PRO A 96 3.81 -8.39 -3.23
N ALA A 97 4.13 -7.49 -2.30
CA ALA A 97 5.07 -6.42 -2.58
C ALA A 97 6.52 -6.92 -2.51
N ALA A 98 6.67 -8.20 -2.21
CA ALA A 98 7.99 -8.82 -2.14
C ALA A 98 8.67 -8.85 -3.50
N ALA A 99 7.88 -8.66 -4.56
CA ALA A 99 8.42 -8.62 -5.92
C ALA A 99 9.43 -7.48 -6.06
N PHE A 100 9.12 -6.35 -5.42
CA PHE A 100 10.02 -5.21 -5.38
C PHE A 100 9.98 -4.59 -4.00
N ASP A 101 10.65 -5.24 -3.06
CA ASP A 101 10.63 -4.79 -1.68
C ASP A 101 11.69 -3.71 -1.47
N PRO A 102 11.24 -2.48 -1.18
CA PRO A 102 12.13 -1.31 -1.08
C PRO A 102 13.21 -1.45 -0.01
N GLY A 103 12.82 -1.90 1.18
CA GLY A 103 13.75 -1.98 2.28
C GLY A 103 13.94 -0.63 2.95
N ASP A 104 13.00 0.27 2.69
CA ASP A 104 13.06 1.63 3.24
C ASP A 104 11.65 2.13 3.51
N ALA A 105 11.18 1.93 4.73
CA ALA A 105 9.81 2.30 5.09
C ALA A 105 9.76 3.68 5.75
N GLY A 106 10.92 4.30 5.90
CA GLY A 106 10.98 5.63 6.48
C GLY A 106 11.26 5.57 7.97
N GLY A 107 10.32 5.04 8.73
CA GLY A 107 10.49 4.96 10.16
C GLY A 107 9.28 5.46 10.91
N LYS A 108 8.17 4.75 10.76
CA LYS A 108 6.93 5.14 11.42
C LYS A 108 6.97 4.88 12.92
N LEU A 109 6.30 5.75 13.65
CA LEU A 109 6.17 5.64 15.09
C LEU A 109 5.04 6.55 15.53
N GLU A 110 4.33 6.19 16.59
CA GLU A 110 3.23 7.00 17.05
C GLU A 110 3.46 7.51 18.47
N HIS A 111 3.41 8.83 18.59
CA HIS A 111 3.46 9.52 19.85
C HIS A 111 2.96 10.93 19.59
N HIS A 112 2.12 11.44 20.49
CA HIS A 112 1.29 12.62 20.23
C HIS A 112 0.15 12.21 19.29
N HIS A 113 -0.95 12.92 19.33
CA HIS A 113 -2.04 12.63 18.41
C HIS A 113 -2.92 13.85 18.20
N HIS A 114 -3.68 14.22 19.23
CA HIS A 114 -4.62 15.33 19.16
C HIS A 114 -5.73 15.05 18.15
N HIS A 115 -6.78 15.87 18.16
CA HIS A 115 -7.90 15.71 17.23
C HIS A 115 -8.55 14.35 17.42
N HIS A 116 -9.16 13.81 16.37
CA HIS A 116 -9.78 12.49 16.44
C HIS A 116 -9.23 11.56 15.38
N MET A 1 -17.61 -12.13 10.33
CA MET A 1 -17.17 -11.12 11.30
C MET A 1 -15.72 -10.74 11.02
N ALA A 2 -15.38 -10.64 9.74
CA ALA A 2 -13.99 -10.48 9.31
C ALA A 2 -13.18 -11.68 9.77
N GLU A 3 -11.85 -11.56 9.73
CA GLU A 3 -10.94 -12.59 10.26
C GLU A 3 -10.88 -13.83 9.35
N LYS A 4 -12.04 -14.34 8.96
CA LYS A 4 -12.12 -15.59 8.21
C LYS A 4 -12.09 -15.31 6.71
N ASN A 5 -13.07 -14.56 6.22
CA ASN A 5 -13.20 -14.33 4.79
C ASN A 5 -13.44 -12.87 4.45
N ALA A 6 -14.36 -12.23 5.17
CA ALA A 6 -14.74 -10.86 4.87
C ALA A 6 -13.64 -9.88 5.24
N TYR A 7 -12.73 -9.67 4.30
CA TYR A 7 -11.66 -8.70 4.45
C TYR A 7 -10.92 -8.51 3.13
N THR A 8 -11.27 -7.46 2.42
CA THR A 8 -10.65 -7.17 1.13
C THR A 8 -9.52 -6.15 1.31
N VAL A 9 -8.81 -5.85 0.23
CA VAL A 9 -7.74 -4.87 0.27
C VAL A 9 -8.29 -3.48 0.64
N ALA A 10 -9.51 -3.20 0.20
CA ALA A 10 -10.18 -1.95 0.54
C ALA A 10 -10.37 -1.82 2.05
N GLN A 11 -10.83 -2.90 2.67
CA GLN A 11 -11.05 -2.91 4.12
C GLN A 11 -9.72 -2.79 4.86
N LEU A 12 -8.70 -3.47 4.33
CA LEU A 12 -7.38 -3.44 4.94
C LEU A 12 -6.79 -2.03 4.91
N ALA A 13 -6.76 -1.43 3.73
CA ALA A 13 -6.18 -0.11 3.55
C ALA A 13 -6.93 0.93 4.38
N ASP A 14 -8.25 0.78 4.45
CA ASP A 14 -9.09 1.71 5.19
C ASP A 14 -8.77 1.66 6.68
N GLU A 15 -8.61 0.46 7.21
CA GLU A 15 -8.31 0.29 8.63
C GLU A 15 -6.84 0.61 8.91
N TYR A 16 -6.00 0.42 7.91
CA TYR A 16 -4.59 0.76 8.05
C TYR A 16 -4.39 2.28 8.06
N PHE A 17 -5.03 2.99 7.13
CA PHE A 17 -4.79 4.42 6.98
C PHE A 17 -5.39 5.21 8.15
N GLU A 18 -6.48 4.72 8.74
CA GLU A 18 -7.11 5.40 9.87
C GLU A 18 -6.13 5.50 11.06
N ARG A 19 -5.15 4.62 11.07
CA ARG A 19 -4.15 4.60 12.15
C ARG A 19 -2.92 5.40 11.75
N MET A 20 -2.49 5.22 10.52
CA MET A 20 -1.24 5.80 10.04
C MET A 20 -1.43 7.27 9.61
N ILE A 21 -2.64 7.60 9.18
CA ILE A 21 -2.98 8.95 8.75
C ILE A 21 -3.50 9.78 9.94
N ALA A 22 -3.58 9.14 11.09
CA ALA A 22 -4.09 9.79 12.30
C ALA A 22 -3.08 10.78 12.88
N GLY A 23 -1.83 10.68 12.45
CA GLY A 23 -0.79 11.54 12.95
C GLY A 23 -0.66 12.83 12.15
N ARG A 24 0.41 12.93 11.37
CA ARG A 24 0.65 14.09 10.54
C ARG A 24 0.70 13.69 9.09
N TRP A 25 -0.42 13.86 8.42
CA TRP A 25 -0.55 13.48 7.01
C TRP A 25 -0.55 14.72 6.12
N LYS A 26 -1.32 15.74 6.52
CA LYS A 26 -1.39 17.04 5.84
C LYS A 26 -1.84 16.94 4.38
N HIS A 27 -2.32 15.78 3.98
CA HIS A 27 -2.76 15.55 2.60
C HIS A 27 -3.89 14.53 2.59
N PRO A 28 -5.06 14.89 3.13
CA PRO A 28 -6.16 13.94 3.31
C PRO A 28 -6.76 13.48 1.98
N ASN A 29 -7.05 14.43 1.10
CA ASN A 29 -7.65 14.14 -0.18
C ASN A 29 -6.66 13.45 -1.09
N ILE A 30 -5.40 13.88 -1.01
CA ILE A 30 -4.35 13.35 -1.87
C ILE A 30 -4.19 11.85 -1.67
N VAL A 31 -3.99 11.43 -0.43
CA VAL A 31 -3.76 10.02 -0.14
C VAL A 31 -5.02 9.20 -0.40
N ARG A 32 -6.18 9.76 -0.09
CA ARG A 32 -7.44 9.05 -0.26
C ARG A 32 -7.79 8.89 -1.74
N SER A 33 -7.49 9.91 -2.53
CA SER A 33 -7.72 9.84 -3.96
C SER A 33 -6.72 8.89 -4.61
N ARG A 34 -5.50 8.89 -4.10
CA ARG A 34 -4.46 8.02 -4.63
C ARG A 34 -4.78 6.57 -4.38
N ILE A 35 -5.10 6.23 -3.14
CA ILE A 35 -5.37 4.84 -2.78
C ILE A 35 -6.39 4.21 -3.70
N GLU A 36 -7.55 4.84 -3.83
CA GLU A 36 -8.66 4.25 -4.58
C GLU A 36 -8.43 4.25 -6.09
N LYS A 37 -7.46 5.01 -6.57
CA LYS A 37 -7.16 5.04 -7.99
C LYS A 37 -5.83 4.35 -8.31
N ASP A 38 -4.76 4.86 -7.72
CA ASP A 38 -3.41 4.40 -8.00
C ASP A 38 -3.20 2.97 -7.50
N ILE A 39 -3.78 2.65 -6.34
CA ILE A 39 -3.58 1.35 -5.73
C ILE A 39 -4.70 0.36 -6.12
N LYS A 40 -5.90 0.87 -6.37
CA LYS A 40 -7.03 0.03 -6.77
C LYS A 40 -7.33 0.16 -8.26
N PRO A 41 -6.65 -0.60 -9.14
CA PRO A 41 -6.97 -0.60 -10.56
C PRO A 41 -8.10 -1.57 -10.91
N ALA A 42 -7.92 -2.84 -10.55
CA ALA A 42 -8.93 -3.85 -10.81
C ALA A 42 -8.96 -4.88 -9.69
N ILE A 43 -8.38 -4.52 -8.57
CA ILE A 43 -8.28 -5.43 -7.43
C ILE A 43 -8.95 -4.84 -6.19
N GLY A 44 -9.71 -3.78 -6.38
CA GLY A 44 -10.35 -3.12 -5.24
C GLY A 44 -11.37 -4.00 -4.55
N SER A 45 -12.03 -4.86 -5.31
CA SER A 45 -13.03 -5.76 -4.78
C SER A 45 -12.43 -7.13 -4.51
N LEU A 46 -11.12 -7.18 -4.42
CA LEU A 46 -10.39 -8.43 -4.23
C LEU A 46 -9.83 -8.49 -2.80
N LYS A 47 -9.65 -9.69 -2.28
CA LYS A 47 -9.11 -9.85 -0.92
C LYS A 47 -7.62 -9.59 -0.89
N VAL A 48 -7.07 -9.61 0.31
CA VAL A 48 -5.63 -9.46 0.50
C VAL A 48 -4.94 -10.80 0.23
N GLU A 49 -5.71 -11.86 0.40
CA GLU A 49 -5.22 -13.21 0.14
C GLU A 49 -5.06 -13.42 -1.37
N ASP A 50 -5.71 -12.57 -2.15
CA ASP A 50 -5.72 -12.70 -3.60
C ASP A 50 -4.67 -11.81 -4.26
N VAL A 51 -4.24 -10.76 -3.57
CA VAL A 51 -3.29 -9.82 -4.16
C VAL A 51 -1.88 -10.42 -4.18
N LYS A 52 -1.62 -11.21 -5.21
CA LYS A 52 -0.34 -11.84 -5.41
C LYS A 52 0.60 -10.95 -6.22
N PRO A 53 1.92 -11.22 -6.17
CA PRO A 53 2.96 -10.39 -6.83
C PRO A 53 2.66 -10.05 -8.28
N ARG A 54 1.97 -10.94 -8.99
CA ARG A 54 1.65 -10.70 -10.40
C ARG A 54 0.79 -9.45 -10.59
N HIS A 55 -0.04 -9.14 -9.60
CA HIS A 55 -0.85 -7.94 -9.66
C HIS A 55 0.04 -6.71 -9.43
N ILE A 56 1.03 -6.88 -8.57
CA ILE A 56 1.95 -5.80 -8.20
C ILE A 56 2.82 -5.41 -9.39
N ASP A 57 3.16 -6.38 -10.22
CA ASP A 57 4.01 -6.13 -11.38
C ASP A 57 3.33 -5.21 -12.37
N ASP A 58 2.07 -5.46 -12.64
CA ASP A 58 1.31 -4.64 -13.58
C ASP A 58 1.07 -3.25 -13.02
N VAL A 59 0.70 -3.16 -11.75
CA VAL A 59 0.38 -1.87 -11.14
C VAL A 59 1.62 -0.99 -11.05
N LEU A 60 2.78 -1.59 -10.77
CA LEU A 60 4.03 -0.84 -10.71
C LEU A 60 4.38 -0.27 -12.08
N LYS A 61 4.13 -1.06 -13.11
CA LYS A 61 4.30 -0.62 -14.47
C LYS A 61 3.32 0.51 -14.80
N ALA A 62 2.09 0.36 -14.32
CA ALA A 62 1.05 1.35 -14.54
C ALA A 62 1.36 2.66 -13.81
N VAL A 63 1.73 2.56 -12.54
CA VAL A 63 2.02 3.74 -11.72
C VAL A 63 3.28 4.45 -12.20
N MET A 64 4.19 3.70 -12.81
CA MET A 64 5.41 4.27 -13.35
C MET A 64 5.12 5.09 -14.61
N LYS A 65 4.35 4.50 -15.52
CA LYS A 65 4.06 5.11 -16.80
C LYS A 65 3.11 6.30 -16.67
N ARG A 66 2.17 6.19 -15.74
CA ARG A 66 1.20 7.26 -15.52
C ARG A 66 1.84 8.51 -14.92
N GLY A 67 3.01 8.35 -14.31
CA GLY A 67 3.67 9.47 -13.68
C GLY A 67 5.17 9.40 -13.77
N ALA A 68 5.79 8.73 -12.80
CA ALA A 68 7.24 8.65 -12.72
C ALA A 68 7.65 7.40 -11.95
N PRO A 69 8.88 6.90 -12.17
CA PRO A 69 9.40 5.72 -11.48
C PRO A 69 9.38 5.89 -9.95
N SER A 70 9.57 7.12 -9.49
CA SER A 70 9.57 7.42 -8.06
C SER A 70 8.21 7.10 -7.44
N ILE A 71 7.14 7.22 -8.23
CA ILE A 71 5.80 6.91 -7.76
C ILE A 71 5.69 5.43 -7.44
N ALA A 72 6.19 4.60 -8.35
CA ALA A 72 6.21 3.15 -8.16
C ALA A 72 6.95 2.79 -6.88
N ASN A 73 8.07 3.47 -6.66
CA ASN A 73 8.87 3.28 -5.45
C ASN A 73 8.05 3.63 -4.22
N ASP A 74 7.48 4.82 -4.23
CA ASP A 74 6.68 5.32 -3.11
C ASP A 74 5.48 4.40 -2.85
N THR A 75 4.91 3.83 -3.91
CA THR A 75 3.82 2.87 -3.76
C THR A 75 4.30 1.64 -3.00
N LEU A 76 5.39 1.02 -3.46
CA LEU A 76 5.98 -0.15 -2.79
C LEU A 76 6.31 0.17 -1.34
N ARG A 77 6.89 1.35 -1.16
CA ARG A 77 7.28 1.86 0.15
C ARG A 77 6.12 1.77 1.14
N TRP A 78 4.94 2.15 0.67
CA TRP A 78 3.71 2.12 1.47
C TRP A 78 3.17 0.69 1.60
N LEU A 79 3.17 -0.04 0.48
CA LEU A 79 2.59 -1.38 0.41
C LEU A 79 3.16 -2.33 1.47
N LYS A 80 4.48 -2.32 1.62
CA LYS A 80 5.15 -3.23 2.55
C LYS A 80 4.54 -3.14 3.95
N ARG A 81 4.54 -1.93 4.49
CA ARG A 81 3.93 -1.68 5.80
C ARG A 81 2.46 -2.07 5.83
N MET A 82 1.74 -1.79 4.75
CA MET A 82 0.32 -2.09 4.68
C MET A 82 0.06 -3.60 4.78
N PHE A 83 0.86 -4.39 4.07
CA PHE A 83 0.70 -5.84 4.08
C PHE A 83 0.99 -6.43 5.47
N ASN A 84 1.79 -5.71 6.25
CA ASN A 84 2.12 -6.16 7.61
C ASN A 84 0.85 -6.25 8.45
N TYR A 85 -0.05 -5.29 8.27
CA TYR A 85 -1.30 -5.23 9.01
C TYR A 85 -2.15 -6.45 8.68
N ALA A 86 -2.07 -6.90 7.43
CA ALA A 86 -2.81 -8.05 6.97
C ALA A 86 -2.32 -9.33 7.65
N ILE A 87 -1.00 -9.49 7.72
CA ILE A 87 -0.41 -10.64 8.40
C ILE A 87 -0.79 -10.61 9.87
N LYS A 88 -0.73 -9.40 10.44
CA LYS A 88 -1.12 -9.18 11.82
C LYS A 88 -2.55 -9.65 12.07
N ARG A 89 -3.47 -9.31 11.16
CA ARG A 89 -4.86 -9.73 11.28
C ARG A 89 -5.11 -11.12 10.68
N HIS A 90 -4.03 -11.88 10.47
CA HIS A 90 -4.11 -13.30 10.07
C HIS A 90 -4.66 -13.47 8.66
N ILE A 91 -4.72 -12.39 7.90
CA ILE A 91 -5.31 -12.41 6.57
C ILE A 91 -4.42 -13.18 5.59
N ILE A 92 -3.12 -12.96 5.71
CA ILE A 92 -2.15 -13.59 4.84
C ILE A 92 -0.80 -13.67 5.54
N GLU A 93 0.09 -14.52 5.06
CA GLU A 93 1.42 -14.64 5.64
C GLU A 93 2.48 -14.21 4.63
N TYR A 94 2.03 -13.62 3.53
CA TYR A 94 2.94 -13.26 2.46
C TYR A 94 2.93 -11.75 2.22
N ASN A 95 4.10 -11.20 1.97
CA ASN A 95 4.24 -9.79 1.63
C ASN A 95 4.67 -9.66 0.17
N PRO A 96 3.70 -9.60 -0.76
CA PRO A 96 3.99 -9.57 -2.21
C PRO A 96 4.89 -8.40 -2.60
N ALA A 97 4.88 -7.34 -1.81
CA ALA A 97 5.67 -6.16 -2.11
C ALA A 97 7.01 -6.18 -1.36
N ALA A 98 7.24 -7.22 -0.58
CA ALA A 98 8.49 -7.35 0.18
C ALA A 98 9.62 -7.79 -0.73
N ALA A 99 9.26 -8.42 -1.85
CA ALA A 99 10.24 -8.88 -2.82
C ALA A 99 10.73 -7.70 -3.68
N PHE A 100 10.24 -6.51 -3.34
CA PHE A 100 10.62 -5.30 -4.04
C PHE A 100 11.08 -4.24 -3.06
N ASP A 101 12.11 -3.51 -3.43
CA ASP A 101 12.58 -2.39 -2.62
C ASP A 101 12.85 -1.19 -3.53
N PRO A 102 12.26 -0.04 -3.17
CA PRO A 102 12.31 1.18 -4.00
C PRO A 102 13.73 1.70 -4.22
N GLY A 103 14.53 1.64 -3.17
CA GLY A 103 15.84 2.29 -3.20
C GLY A 103 15.82 3.51 -2.31
N ASP A 104 14.65 4.12 -2.21
CA ASP A 104 14.40 5.19 -1.26
C ASP A 104 13.83 4.59 0.01
N ALA A 105 14.69 4.37 0.98
CA ALA A 105 14.31 3.67 2.20
C ALA A 105 13.55 4.57 3.15
N GLY A 106 13.01 3.99 4.21
CA GLY A 106 12.28 4.75 5.19
C GLY A 106 13.02 4.82 6.50
N GLY A 107 13.68 5.93 6.75
CA GLY A 107 14.44 6.09 7.97
C GLY A 107 13.64 6.79 9.04
N LYS A 108 12.34 6.87 8.80
CA LYS A 108 11.42 7.49 9.75
C LYS A 108 11.12 6.55 10.90
N LEU A 109 10.95 7.12 12.08
CA LEU A 109 10.73 6.35 13.28
C LEU A 109 9.30 6.55 13.77
N GLU A 110 8.57 5.45 13.91
CA GLU A 110 7.21 5.51 14.45
C GLU A 110 7.29 5.73 15.96
N HIS A 111 7.11 6.99 16.37
CA HIS A 111 7.33 7.39 17.75
C HIS A 111 6.36 6.68 18.69
N HIS A 112 5.10 7.09 18.65
CA HIS A 112 4.07 6.46 19.49
C HIS A 112 2.74 6.43 18.75
N HIS A 113 2.11 5.26 18.74
CA HIS A 113 0.77 5.11 18.18
C HIS A 113 -0.21 6.02 18.92
N HIS A 114 -0.94 6.82 18.17
CA HIS A 114 -1.87 7.77 18.75
C HIS A 114 -3.31 7.45 18.36
N HIS A 115 -4.20 8.44 18.49
CA HIS A 115 -5.62 8.31 18.18
C HIS A 115 -6.32 7.50 19.27
N HIS A 116 -5.69 7.46 20.45
CA HIS A 116 -6.26 6.80 21.63
C HIS A 116 -6.53 5.33 21.37
N MET A 1 -15.17 -2.76 13.31
CA MET A 1 -15.70 -4.12 13.56
C MET A 1 -15.48 -4.99 12.33
N ALA A 2 -14.45 -5.84 12.38
CA ALA A 2 -14.13 -6.69 11.23
C ALA A 2 -13.46 -8.00 11.64
N GLU A 3 -13.06 -8.12 12.90
CA GLU A 3 -12.34 -9.32 13.32
C GLU A 3 -13.28 -10.52 13.47
N LYS A 4 -13.39 -11.28 12.38
CA LYS A 4 -14.12 -12.54 12.34
C LYS A 4 -14.13 -13.08 10.92
N ASN A 5 -14.02 -12.17 9.96
CA ASN A 5 -14.02 -12.54 8.55
C ASN A 5 -12.84 -11.90 7.84
N ALA A 6 -12.29 -12.61 6.86
CA ALA A 6 -11.18 -12.12 6.09
C ALA A 6 -11.65 -11.12 5.04
N TYR A 7 -11.40 -9.85 5.30
CA TYR A 7 -11.84 -8.78 4.40
C TYR A 7 -10.89 -8.64 3.22
N THR A 8 -11.37 -7.98 2.18
CA THR A 8 -10.63 -7.85 0.93
C THR A 8 -9.64 -6.69 0.98
N VAL A 9 -8.89 -6.53 -0.11
CA VAL A 9 -7.91 -5.46 -0.25
C VAL A 9 -8.56 -4.08 -0.10
N ALA A 10 -9.80 -3.96 -0.59
CA ALA A 10 -10.51 -2.70 -0.57
C ALA A 10 -10.78 -2.22 0.86
N GLN A 11 -11.02 -3.17 1.76
CA GLN A 11 -11.32 -2.85 3.14
C GLN A 11 -10.03 -2.56 3.90
N LEU A 12 -8.97 -3.28 3.56
CA LEU A 12 -7.68 -3.11 4.20
C LEU A 12 -7.13 -1.71 3.96
N ALA A 13 -7.30 -1.22 2.74
CA ALA A 13 -6.81 0.10 2.35
C ALA A 13 -7.42 1.19 3.24
N ASP A 14 -8.73 1.13 3.45
CA ASP A 14 -9.42 2.15 4.24
C ASP A 14 -9.07 2.02 5.71
N GLU A 15 -8.89 0.78 6.15
CA GLU A 15 -8.49 0.51 7.53
C GLU A 15 -7.10 1.08 7.80
N TYR A 16 -6.19 0.86 6.85
CA TYR A 16 -4.83 1.35 6.95
C TYR A 16 -4.80 2.88 7.00
N PHE A 17 -5.73 3.50 6.27
CA PHE A 17 -5.80 4.95 6.19
C PHE A 17 -6.03 5.57 7.56
N GLU A 18 -7.05 5.08 8.27
CA GLU A 18 -7.42 5.63 9.57
C GLU A 18 -6.31 5.48 10.61
N ARG A 19 -5.43 4.53 10.39
CA ARG A 19 -4.38 4.23 11.36
C ARG A 19 -3.22 5.20 11.25
N MET A 20 -2.65 5.29 10.07
CA MET A 20 -1.43 6.07 9.87
C MET A 20 -1.73 7.54 9.59
N ILE A 21 -2.89 7.81 9.00
CA ILE A 21 -3.26 9.18 8.64
C ILE A 21 -3.79 9.93 9.86
N ALA A 22 -3.97 9.20 10.96
CA ALA A 22 -4.37 9.82 12.22
C ALA A 22 -3.14 10.32 12.98
N GLY A 23 -1.96 9.97 12.49
CA GLY A 23 -0.73 10.35 13.15
C GLY A 23 0.11 11.29 12.32
N ARG A 24 0.65 10.77 11.23
CA ARG A 24 1.48 11.56 10.32
C ARG A 24 0.95 11.43 8.91
N TRP A 25 0.08 12.36 8.55
CA TRP A 25 -0.65 12.27 7.30
C TRP A 25 -0.09 13.25 6.26
N LYS A 26 0.15 14.50 6.69
CA LYS A 26 0.72 15.56 5.84
C LYS A 26 -0.24 16.02 4.73
N HIS A 27 -0.85 15.09 4.00
CA HIS A 27 -1.69 15.42 2.84
C HIS A 27 -2.79 14.38 2.67
N PRO A 28 -3.93 14.57 3.36
CA PRO A 28 -4.98 13.54 3.46
C PRO A 28 -5.65 13.22 2.13
N ASN A 29 -6.18 14.25 1.47
CA ASN A 29 -6.86 14.06 0.20
C ASN A 29 -5.89 13.55 -0.86
N ILE A 30 -4.63 13.96 -0.73
CA ILE A 30 -3.60 13.56 -1.67
C ILE A 30 -3.29 12.06 -1.52
N VAL A 31 -2.97 11.64 -0.30
CA VAL A 31 -2.62 10.25 -0.05
C VAL A 31 -3.82 9.33 -0.32
N ARG A 32 -5.03 9.80 0.03
CA ARG A 32 -6.24 9.06 -0.23
C ARG A 32 -6.42 8.81 -1.73
N SER A 33 -6.15 9.84 -2.53
CA SER A 33 -6.28 9.74 -3.99
C SER A 33 -5.37 8.63 -4.54
N ARG A 34 -4.24 8.40 -3.88
CA ARG A 34 -3.33 7.34 -4.30
C ARG A 34 -3.83 5.99 -3.78
N ILE A 35 -4.29 5.97 -2.54
CA ILE A 35 -4.75 4.74 -1.92
C ILE A 35 -5.96 4.15 -2.65
N GLU A 36 -6.95 4.97 -2.93
CA GLU A 36 -8.20 4.47 -3.50
C GLU A 36 -8.10 4.27 -5.02
N LYS A 37 -7.00 4.73 -5.60
CA LYS A 37 -6.81 4.60 -7.05
C LYS A 37 -5.69 3.60 -7.39
N ASP A 38 -4.54 3.73 -6.74
CA ASP A 38 -3.40 2.86 -7.02
C ASP A 38 -3.52 1.53 -6.31
N ILE A 39 -3.91 1.56 -5.04
CA ILE A 39 -4.06 0.35 -4.25
C ILE A 39 -5.31 -0.41 -4.69
N LYS A 40 -6.31 0.32 -5.14
CA LYS A 40 -7.49 -0.29 -5.74
C LYS A 40 -7.54 0.03 -7.23
N PRO A 41 -6.81 -0.73 -8.06
CA PRO A 41 -6.76 -0.49 -9.51
C PRO A 41 -8.07 -0.88 -10.19
N ALA A 42 -8.45 -2.13 -9.99
CA ALA A 42 -9.68 -2.66 -10.57
C ALA A 42 -9.99 -4.03 -9.98
N ILE A 43 -9.37 -4.32 -8.84
CA ILE A 43 -9.48 -5.64 -8.24
C ILE A 43 -9.84 -5.56 -6.77
N GLY A 44 -11.13 -5.69 -6.50
CA GLY A 44 -11.61 -5.77 -5.13
C GLY A 44 -12.30 -7.09 -4.87
N SER A 45 -12.27 -7.94 -5.89
CA SER A 45 -12.92 -9.24 -5.83
C SER A 45 -11.97 -10.30 -5.28
N LEU A 46 -10.88 -9.85 -4.68
CA LEU A 46 -9.87 -10.74 -4.15
C LEU A 46 -9.36 -10.26 -2.80
N LYS A 47 -8.76 -11.17 -2.04
CA LYS A 47 -8.23 -10.83 -0.72
C LYS A 47 -6.77 -10.43 -0.82
N VAL A 48 -6.16 -10.24 0.34
CA VAL A 48 -4.77 -9.81 0.42
C VAL A 48 -3.83 -10.89 -0.11
N GLU A 49 -4.26 -12.14 -0.03
CA GLU A 49 -3.44 -13.25 -0.49
C GLU A 49 -3.67 -13.52 -1.99
N ASP A 50 -4.78 -13.03 -2.51
CA ASP A 50 -5.14 -13.28 -3.89
C ASP A 50 -4.51 -12.25 -4.82
N VAL A 51 -4.21 -11.08 -4.26
CA VAL A 51 -3.52 -10.06 -5.03
C VAL A 51 -2.02 -10.40 -5.12
N LYS A 52 -1.74 -11.51 -5.80
CA LYS A 52 -0.38 -12.01 -5.97
C LYS A 52 0.55 -10.94 -6.53
N PRO A 53 1.87 -11.08 -6.23
CA PRO A 53 2.92 -10.10 -6.60
C PRO A 53 2.75 -9.47 -7.98
N ARG A 54 2.45 -10.28 -9.00
CA ARG A 54 2.40 -9.79 -10.37
C ARG A 54 1.25 -8.78 -10.56
N HIS A 55 0.27 -8.83 -9.69
CA HIS A 55 -0.80 -7.84 -9.69
C HIS A 55 -0.22 -6.46 -9.41
N ILE A 56 0.57 -6.40 -8.35
CA ILE A 56 1.27 -5.19 -7.97
C ILE A 56 2.33 -4.85 -9.02
N ASP A 57 2.94 -5.89 -9.57
CA ASP A 57 3.99 -5.75 -10.59
C ASP A 57 3.44 -5.04 -11.82
N ASP A 58 2.23 -5.39 -12.20
CA ASP A 58 1.61 -4.81 -13.39
C ASP A 58 1.15 -3.38 -13.12
N VAL A 59 0.54 -3.14 -11.95
CA VAL A 59 0.04 -1.82 -11.64
C VAL A 59 1.18 -0.84 -11.39
N LEU A 60 2.30 -1.32 -10.86
CA LEU A 60 3.48 -0.50 -10.71
C LEU A 60 4.02 -0.08 -12.07
N LYS A 61 4.04 -1.04 -13.00
CA LYS A 61 4.45 -0.79 -14.36
C LYS A 61 3.57 0.30 -14.98
N ALA A 62 2.26 0.13 -14.83
CA ALA A 62 1.30 1.10 -15.33
C ALA A 62 1.52 2.50 -14.77
N VAL A 63 1.62 2.61 -13.45
CA VAL A 63 1.76 3.91 -12.81
C VAL A 63 3.13 4.54 -13.11
N MET A 64 4.15 3.71 -13.32
CA MET A 64 5.46 4.20 -13.74
C MET A 64 5.40 4.75 -15.15
N LYS A 65 4.59 4.11 -15.98
CA LYS A 65 4.46 4.49 -17.37
C LYS A 65 3.64 5.78 -17.51
N ARG A 66 2.45 5.79 -16.94
CA ARG A 66 1.54 6.92 -17.13
C ARG A 66 1.86 8.06 -16.16
N GLY A 67 2.60 7.76 -15.10
CA GLY A 67 2.96 8.78 -14.14
C GLY A 67 4.45 8.90 -13.95
N ALA A 68 4.97 8.27 -12.90
CA ALA A 68 6.39 8.33 -12.60
C ALA A 68 6.79 7.17 -11.69
N PRO A 69 7.99 6.63 -11.88
CA PRO A 69 8.50 5.51 -11.09
C PRO A 69 8.78 5.92 -9.65
N SER A 70 9.16 7.18 -9.47
CA SER A 70 9.43 7.73 -8.14
C SER A 70 8.17 7.67 -7.27
N ILE A 71 7.01 7.87 -7.90
CA ILE A 71 5.74 7.78 -7.20
C ILE A 71 5.47 6.33 -6.79
N ALA A 72 5.64 5.43 -7.73
CA ALA A 72 5.40 4.01 -7.49
C ALA A 72 6.30 3.47 -6.39
N ASN A 73 7.52 3.98 -6.34
CA ASN A 73 8.49 3.57 -5.33
C ASN A 73 8.06 4.02 -3.95
N ASP A 74 7.37 5.15 -3.88
CA ASP A 74 6.82 5.61 -2.62
C ASP A 74 5.58 4.79 -2.27
N THR A 75 4.75 4.51 -3.28
CA THR A 75 3.56 3.70 -3.11
C THR A 75 3.91 2.32 -2.54
N LEU A 76 4.93 1.68 -3.09
CA LEU A 76 5.36 0.37 -2.59
C LEU A 76 5.91 0.49 -1.17
N ARG A 77 6.44 1.66 -0.86
CA ARG A 77 6.96 1.95 0.47
C ARG A 77 5.83 1.97 1.50
N TRP A 78 4.65 2.43 1.08
CA TRP A 78 3.46 2.40 1.93
C TRP A 78 2.95 0.95 2.07
N LEU A 79 3.06 0.19 0.99
CA LEU A 79 2.63 -1.21 0.97
C LEU A 79 3.36 -2.01 2.05
N LYS A 80 4.62 -1.65 2.29
CA LYS A 80 5.43 -2.22 3.34
C LYS A 80 4.66 -2.28 4.67
N ARG A 81 4.12 -1.13 5.08
CA ARG A 81 3.42 -1.02 6.35
C ARG A 81 2.05 -1.71 6.27
N MET A 82 1.31 -1.41 5.21
CA MET A 82 -0.06 -1.90 5.06
C MET A 82 -0.15 -3.43 5.12
N PHE A 83 0.72 -4.11 4.35
CA PHE A 83 0.66 -5.57 4.27
C PHE A 83 1.10 -6.22 5.59
N ASN A 84 1.90 -5.50 6.38
CA ASN A 84 2.33 -5.98 7.68
C ASN A 84 1.12 -6.20 8.59
N TYR A 85 0.24 -5.21 8.60
CA TYR A 85 -1.02 -5.28 9.37
C TYR A 85 -1.81 -6.54 9.01
N ALA A 86 -1.82 -6.90 7.73
CA ALA A 86 -2.56 -8.07 7.27
C ALA A 86 -2.00 -9.35 7.88
N ILE A 87 -0.69 -9.39 8.07
CA ILE A 87 -0.04 -10.53 8.71
C ILE A 87 -0.38 -10.56 10.20
N LYS A 88 -0.40 -9.38 10.82
CA LYS A 88 -0.73 -9.25 12.23
C LYS A 88 -2.20 -9.61 12.46
N ARG A 89 -3.03 -9.38 11.45
CA ARG A 89 -4.43 -9.77 11.51
C ARG A 89 -4.59 -11.27 11.26
N HIS A 90 -3.47 -11.92 10.92
CA HIS A 90 -3.45 -13.37 10.67
C HIS A 90 -4.25 -13.73 9.43
N ILE A 91 -4.36 -12.78 8.50
CA ILE A 91 -5.06 -13.02 7.25
C ILE A 91 -4.12 -13.68 6.25
N ILE A 92 -2.88 -13.22 6.22
CA ILE A 92 -1.87 -13.76 5.33
C ILE A 92 -0.61 -14.11 6.10
N GLU A 93 0.29 -14.84 5.46
CA GLU A 93 1.57 -15.20 6.07
C GLU A 93 2.70 -14.52 5.33
N TYR A 94 2.58 -14.46 4.01
CA TYR A 94 3.55 -13.76 3.18
C TYR A 94 2.85 -12.62 2.45
N ASN A 95 3.55 -11.52 2.24
CA ASN A 95 2.98 -10.38 1.55
C ASN A 95 3.36 -10.41 0.07
N PRO A 96 2.43 -10.00 -0.82
CA PRO A 96 2.68 -9.96 -2.27
C PRO A 96 3.72 -8.91 -2.64
N ALA A 97 3.94 -7.96 -1.73
CA ALA A 97 4.91 -6.90 -1.96
C ALA A 97 6.29 -7.32 -1.49
N ALA A 98 6.48 -8.62 -1.28
CA ALA A 98 7.78 -9.14 -0.83
C ALA A 98 8.86 -8.86 -1.87
N ALA A 99 8.47 -8.85 -3.14
CA ALA A 99 9.40 -8.60 -4.24
C ALA A 99 9.54 -7.11 -4.51
N PHE A 100 8.74 -6.31 -3.81
CA PHE A 100 8.74 -4.86 -3.99
C PHE A 100 9.07 -4.20 -2.66
N ASP A 101 9.67 -5.00 -1.79
CA ASP A 101 9.98 -4.58 -0.44
C ASP A 101 11.36 -3.95 -0.36
N PRO A 102 11.43 -2.68 0.04
CA PRO A 102 12.68 -1.95 0.20
C PRO A 102 13.44 -2.41 1.44
N GLY A 103 12.72 -2.99 2.40
CA GLY A 103 13.32 -3.38 3.65
C GLY A 103 13.74 -2.19 4.49
N ASP A 104 13.28 -1.01 4.11
CA ASP A 104 13.64 0.21 4.81
C ASP A 104 12.88 0.32 6.11
N ALA A 105 13.52 -0.12 7.18
CA ALA A 105 12.96 -0.04 8.51
C ALA A 105 13.94 0.66 9.43
N GLY A 106 13.46 1.10 10.58
CA GLY A 106 14.33 1.77 11.53
C GLY A 106 14.53 0.97 12.79
N GLY A 107 13.64 0.02 13.02
CA GLY A 107 13.73 -0.79 14.22
C GLY A 107 12.58 -0.53 15.15
N LYS A 108 11.66 0.31 14.71
CA LYS A 108 10.47 0.64 15.49
C LYS A 108 9.46 -0.48 15.45
N LEU A 109 8.71 -0.60 16.52
CA LEU A 109 7.67 -1.60 16.64
C LEU A 109 6.33 -0.95 16.93
N GLU A 110 5.27 -1.52 16.38
CA GLU A 110 3.93 -0.95 16.52
C GLU A 110 2.95 -2.04 16.94
N HIS A 111 2.04 -1.70 17.83
CA HIS A 111 1.02 -2.61 18.30
C HIS A 111 -0.16 -1.84 18.90
N HIS A 112 -0.58 -0.81 18.18
CA HIS A 112 -1.70 0.04 18.61
C HIS A 112 -2.97 -0.77 18.85
N HIS A 113 -3.38 -0.81 20.10
CA HIS A 113 -4.62 -1.48 20.48
C HIS A 113 -5.18 -0.84 21.74
N HIS A 114 -6.49 -0.99 21.93
CA HIS A 114 -7.18 -0.44 23.10
C HIS A 114 -7.01 1.08 23.18
N HIS A 115 -7.70 1.80 22.30
CA HIS A 115 -7.70 3.25 22.33
C HIS A 115 -8.75 3.80 21.38
N HIS A 116 -9.74 4.49 21.93
CA HIS A 116 -10.81 5.07 21.13
C HIS A 116 -11.47 6.23 21.86
N MET A 1 -19.84 -7.92 7.43
CA MET A 1 -20.07 -7.74 5.97
C MET A 1 -19.26 -8.74 5.17
N ALA A 2 -18.23 -9.30 5.77
CA ALA A 2 -17.37 -10.27 5.09
C ALA A 2 -16.73 -11.21 6.10
N GLU A 3 -17.47 -12.26 6.47
CA GLU A 3 -17.01 -13.25 7.43
C GLU A 3 -16.73 -12.63 8.80
N LYS A 4 -16.13 -13.42 9.68
CA LYS A 4 -15.74 -12.95 11.00
C LYS A 4 -14.51 -12.06 10.90
N ASN A 5 -13.68 -12.34 9.89
CA ASN A 5 -12.51 -11.53 9.59
C ASN A 5 -11.91 -11.95 8.25
N ALA A 6 -12.54 -11.50 7.17
CA ALA A 6 -12.05 -11.77 5.82
C ALA A 6 -12.63 -10.75 4.85
N TYR A 7 -12.16 -9.52 4.97
CA TYR A 7 -12.72 -8.41 4.21
C TYR A 7 -11.90 -8.11 2.96
N THR A 8 -12.45 -7.25 2.11
CA THR A 8 -11.81 -6.85 0.87
C THR A 8 -10.61 -5.94 1.14
N VAL A 9 -9.67 -5.90 0.19
CA VAL A 9 -8.49 -5.03 0.32
C VAL A 9 -8.93 -3.56 0.43
N ALA A 10 -10.08 -3.25 -0.17
CA ALA A 10 -10.65 -1.91 -0.09
C ALA A 10 -10.95 -1.54 1.37
N GLN A 11 -11.47 -2.49 2.12
CA GLN A 11 -11.78 -2.27 3.53
C GLN A 11 -10.51 -2.26 4.38
N LEU A 12 -9.49 -2.99 3.90
CA LEU A 12 -8.18 -3.00 4.55
C LEU A 12 -7.54 -1.63 4.43
N ALA A 13 -7.50 -1.11 3.21
CA ALA A 13 -6.96 0.21 2.94
C ALA A 13 -7.79 1.29 3.60
N ASP A 14 -9.09 1.01 3.76
CA ASP A 14 -10.01 1.93 4.44
C ASP A 14 -9.59 2.13 5.89
N GLU A 15 -9.32 1.03 6.59
CA GLU A 15 -8.88 1.11 7.97
C GLU A 15 -7.44 1.61 8.04
N TYR A 16 -6.62 1.17 7.09
CA TYR A 16 -5.23 1.61 7.01
C TYR A 16 -5.17 3.13 6.87
N PHE A 17 -6.15 3.68 6.16
CA PHE A 17 -6.31 5.13 6.07
C PHE A 17 -6.49 5.72 7.47
N GLU A 18 -7.43 5.16 8.21
CA GLU A 18 -7.68 5.61 9.58
C GLU A 18 -6.49 5.34 10.50
N ARG A 19 -5.64 4.40 10.12
CA ARG A 19 -4.45 4.07 10.91
C ARG A 19 -3.37 5.12 10.73
N MET A 20 -2.95 5.34 9.49
CA MET A 20 -1.78 6.16 9.21
C MET A 20 -2.13 7.64 9.07
N ILE A 21 -3.34 7.94 8.64
CA ILE A 21 -3.76 9.32 8.44
C ILE A 21 -4.11 9.97 9.78
N ALA A 22 -4.46 9.15 10.76
CA ALA A 22 -4.73 9.65 12.10
C ALA A 22 -3.43 9.95 12.83
N GLY A 23 -3.01 11.21 12.78
CA GLY A 23 -1.79 11.62 13.43
C GLY A 23 -1.23 12.88 12.81
N ARG A 24 -0.54 12.72 11.69
CA ARG A 24 0.01 13.84 10.95
C ARG A 24 -0.22 13.59 9.46
N TRP A 25 -1.31 14.14 8.94
CA TRP A 25 -1.75 13.84 7.59
C TRP A 25 -1.79 15.06 6.69
N LYS A 26 -2.37 16.17 7.21
CA LYS A 26 -2.48 17.43 6.50
C LYS A 26 -3.45 17.39 5.31
N HIS A 27 -3.45 16.30 4.55
CA HIS A 27 -4.22 16.24 3.31
C HIS A 27 -4.81 14.84 3.10
N PRO A 28 -6.01 14.61 3.65
CA PRO A 28 -6.69 13.31 3.58
C PRO A 28 -7.21 12.99 2.18
N ASN A 29 -7.57 14.03 1.45
CA ASN A 29 -8.08 13.87 0.10
C ASN A 29 -7.01 13.33 -0.85
N ILE A 30 -5.83 13.92 -0.79
CA ILE A 30 -4.71 13.52 -1.64
C ILE A 30 -4.33 12.06 -1.41
N VAL A 31 -4.19 11.68 -0.15
CA VAL A 31 -3.76 10.32 0.17
C VAL A 31 -4.84 9.30 -0.20
N ARG A 32 -6.11 9.67 -0.02
CA ARG A 32 -7.22 8.78 -0.37
C ARG A 32 -7.23 8.53 -1.87
N SER A 33 -7.07 9.59 -2.65
CA SER A 33 -7.04 9.48 -4.11
C SER A 33 -5.86 8.62 -4.55
N ARG A 34 -4.71 8.84 -3.94
CA ARG A 34 -3.51 8.08 -4.30
C ARG A 34 -3.67 6.60 -3.97
N ILE A 35 -4.28 6.31 -2.83
CA ILE A 35 -4.56 4.92 -2.45
C ILE A 35 -5.45 4.25 -3.49
N GLU A 36 -6.52 4.93 -3.90
CA GLU A 36 -7.49 4.33 -4.79
C GLU A 36 -7.06 4.40 -6.26
N LYS A 37 -5.95 5.05 -6.52
CA LYS A 37 -5.44 5.17 -7.88
C LYS A 37 -4.16 4.35 -8.09
N ASP A 38 -3.19 4.53 -7.19
CA ASP A 38 -1.91 3.85 -7.30
C ASP A 38 -1.93 2.50 -6.58
N ILE A 39 -2.54 2.46 -5.42
CA ILE A 39 -2.55 1.23 -4.60
C ILE A 39 -3.58 0.23 -5.11
N LYS A 40 -4.80 0.69 -5.37
CA LYS A 40 -5.86 -0.18 -5.89
C LYS A 40 -6.34 0.27 -7.27
N PRO A 41 -5.51 0.10 -8.32
CA PRO A 41 -5.89 0.46 -9.68
C PRO A 41 -6.78 -0.60 -10.32
N ALA A 42 -6.33 -1.86 -10.27
CA ALA A 42 -7.08 -2.97 -10.85
C ALA A 42 -7.33 -4.03 -9.79
N ILE A 43 -7.16 -3.64 -8.53
CA ILE A 43 -7.34 -4.55 -7.41
C ILE A 43 -8.02 -3.83 -6.26
N GLY A 44 -9.32 -3.58 -6.42
CA GLY A 44 -10.08 -2.89 -5.39
C GLY A 44 -11.10 -3.80 -4.75
N SER A 45 -11.76 -4.61 -5.57
CA SER A 45 -12.75 -5.56 -5.08
C SER A 45 -12.10 -6.91 -4.84
N LEU A 46 -10.79 -6.90 -4.72
CA LEU A 46 -10.00 -8.10 -4.49
C LEU A 46 -9.87 -8.36 -3.00
N LYS A 47 -10.10 -9.61 -2.58
CA LYS A 47 -9.90 -9.98 -1.19
C LYS A 47 -8.42 -10.00 -0.86
N VAL A 48 -8.11 -9.75 0.40
CA VAL A 48 -6.72 -9.63 0.84
C VAL A 48 -5.95 -10.95 0.64
N GLU A 49 -6.67 -12.06 0.64
CA GLU A 49 -6.02 -13.37 0.50
C GLU A 49 -5.74 -13.69 -0.97
N ASP A 50 -6.20 -12.83 -1.86
CA ASP A 50 -6.08 -13.09 -3.30
C ASP A 50 -4.98 -12.26 -3.94
N VAL A 51 -4.24 -11.50 -3.14
CA VAL A 51 -3.20 -10.65 -3.69
C VAL A 51 -1.91 -11.45 -3.95
N LYS A 52 -1.70 -11.79 -5.21
CA LYS A 52 -0.47 -12.46 -5.62
C LYS A 52 0.58 -11.44 -6.05
N PRO A 53 1.87 -11.80 -5.92
CA PRO A 53 2.99 -10.90 -6.24
C PRO A 53 2.97 -10.35 -7.67
N ARG A 54 2.41 -11.12 -8.61
CA ARG A 54 2.35 -10.68 -10.01
C ARG A 54 1.55 -9.39 -10.13
N HIS A 55 0.51 -9.27 -9.31
CA HIS A 55 -0.37 -8.10 -9.34
C HIS A 55 0.44 -6.83 -9.12
N ILE A 56 1.44 -6.91 -8.24
CA ILE A 56 2.28 -5.77 -7.91
C ILE A 56 3.08 -5.31 -9.13
N ASP A 57 3.49 -6.25 -9.97
CA ASP A 57 4.23 -5.92 -11.18
C ASP A 57 3.35 -5.17 -12.16
N ASP A 58 2.12 -5.65 -12.34
CA ASP A 58 1.18 -5.04 -13.28
C ASP A 58 0.83 -3.63 -12.86
N VAL A 59 0.56 -3.44 -11.57
CA VAL A 59 0.17 -2.12 -11.08
C VAL A 59 1.34 -1.14 -11.19
N LEU A 60 2.54 -1.56 -10.82
CA LEU A 60 3.70 -0.69 -10.82
C LEU A 60 4.04 -0.20 -12.23
N LYS A 61 4.08 -1.12 -13.19
CA LYS A 61 4.46 -0.76 -14.55
C LYS A 61 3.49 0.27 -15.13
N ALA A 62 2.24 0.21 -14.71
CA ALA A 62 1.24 1.16 -15.16
C ALA A 62 1.34 2.48 -14.38
N VAL A 63 1.44 2.40 -13.06
CA VAL A 63 1.47 3.60 -12.22
C VAL A 63 2.74 4.42 -12.46
N MET A 64 3.78 3.76 -12.96
CA MET A 64 5.03 4.45 -13.28
C MET A 64 4.90 5.24 -14.58
N LYS A 65 4.14 4.72 -15.52
CA LYS A 65 4.04 5.36 -16.83
C LYS A 65 2.93 6.41 -16.88
N ARG A 66 1.74 6.05 -16.40
CA ARG A 66 0.62 7.00 -16.40
C ARG A 66 0.63 7.84 -15.12
N GLY A 67 1.63 7.60 -14.29
CA GLY A 67 1.80 8.39 -13.09
C GLY A 67 3.19 8.96 -12.99
N ALA A 68 4.05 8.28 -12.24
CA ALA A 68 5.44 8.69 -12.10
C ALA A 68 6.26 7.54 -11.52
N PRO A 69 7.51 7.38 -11.99
CA PRO A 69 8.41 6.34 -11.48
C PRO A 69 8.86 6.62 -10.04
N SER A 70 9.05 7.89 -9.73
CA SER A 70 9.53 8.30 -8.42
C SER A 70 8.55 7.91 -7.32
N ILE A 71 7.26 8.03 -7.61
CA ILE A 71 6.22 7.73 -6.64
C ILE A 71 6.15 6.24 -6.35
N ALA A 72 6.36 5.43 -7.38
CA ALA A 72 6.27 3.97 -7.25
C ALA A 72 7.25 3.43 -6.20
N ASN A 73 8.45 3.99 -6.16
CA ASN A 73 9.47 3.54 -5.21
C ASN A 73 9.02 3.77 -3.77
N ASP A 74 8.39 4.90 -3.53
CA ASP A 74 7.88 5.22 -2.20
C ASP A 74 6.60 4.42 -1.93
N THR A 75 5.84 4.16 -2.98
CA THR A 75 4.62 3.35 -2.88
C THR A 75 4.95 1.93 -2.44
N LEU A 76 6.12 1.44 -2.85
CA LEU A 76 6.60 0.13 -2.42
C LEU A 76 6.67 0.07 -0.90
N ARG A 77 7.10 1.16 -0.29
CA ARG A 77 7.19 1.25 1.15
C ARG A 77 5.78 1.23 1.75
N TRP A 78 4.88 1.96 1.11
CA TRP A 78 3.48 2.03 1.53
C TRP A 78 2.85 0.63 1.52
N LEU A 79 3.09 -0.12 0.46
CA LEU A 79 2.59 -1.49 0.32
C LEU A 79 3.22 -2.40 1.37
N LYS A 80 4.54 -2.29 1.52
CA LYS A 80 5.30 -3.02 2.51
C LYS A 80 4.63 -2.91 3.88
N ARG A 81 4.28 -1.69 4.26
CA ARG A 81 3.66 -1.45 5.55
C ARG A 81 2.24 -2.02 5.61
N MET A 82 1.46 -1.76 4.58
CA MET A 82 0.06 -2.16 4.54
C MET A 82 -0.10 -3.68 4.62
N PHE A 83 0.65 -4.40 3.80
CA PHE A 83 0.56 -5.86 3.78
C PHE A 83 1.14 -6.45 5.06
N ASN A 84 2.08 -5.75 5.67
CA ASN A 84 2.67 -6.20 6.94
C ASN A 84 1.64 -6.21 8.04
N TYR A 85 0.85 -5.14 8.09
CA TYR A 85 -0.25 -5.04 9.05
C TYR A 85 -1.26 -6.17 8.84
N ALA A 86 -1.42 -6.59 7.60
CA ALA A 86 -2.29 -7.72 7.29
C ALA A 86 -1.64 -9.03 7.72
N ILE A 87 -0.32 -9.06 7.78
CA ILE A 87 0.41 -10.23 8.22
C ILE A 87 0.30 -10.40 9.73
N LYS A 88 0.41 -9.31 10.48
CA LYS A 88 0.32 -9.36 11.93
C LYS A 88 -1.11 -9.70 12.36
N ARG A 89 -2.05 -9.49 11.45
CA ARG A 89 -3.45 -9.87 11.67
C ARG A 89 -3.68 -11.30 11.20
N HIS A 90 -2.62 -11.91 10.65
CA HIS A 90 -2.67 -13.24 10.08
C HIS A 90 -3.78 -13.35 9.03
N ILE A 91 -3.78 -12.42 8.10
CA ILE A 91 -4.65 -12.50 6.93
C ILE A 91 -3.84 -13.05 5.77
N ILE A 92 -2.62 -12.55 5.64
CA ILE A 92 -1.67 -13.05 4.67
C ILE A 92 -0.35 -13.35 5.35
N GLU A 93 0.36 -14.35 4.84
CA GLU A 93 1.62 -14.75 5.45
C GLU A 93 2.67 -15.00 4.37
N TYR A 94 2.38 -14.53 3.15
CA TYR A 94 3.26 -14.78 2.02
C TYR A 94 3.98 -13.51 1.58
N ASN A 95 3.59 -12.37 2.17
CA ASN A 95 4.12 -11.07 1.82
C ASN A 95 4.16 -10.88 0.30
N PRO A 96 3.00 -10.64 -0.33
CA PRO A 96 2.87 -10.57 -1.79
C PRO A 96 3.69 -9.43 -2.40
N ALA A 97 4.01 -8.44 -1.59
CA ALA A 97 4.77 -7.28 -2.05
C ALA A 97 6.25 -7.61 -2.18
N ALA A 98 6.63 -8.84 -1.82
CA ALA A 98 8.02 -9.25 -1.83
C ALA A 98 8.59 -9.30 -3.24
N ALA A 99 7.72 -9.27 -4.24
CA ALA A 99 8.14 -9.28 -5.63
C ALA A 99 8.98 -8.05 -5.95
N PHE A 100 8.68 -6.95 -5.28
CA PHE A 100 9.40 -5.70 -5.44
C PHE A 100 9.71 -5.10 -4.08
N ASP A 101 9.88 -5.98 -3.10
CA ASP A 101 10.17 -5.56 -1.73
C ASP A 101 11.47 -4.77 -1.68
N PRO A 102 11.48 -3.63 -0.96
CA PRO A 102 12.64 -2.75 -0.86
C PRO A 102 13.89 -3.43 -0.30
N GLY A 103 13.70 -4.55 0.39
CA GLY A 103 14.82 -5.26 0.96
C GLY A 103 14.87 -5.07 2.47
N ASP A 104 15.81 -4.27 2.93
CA ASP A 104 15.94 -4.00 4.35
C ASP A 104 15.06 -2.85 4.77
N ALA A 105 14.09 -3.14 5.63
CA ALA A 105 13.19 -2.13 6.15
C ALA A 105 13.06 -2.30 7.66
N GLY A 106 12.33 -1.41 8.30
CA GLY A 106 12.12 -1.50 9.73
C GLY A 106 11.39 -2.77 10.12
N GLY A 107 12.11 -3.70 10.74
CA GLY A 107 11.49 -4.93 11.19
C GLY A 107 10.64 -4.68 12.42
N LYS A 108 11.11 -3.76 13.25
CA LYS A 108 10.39 -3.29 14.42
C LYS A 108 10.26 -4.34 15.52
N LEU A 109 10.27 -3.85 16.75
CA LEU A 109 9.94 -4.66 17.92
C LEU A 109 8.46 -4.50 18.19
N GLU A 110 7.69 -4.42 17.11
CA GLU A 110 6.28 -4.09 17.15
C GLU A 110 5.49 -5.11 17.99
N HIS A 111 5.04 -4.66 19.15
CA HIS A 111 4.26 -5.50 20.05
C HIS A 111 3.22 -4.65 20.75
N HIS A 112 1.96 -4.92 20.45
CA HIS A 112 0.85 -4.20 21.07
C HIS A 112 -0.33 -5.15 21.22
N HIS A 113 -0.62 -5.54 22.45
CA HIS A 113 -1.67 -6.51 22.71
C HIS A 113 -3.05 -5.85 22.58
N HIS A 114 -3.07 -4.53 22.58
CA HIS A 114 -4.28 -3.79 22.28
C HIS A 114 -4.25 -3.37 20.82
N HIS A 115 -5.14 -3.93 20.03
CA HIS A 115 -5.11 -3.79 18.57
C HIS A 115 -5.54 -2.39 18.11
N HIS A 116 -4.62 -1.44 18.22
CA HIS A 116 -4.81 -0.09 17.70
C HIS A 116 -3.53 0.71 17.91
N MET A 1 -10.29 -7.67 12.01
CA MET A 1 -11.30 -8.66 12.41
C MET A 1 -11.89 -9.34 11.18
N ALA A 2 -11.66 -10.64 11.05
CA ALA A 2 -12.11 -11.37 9.88
C ALA A 2 -12.88 -12.62 10.29
N GLU A 3 -14.20 -12.55 10.16
CA GLU A 3 -15.07 -13.71 10.36
C GLU A 3 -16.36 -13.49 9.59
N LYS A 4 -16.98 -12.32 9.76
CA LYS A 4 -18.19 -11.97 9.04
C LYS A 4 -17.82 -11.26 7.74
N ASN A 5 -16.82 -10.41 7.83
CA ASN A 5 -16.34 -9.64 6.70
C ASN A 5 -14.88 -9.94 6.43
N ALA A 6 -14.62 -10.69 5.36
CA ALA A 6 -13.26 -11.05 5.00
C ALA A 6 -12.53 -9.84 4.42
N TYR A 7 -11.24 -9.75 4.72
CA TYR A 7 -10.43 -8.63 4.27
C TYR A 7 -10.22 -8.64 2.76
N THR A 8 -10.87 -7.71 2.09
CA THR A 8 -10.59 -7.44 0.70
C THR A 8 -9.37 -6.53 0.63
N VAL A 9 -8.62 -6.56 -0.47
CA VAL A 9 -7.41 -5.74 -0.57
C VAL A 9 -7.76 -4.26 -0.48
N ALA A 10 -8.93 -3.90 -0.99
CA ALA A 10 -9.43 -2.53 -0.87
C ALA A 10 -9.69 -2.18 0.58
N GLN A 11 -10.31 -3.11 1.31
CA GLN A 11 -10.68 -2.89 2.70
C GLN A 11 -9.43 -2.81 3.59
N LEU A 12 -8.45 -3.67 3.30
CA LEU A 12 -7.19 -3.69 4.04
C LEU A 12 -6.51 -2.33 3.98
N ALA A 13 -6.49 -1.75 2.77
CA ALA A 13 -5.88 -0.45 2.56
C ALA A 13 -6.61 0.63 3.35
N ASP A 14 -7.93 0.60 3.30
CA ASP A 14 -8.75 1.63 3.94
C ASP A 14 -8.73 1.51 5.46
N GLU A 15 -8.53 0.31 5.98
CA GLU A 15 -8.39 0.15 7.43
C GLU A 15 -6.99 0.60 7.87
N TYR A 16 -5.98 0.21 7.08
CA TYR A 16 -4.60 0.56 7.41
C TYR A 16 -4.38 2.06 7.43
N PHE A 17 -4.79 2.75 6.37
CA PHE A 17 -4.54 4.18 6.27
C PHE A 17 -5.32 4.94 7.34
N GLU A 18 -6.51 4.46 7.65
CA GLU A 18 -7.37 5.12 8.64
C GLU A 18 -6.68 5.18 10.00
N ARG A 19 -5.79 4.24 10.24
CA ARG A 19 -5.08 4.18 11.51
C ARG A 19 -3.84 5.08 11.49
N MET A 20 -3.15 5.08 10.36
CA MET A 20 -1.91 5.84 10.23
C MET A 20 -2.19 7.30 9.90
N ILE A 21 -3.31 7.54 9.23
CA ILE A 21 -3.75 8.89 8.87
C ILE A 21 -4.57 9.47 10.02
N ALA A 22 -4.67 8.71 11.10
CA ALA A 22 -5.33 9.17 12.30
C ALA A 22 -4.33 9.86 13.25
N GLY A 23 -3.07 9.86 12.84
CA GLY A 23 -2.03 10.48 13.65
C GLY A 23 -1.61 11.82 13.10
N ARG A 24 -0.56 11.82 12.29
CA ARG A 24 -0.08 13.02 11.65
C ARG A 24 -0.08 12.81 10.14
N TRP A 25 -1.12 13.30 9.50
CA TRP A 25 -1.28 13.13 8.08
C TRP A 25 -1.03 14.44 7.34
N LYS A 26 -1.57 15.54 7.88
CA LYS A 26 -1.30 16.90 7.37
C LYS A 26 -1.90 17.15 5.97
N HIS A 27 -2.40 16.11 5.32
CA HIS A 27 -2.94 16.24 3.95
C HIS A 27 -3.89 15.09 3.63
N PRO A 28 -5.17 15.25 3.98
CA PRO A 28 -6.18 14.19 3.84
C PRO A 28 -6.56 13.92 2.39
N ASN A 29 -6.87 14.99 1.67
CA ASN A 29 -7.30 14.90 0.28
C ASN A 29 -6.24 14.21 -0.58
N ILE A 30 -5.00 14.65 -0.45
CA ILE A 30 -3.90 14.15 -1.26
C ILE A 30 -3.71 12.64 -1.08
N VAL A 31 -3.78 12.16 0.14
CA VAL A 31 -3.52 10.76 0.41
C VAL A 31 -4.73 9.90 0.02
N ARG A 32 -5.93 10.42 0.25
CA ARG A 32 -7.16 9.69 -0.06
C ARG A 32 -7.25 9.44 -1.57
N SER A 33 -7.03 10.51 -2.34
CA SER A 33 -7.10 10.45 -3.79
C SER A 33 -6.09 9.45 -4.37
N ARG A 34 -4.98 9.24 -3.67
CA ARG A 34 -4.00 8.28 -4.09
C ARG A 34 -4.49 6.86 -3.84
N ILE A 35 -5.05 6.64 -2.65
CA ILE A 35 -5.50 5.33 -2.24
C ILE A 35 -6.53 4.77 -3.21
N GLU A 36 -7.41 5.62 -3.68
CA GLU A 36 -8.48 5.21 -4.59
C GLU A 36 -7.99 5.12 -6.04
N LYS A 37 -6.80 5.63 -6.30
CA LYS A 37 -6.26 5.65 -7.66
C LYS A 37 -5.11 4.67 -7.83
N ASP A 38 -4.06 4.87 -7.05
CA ASP A 38 -2.81 4.11 -7.17
C ASP A 38 -2.87 2.79 -6.41
N ILE A 39 -3.43 2.82 -5.21
CA ILE A 39 -3.51 1.62 -4.38
C ILE A 39 -4.62 0.69 -4.87
N LYS A 40 -5.75 1.25 -5.26
CA LYS A 40 -6.83 0.46 -5.85
C LYS A 40 -7.14 0.94 -7.27
N PRO A 41 -6.33 0.54 -8.26
CA PRO A 41 -6.50 0.94 -9.65
C PRO A 41 -7.74 0.31 -10.28
N ALA A 42 -7.81 -1.02 -10.23
CA ALA A 42 -8.93 -1.76 -10.78
C ALA A 42 -8.96 -3.19 -10.26
N ILE A 43 -8.29 -3.42 -9.15
CA ILE A 43 -8.16 -4.76 -8.59
C ILE A 43 -8.45 -4.76 -7.09
N GLY A 44 -9.18 -3.74 -6.64
CA GLY A 44 -9.49 -3.63 -5.23
C GLY A 44 -10.52 -4.64 -4.76
N SER A 45 -11.21 -5.26 -5.71
CA SER A 45 -12.26 -6.22 -5.41
C SER A 45 -11.67 -7.61 -5.14
N LEU A 46 -10.35 -7.70 -5.16
CA LEU A 46 -9.66 -8.97 -4.93
C LEU A 46 -9.38 -9.14 -3.44
N LYS A 47 -9.35 -10.38 -2.99
CA LYS A 47 -9.01 -10.68 -1.61
C LYS A 47 -7.50 -10.54 -1.41
N VAL A 48 -7.08 -10.52 -0.15
CA VAL A 48 -5.66 -10.37 0.17
C VAL A 48 -4.86 -11.57 -0.34
N GLU A 49 -5.53 -12.70 -0.50
CA GLU A 49 -4.91 -13.91 -1.03
C GLU A 49 -4.76 -13.82 -2.54
N ASP A 50 -5.68 -13.09 -3.17
CA ASP A 50 -5.76 -13.04 -4.62
C ASP A 50 -4.85 -11.95 -5.19
N VAL A 51 -4.49 -10.98 -4.35
CA VAL A 51 -3.57 -9.95 -4.78
C VAL A 51 -2.13 -10.48 -4.76
N LYS A 52 -1.84 -11.27 -5.78
CA LYS A 52 -0.54 -11.91 -5.96
C LYS A 52 0.56 -10.87 -6.16
N PRO A 53 1.83 -11.24 -5.91
CA PRO A 53 2.98 -10.38 -6.19
C PRO A 53 3.00 -9.94 -7.66
N ARG A 54 2.43 -10.79 -8.50
CA ARG A 54 2.24 -10.47 -9.91
C ARG A 54 1.46 -9.17 -10.07
N HIS A 55 0.47 -8.96 -9.20
CA HIS A 55 -0.38 -7.78 -9.27
C HIS A 55 0.39 -6.56 -8.78
N ILE A 56 1.27 -6.77 -7.81
CA ILE A 56 2.17 -5.73 -7.35
C ILE A 56 3.02 -5.26 -8.52
N ASP A 57 3.42 -6.21 -9.36
CA ASP A 57 4.13 -5.91 -10.60
C ASP A 57 3.19 -5.24 -11.60
N ASP A 58 1.95 -5.74 -11.67
CA ASP A 58 0.92 -5.20 -12.56
C ASP A 58 0.69 -3.71 -12.31
N VAL A 59 0.53 -3.34 -11.05
CA VAL A 59 0.28 -1.94 -10.71
C VAL A 59 1.51 -1.09 -11.00
N LEU A 60 2.70 -1.61 -10.70
CA LEU A 60 3.95 -0.87 -10.91
C LEU A 60 4.14 -0.52 -12.38
N LYS A 61 4.06 -1.54 -13.24
CA LYS A 61 4.30 -1.36 -14.66
C LYS A 61 3.33 -0.34 -15.27
N ALA A 62 2.11 -0.31 -14.74
CA ALA A 62 1.08 0.60 -15.24
C ALA A 62 1.21 2.00 -14.64
N VAL A 63 1.55 2.09 -13.36
CA VAL A 63 1.61 3.39 -12.69
C VAL A 63 2.90 4.12 -13.05
N MET A 64 3.95 3.38 -13.38
CA MET A 64 5.22 3.98 -13.80
C MET A 64 5.04 4.72 -15.11
N LYS A 65 4.31 4.12 -16.04
CA LYS A 65 4.12 4.70 -17.37
C LYS A 65 3.17 5.88 -17.32
N ARG A 66 2.00 5.68 -16.73
CA ARG A 66 0.96 6.69 -16.73
C ARG A 66 1.26 7.82 -15.75
N GLY A 67 2.08 7.55 -14.76
CA GLY A 67 2.42 8.54 -13.76
C GLY A 67 3.89 8.86 -13.74
N ALA A 68 4.59 8.29 -12.77
CA ALA A 68 6.02 8.52 -12.59
C ALA A 68 6.62 7.43 -11.71
N PRO A 69 7.89 7.05 -11.97
CA PRO A 69 8.58 6.03 -11.18
C PRO A 69 8.77 6.46 -9.73
N SER A 70 8.88 7.77 -9.51
CA SER A 70 9.12 8.33 -8.19
C SER A 70 7.99 8.00 -7.22
N ILE A 71 6.75 8.18 -7.66
CA ILE A 71 5.61 7.83 -6.83
C ILE A 71 5.38 6.32 -6.81
N ALA A 72 5.80 5.67 -7.89
CA ALA A 72 5.61 4.22 -8.05
C ALA A 72 6.40 3.44 -7.01
N ASN A 73 7.66 3.81 -6.79
CA ASN A 73 8.48 3.11 -5.81
C ASN A 73 7.96 3.40 -4.41
N ASP A 74 7.32 4.55 -4.24
CA ASP A 74 6.76 4.94 -2.96
C ASP A 74 5.56 4.06 -2.61
N THR A 75 4.85 3.60 -3.64
CA THR A 75 3.73 2.70 -3.44
C THR A 75 4.21 1.40 -2.78
N LEU A 76 5.36 0.90 -3.22
CA LEU A 76 5.91 -0.35 -2.70
C LEU A 76 6.19 -0.27 -1.19
N ARG A 77 6.82 0.82 -0.78
CA ARG A 77 7.16 1.01 0.63
C ARG A 77 5.90 1.13 1.49
N TRP A 78 4.85 1.70 0.91
CA TRP A 78 3.57 1.82 1.59
C TRP A 78 2.86 0.45 1.63
N LEU A 79 2.95 -0.30 0.53
CA LEU A 79 2.31 -1.60 0.42
C LEU A 79 2.93 -2.63 1.36
N LYS A 80 4.26 -2.62 1.47
CA LYS A 80 4.96 -3.56 2.35
C LYS A 80 4.44 -3.41 3.78
N ARG A 81 4.13 -2.17 4.16
CA ARG A 81 3.57 -1.88 5.48
C ARG A 81 2.14 -2.39 5.57
N MET A 82 1.39 -2.18 4.49
CA MET A 82 -0.01 -2.55 4.41
C MET A 82 -0.19 -4.05 4.52
N PHE A 83 0.61 -4.80 3.77
CA PHE A 83 0.53 -6.26 3.82
C PHE A 83 1.07 -6.79 5.14
N ASN A 84 2.05 -6.10 5.72
CA ASN A 84 2.57 -6.46 7.04
C ASN A 84 1.46 -6.37 8.07
N TYR A 85 0.64 -5.33 7.94
CA TYR A 85 -0.52 -5.11 8.78
C TYR A 85 -1.45 -6.33 8.75
N ALA A 86 -1.52 -6.99 7.60
CA ALA A 86 -2.36 -8.18 7.44
C ALA A 86 -1.82 -9.34 8.30
N ILE A 87 -0.50 -9.48 8.35
CA ILE A 87 0.12 -10.53 9.15
C ILE A 87 -0.13 -10.28 10.64
N LYS A 88 -0.08 -9.01 11.03
CA LYS A 88 -0.37 -8.60 12.40
C LYS A 88 -1.80 -8.97 12.77
N ARG A 89 -2.71 -8.62 11.87
CA ARG A 89 -4.12 -8.96 12.03
C ARG A 89 -4.37 -10.47 11.89
N HIS A 90 -3.33 -11.19 11.51
CA HIS A 90 -3.36 -12.65 11.37
C HIS A 90 -4.29 -13.06 10.23
N ILE A 91 -4.42 -12.18 9.25
CA ILE A 91 -5.21 -12.47 8.06
C ILE A 91 -4.46 -13.49 7.21
N ILE A 92 -3.24 -13.13 6.84
CA ILE A 92 -2.35 -14.02 6.12
C ILE A 92 -0.96 -13.90 6.72
N GLU A 93 -0.02 -14.70 6.25
CA GLU A 93 1.36 -14.58 6.70
C GLU A 93 2.30 -14.59 5.49
N TYR A 94 1.79 -14.06 4.39
CA TYR A 94 2.55 -13.92 3.15
C TYR A 94 2.60 -12.45 2.78
N ASN A 95 3.75 -11.98 2.32
CA ASN A 95 3.90 -10.58 1.97
C ASN A 95 4.26 -10.41 0.50
N PRO A 96 3.23 -10.34 -0.37
CA PRO A 96 3.44 -10.23 -1.83
C PRO A 96 4.25 -8.99 -2.22
N ALA A 97 4.00 -7.88 -1.54
CA ALA A 97 4.67 -6.62 -1.87
C ALA A 97 6.04 -6.51 -1.23
N ALA A 98 6.36 -7.43 -0.33
CA ALA A 98 7.65 -7.40 0.35
C ALA A 98 8.76 -7.91 -0.56
N ALA A 99 8.36 -8.58 -1.64
CA ALA A 99 9.31 -9.07 -2.63
C ALA A 99 9.73 -7.96 -3.57
N PHE A 100 9.08 -6.81 -3.44
CA PHE A 100 9.40 -5.63 -4.24
C PHE A 100 9.84 -4.49 -3.33
N ASP A 101 11.12 -4.43 -3.04
CA ASP A 101 11.66 -3.40 -2.16
C ASP A 101 12.20 -2.23 -2.97
N PRO A 102 11.62 -1.04 -2.78
CA PRO A 102 12.04 0.17 -3.49
C PRO A 102 13.28 0.80 -2.88
N GLY A 103 14.12 1.33 -3.73
CA GLY A 103 15.29 2.05 -3.28
C GLY A 103 15.11 3.53 -3.45
N ASP A 104 15.80 4.31 -2.64
CA ASP A 104 15.73 5.77 -2.72
C ASP A 104 16.36 6.28 -4.01
N ALA A 105 15.54 6.46 -5.03
CA ALA A 105 16.01 7.00 -6.31
C ALA A 105 15.69 8.48 -6.38
N GLY A 106 14.46 8.82 -6.02
CA GLY A 106 14.01 10.20 -6.04
C GLY A 106 13.83 10.73 -7.44
N GLY A 107 14.94 11.01 -8.11
CA GLY A 107 14.90 11.57 -9.44
C GLY A 107 15.69 12.86 -9.50
N LYS A 108 15.73 13.55 -8.37
CA LYS A 108 16.44 14.81 -8.25
C LYS A 108 16.55 15.21 -6.79
N LEU A 109 16.89 16.46 -6.56
CA LEU A 109 16.97 17.02 -5.22
C LEU A 109 16.87 18.53 -5.29
N GLU A 110 16.22 19.13 -4.31
CA GLU A 110 16.05 20.57 -4.29
C GLU A 110 16.89 21.21 -3.20
N HIS A 111 17.77 22.11 -3.60
CA HIS A 111 18.60 22.85 -2.67
C HIS A 111 18.52 24.34 -2.98
N HIS A 112 17.63 25.01 -2.26
CA HIS A 112 17.36 26.43 -2.46
C HIS A 112 18.60 27.29 -2.21
N HIS A 113 18.82 28.25 -3.09
CA HIS A 113 20.00 29.09 -3.03
C HIS A 113 19.71 30.47 -3.60
N HIS A 114 19.32 31.40 -2.72
CA HIS A 114 19.14 32.82 -3.06
C HIS A 114 18.58 33.59 -1.88
N HIS A 115 17.79 32.91 -1.05
CA HIS A 115 17.15 33.54 0.11
C HIS A 115 16.79 32.47 1.14
N HIS A 116 17.14 32.71 2.40
CA HIS A 116 16.90 31.71 3.46
C HIS A 116 15.41 31.36 3.59
N MET A 1 -15.92 -4.17 6.82
CA MET A 1 -16.74 -5.09 7.65
C MET A 1 -16.36 -6.54 7.37
N ALA A 2 -16.60 -6.98 6.13
CA ALA A 2 -16.34 -8.35 5.70
C ALA A 2 -17.28 -9.34 6.38
N GLU A 3 -17.08 -10.63 6.09
CA GLU A 3 -17.90 -11.68 6.68
C GLU A 3 -17.66 -11.75 8.18
N LYS A 4 -16.39 -11.91 8.54
CA LYS A 4 -16.01 -12.02 9.93
C LYS A 4 -15.05 -10.89 10.33
N ASN A 5 -13.90 -10.81 9.66
CA ASN A 5 -12.92 -9.78 9.98
C ASN A 5 -11.82 -9.70 8.92
N ALA A 6 -12.04 -10.36 7.79
CA ALA A 6 -11.08 -10.33 6.70
C ALA A 6 -11.60 -9.45 5.57
N TYR A 7 -11.54 -8.14 5.80
CA TYR A 7 -11.99 -7.16 4.81
C TYR A 7 -10.98 -7.03 3.68
N THR A 8 -11.48 -6.69 2.50
CA THR A 8 -10.69 -6.73 1.27
C THR A 8 -9.43 -5.87 1.36
N VAL A 9 -8.47 -6.15 0.49
CA VAL A 9 -7.24 -5.37 0.41
C VAL A 9 -7.55 -3.88 0.18
N ALA A 10 -8.71 -3.61 -0.38
CA ALA A 10 -9.16 -2.23 -0.59
C ALA A 10 -9.59 -1.61 0.74
N GLN A 11 -10.45 -2.32 1.48
CA GLN A 11 -10.97 -1.82 2.74
C GLN A 11 -9.90 -1.83 3.82
N LEU A 12 -8.91 -2.71 3.66
CA LEU A 12 -7.77 -2.75 4.56
C LEU A 12 -7.04 -1.40 4.56
N ALA A 13 -6.89 -0.82 3.37
CA ALA A 13 -6.28 0.49 3.24
C ALA A 13 -7.22 1.57 3.74
N ASP A 14 -8.52 1.31 3.63
CA ASP A 14 -9.54 2.23 4.09
C ASP A 14 -9.54 2.35 5.61
N GLU A 15 -9.44 1.21 6.30
CA GLU A 15 -9.41 1.22 7.76
C GLU A 15 -8.05 1.72 8.24
N TYR A 16 -7.01 1.43 7.46
CA TYR A 16 -5.66 1.91 7.74
C TYR A 16 -5.63 3.44 7.73
N PHE A 17 -6.41 4.02 6.81
CA PHE A 17 -6.57 5.46 6.74
C PHE A 17 -7.08 6.00 8.08
N GLU A 18 -8.12 5.36 8.60
CA GLU A 18 -8.75 5.77 9.84
C GLU A 18 -7.79 5.66 11.02
N ARG A 19 -6.77 4.80 10.89
CA ARG A 19 -5.82 4.57 11.97
C ARG A 19 -4.73 5.63 11.98
N MET A 20 -3.94 5.67 10.90
CA MET A 20 -2.72 6.46 10.88
C MET A 20 -2.99 7.88 10.38
N ILE A 21 -4.01 8.04 9.56
CA ILE A 21 -4.27 9.31 8.90
C ILE A 21 -5.36 10.07 9.65
N ALA A 22 -5.42 9.84 10.95
CA ALA A 22 -6.33 10.56 11.83
C ALA A 22 -5.53 11.38 12.84
N GLY A 23 -6.18 12.39 13.41
CA GLY A 23 -5.52 13.24 14.38
C GLY A 23 -4.82 14.42 13.71
N ARG A 24 -3.80 14.13 12.91
CA ARG A 24 -3.06 15.14 12.18
C ARG A 24 -2.51 14.54 10.90
N TRP A 25 -2.99 15.08 9.79
CA TRP A 25 -2.66 14.56 8.48
C TRP A 25 -2.58 15.69 7.45
N LYS A 26 -3.57 16.58 7.46
CA LYS A 26 -3.68 17.69 6.50
C LYS A 26 -3.85 17.20 5.06
N HIS A 27 -5.01 17.51 4.50
CA HIS A 27 -5.37 17.12 3.13
C HIS A 27 -5.40 15.61 2.96
N PRO A 28 -6.52 14.98 3.34
CA PRO A 28 -6.68 13.53 3.26
C PRO A 28 -6.88 13.07 1.83
N ASN A 29 -7.38 13.96 0.99
CA ASN A 29 -7.70 13.65 -0.39
C ASN A 29 -6.44 13.32 -1.19
N ILE A 30 -5.31 13.89 -0.78
CA ILE A 30 -4.04 13.63 -1.44
C ILE A 30 -3.69 12.15 -1.37
N VAL A 31 -3.72 11.60 -0.16
CA VAL A 31 -3.39 10.19 0.02
C VAL A 31 -4.56 9.31 -0.44
N ARG A 32 -5.79 9.79 -0.27
CA ARG A 32 -6.97 9.06 -0.73
C ARG A 32 -6.95 8.86 -2.24
N SER A 33 -6.50 9.88 -2.98
CA SER A 33 -6.37 9.76 -4.43
C SER A 33 -5.46 8.59 -4.78
N ARG A 34 -4.44 8.39 -3.96
CA ARG A 34 -3.51 7.29 -4.15
C ARG A 34 -4.13 5.97 -3.67
N ILE A 35 -4.72 5.98 -2.49
CA ILE A 35 -5.33 4.77 -1.93
C ILE A 35 -6.36 4.16 -2.87
N GLU A 36 -7.27 4.98 -3.39
CA GLU A 36 -8.36 4.49 -4.22
C GLU A 36 -7.89 4.10 -5.62
N LYS A 37 -6.90 4.82 -6.15
CA LYS A 37 -6.51 4.65 -7.54
C LYS A 37 -5.16 3.97 -7.67
N ASP A 38 -4.13 4.54 -7.04
CA ASP A 38 -2.77 4.06 -7.20
C ASP A 38 -2.53 2.77 -6.42
N ILE A 39 -3.10 2.70 -5.22
CA ILE A 39 -2.94 1.53 -4.36
C ILE A 39 -3.87 0.41 -4.83
N LYS A 40 -5.05 0.79 -5.31
CA LYS A 40 -5.97 -0.16 -5.91
C LYS A 40 -6.24 0.18 -7.37
N PRO A 41 -5.31 -0.13 -8.27
CA PRO A 41 -5.46 0.16 -9.70
C PRO A 41 -6.39 -0.84 -10.39
N ALA A 42 -6.60 -1.98 -9.73
CA ALA A 42 -7.45 -3.03 -10.26
C ALA A 42 -7.74 -4.06 -9.18
N ILE A 43 -6.74 -4.31 -8.35
CA ILE A 43 -6.87 -5.25 -7.25
C ILE A 43 -7.64 -4.63 -6.07
N GLY A 44 -8.93 -4.47 -6.26
CA GLY A 44 -9.79 -3.95 -5.22
C GLY A 44 -11.07 -4.74 -5.12
N SER A 45 -11.56 -4.96 -3.90
CA SER A 45 -12.72 -5.81 -3.68
C SER A 45 -12.48 -7.20 -4.27
N LEU A 46 -11.22 -7.62 -4.23
CA LEU A 46 -10.79 -8.89 -4.80
C LEU A 46 -10.24 -9.77 -3.67
N LYS A 47 -10.84 -9.64 -2.49
CA LYS A 47 -10.30 -10.23 -1.26
C LYS A 47 -8.88 -9.75 -0.97
N VAL A 48 -8.36 -10.14 0.18
CA VAL A 48 -7.01 -9.78 0.56
C VAL A 48 -6.02 -10.79 0.00
N GLU A 49 -6.35 -12.06 0.18
CA GLU A 49 -5.44 -13.17 -0.08
C GLU A 49 -5.19 -13.36 -1.58
N ASP A 50 -5.91 -12.62 -2.41
CA ASP A 50 -5.76 -12.74 -3.85
C ASP A 50 -4.70 -11.76 -4.36
N VAL A 51 -4.22 -10.89 -3.48
CA VAL A 51 -3.17 -9.96 -3.88
C VAL A 51 -1.85 -10.72 -3.98
N LYS A 52 -1.53 -11.11 -5.20
CA LYS A 52 -0.39 -11.96 -5.48
C LYS A 52 0.69 -11.15 -6.19
N PRO A 53 1.95 -11.62 -6.14
CA PRO A 53 3.10 -10.91 -6.72
C PRO A 53 2.86 -10.41 -8.14
N ARG A 54 2.28 -11.27 -8.98
CA ARG A 54 2.10 -10.94 -10.38
C ARG A 54 1.00 -9.88 -10.55
N HIS A 55 0.02 -9.89 -9.65
CA HIS A 55 -0.99 -8.85 -9.63
C HIS A 55 -0.37 -7.49 -9.32
N ILE A 56 0.65 -7.52 -8.46
CA ILE A 56 1.34 -6.29 -8.05
C ILE A 56 2.30 -5.80 -9.13
N ASP A 57 3.05 -6.70 -9.75
CA ASP A 57 4.05 -6.32 -10.73
C ASP A 57 3.39 -5.62 -11.92
N ASP A 58 2.20 -6.08 -12.27
CA ASP A 58 1.45 -5.53 -13.37
C ASP A 58 0.90 -4.14 -13.03
N VAL A 59 0.34 -3.98 -11.84
CA VAL A 59 -0.26 -2.71 -11.45
C VAL A 59 0.81 -1.64 -11.21
N LEU A 60 1.96 -2.04 -10.67
CA LEU A 60 3.07 -1.11 -10.47
C LEU A 60 3.62 -0.64 -11.81
N LYS A 61 3.62 -1.54 -12.79
CA LYS A 61 4.04 -1.23 -14.15
C LYS A 61 3.12 -0.16 -14.75
N ALA A 62 1.86 -0.19 -14.34
CA ALA A 62 0.90 0.80 -14.79
C ALA A 62 1.14 2.14 -14.10
N VAL A 63 1.20 2.13 -12.77
CA VAL A 63 1.33 3.36 -12.00
C VAL A 63 2.67 4.07 -12.23
N MET A 64 3.70 3.31 -12.57
CA MET A 64 5.03 3.90 -12.81
C MET A 64 5.03 4.70 -14.10
N LYS A 65 4.15 4.35 -15.02
CA LYS A 65 4.02 5.06 -16.27
C LYS A 65 3.02 6.19 -16.11
N ARG A 66 1.96 5.91 -15.36
CA ARG A 66 0.92 6.89 -15.09
C ARG A 66 1.48 8.14 -14.41
N GLY A 67 2.43 7.93 -13.51
CA GLY A 67 3.05 9.05 -12.83
C GLY A 67 4.53 9.10 -13.07
N ALA A 68 5.27 8.33 -12.28
CA ALA A 68 6.72 8.28 -12.37
C ALA A 68 7.23 7.06 -11.64
N PRO A 69 8.41 6.56 -12.01
CA PRO A 69 8.98 5.37 -11.39
C PRO A 69 9.25 5.59 -9.91
N SER A 70 9.67 6.80 -9.57
CA SER A 70 9.93 7.19 -8.19
C SER A 70 8.66 7.07 -7.36
N ILE A 71 7.51 7.31 -7.99
CA ILE A 71 6.22 7.22 -7.30
C ILE A 71 5.89 5.77 -6.98
N ALA A 72 6.25 4.87 -7.89
CA ALA A 72 6.02 3.45 -7.67
C ALA A 72 6.88 2.94 -6.51
N ASN A 73 8.08 3.50 -6.39
CA ASN A 73 8.99 3.13 -5.32
C ASN A 73 8.48 3.68 -4.00
N ASP A 74 7.94 4.89 -4.07
CA ASP A 74 7.35 5.54 -2.90
C ASP A 74 6.10 4.79 -2.44
N THR A 75 5.36 4.26 -3.40
CA THR A 75 4.18 3.47 -3.12
C THR A 75 4.55 2.20 -2.35
N LEU A 76 5.73 1.67 -2.64
CA LEU A 76 6.25 0.48 -1.96
C LEU A 76 6.38 0.73 -0.45
N ARG A 77 6.66 1.98 -0.10
CA ARG A 77 6.80 2.37 1.30
C ARG A 77 5.49 2.17 2.03
N TRP A 78 4.39 2.50 1.36
CA TRP A 78 3.06 2.28 1.89
C TRP A 78 2.68 0.80 1.82
N LEU A 79 2.99 0.16 0.69
CA LEU A 79 2.69 -1.26 0.49
C LEU A 79 3.34 -2.10 1.60
N LYS A 80 4.58 -1.76 1.92
CA LYS A 80 5.32 -2.38 3.01
C LYS A 80 4.46 -2.47 4.27
N ARG A 81 4.01 -1.33 4.75
CA ARG A 81 3.22 -1.25 5.97
C ARG A 81 1.89 -1.97 5.83
N MET A 82 1.22 -1.77 4.70
CA MET A 82 -0.11 -2.34 4.48
C MET A 82 -0.07 -3.87 4.49
N PHE A 83 0.87 -4.44 3.74
CA PHE A 83 0.96 -5.90 3.63
C PHE A 83 1.53 -6.51 4.90
N ASN A 84 2.47 -5.83 5.52
CA ASN A 84 3.05 -6.29 6.79
C ASN A 84 1.95 -6.40 7.85
N TYR A 85 1.09 -5.39 7.89
CA TYR A 85 -0.03 -5.38 8.82
C TYR A 85 -0.96 -6.56 8.56
N ALA A 86 -1.14 -6.89 7.30
CA ALA A 86 -2.03 -7.98 6.92
C ALA A 86 -1.46 -9.34 7.36
N ILE A 87 -0.15 -9.51 7.23
CA ILE A 87 0.50 -10.73 7.71
C ILE A 87 0.46 -10.77 9.23
N LYS A 88 0.68 -9.60 9.83
CA LYS A 88 0.56 -9.43 11.28
C LYS A 88 -0.83 -9.84 11.73
N ARG A 89 -1.84 -9.45 10.96
CA ARG A 89 -3.22 -9.79 11.26
C ARG A 89 -3.58 -11.16 10.67
N HIS A 90 -2.54 -11.93 10.34
CA HIS A 90 -2.64 -13.31 9.83
C HIS A 90 -3.58 -13.45 8.63
N ILE A 91 -3.72 -12.39 7.86
CA ILE A 91 -4.63 -12.41 6.71
C ILE A 91 -3.94 -13.01 5.49
N ILE A 92 -2.76 -12.49 5.15
CA ILE A 92 -2.06 -12.95 3.96
C ILE A 92 -0.70 -13.56 4.32
N GLU A 93 -0.20 -14.41 3.43
CA GLU A 93 1.09 -15.05 3.61
C GLU A 93 2.06 -14.61 2.51
N TYR A 94 1.51 -14.11 1.41
CA TYR A 94 2.31 -13.82 0.22
C TYR A 94 3.20 -12.60 0.40
N ASN A 95 2.60 -11.51 0.87
CA ASN A 95 3.25 -10.22 0.90
C ASN A 95 3.81 -9.87 -0.49
N PRO A 96 2.91 -9.53 -1.42
CA PRO A 96 3.26 -9.36 -2.84
C PRO A 96 4.13 -8.13 -3.11
N ALA A 97 4.44 -7.38 -2.06
CA ALA A 97 5.30 -6.22 -2.21
C ALA A 97 6.74 -6.66 -2.44
N ALA A 98 7.02 -7.91 -2.09
CA ALA A 98 8.34 -8.48 -2.26
C ALA A 98 8.59 -8.83 -3.72
N ALA A 99 7.55 -8.70 -4.54
CA ALA A 99 7.67 -8.96 -5.97
C ALA A 99 8.44 -7.85 -6.66
N PHE A 100 8.60 -6.75 -5.95
CA PHE A 100 9.37 -5.62 -6.46
C PHE A 100 10.46 -5.26 -5.46
N ASP A 101 10.04 -4.73 -4.32
CA ASP A 101 10.93 -4.38 -3.21
C ASP A 101 11.87 -3.22 -3.56
N PRO A 102 11.86 -2.15 -2.75
CA PRO A 102 12.73 -0.98 -2.96
C PRO A 102 14.18 -1.25 -2.59
N GLY A 103 14.41 -2.28 -1.79
CA GLY A 103 15.75 -2.62 -1.38
C GLY A 103 16.36 -1.58 -0.46
N ASP A 104 17.57 -1.16 -0.79
CA ASP A 104 18.32 -0.21 0.03
C ASP A 104 18.33 1.16 -0.62
N ALA A 105 17.54 1.32 -1.67
CA ALA A 105 17.52 2.55 -2.46
C ALA A 105 17.37 3.80 -1.58
N GLY A 106 18.39 4.65 -1.62
CA GLY A 106 18.36 5.89 -0.89
C GLY A 106 18.27 7.08 -1.81
N GLY A 107 17.29 7.94 -1.59
CA GLY A 107 17.05 9.05 -2.49
C GLY A 107 17.74 10.32 -2.06
N LYS A 108 18.20 10.36 -0.81
CA LYS A 108 18.75 11.57 -0.21
C LYS A 108 17.70 12.67 -0.09
N LEU A 109 17.47 13.10 1.15
CA LEU A 109 16.43 14.08 1.44
C LEU A 109 16.87 15.46 0.97
N GLU A 110 18.18 15.70 1.00
CA GLU A 110 18.73 16.93 0.47
C GLU A 110 18.63 16.95 -1.04
N HIS A 111 17.56 17.55 -1.54
CA HIS A 111 17.31 17.59 -2.97
C HIS A 111 17.61 18.98 -3.51
N HIS A 112 17.03 19.99 -2.89
CA HIS A 112 17.39 21.37 -3.19
C HIS A 112 17.47 22.17 -1.90
N HIS A 113 16.34 22.30 -1.20
CA HIS A 113 16.28 22.94 0.12
C HIS A 113 16.64 24.42 0.07
N HIS A 114 16.71 25.03 1.26
CA HIS A 114 17.16 26.40 1.47
C HIS A 114 16.16 27.44 0.94
N HIS A 115 15.94 27.43 -0.38
CA HIS A 115 15.13 28.44 -1.07
C HIS A 115 15.82 29.80 -1.05
N HIS A 116 16.19 30.28 -2.24
CA HIS A 116 16.81 31.60 -2.37
C HIS A 116 16.85 32.01 -3.84
N MET A 1 -13.31 -12.62 10.25
CA MET A 1 -13.94 -12.92 8.94
C MET A 1 -15.33 -12.31 8.88
N ALA A 2 -15.87 -12.18 7.67
CA ALA A 2 -17.22 -11.70 7.49
C ALA A 2 -18.14 -12.88 7.19
N GLU A 3 -18.40 -13.69 8.22
CA GLU A 3 -19.24 -14.88 8.13
C GLU A 3 -18.58 -15.96 7.28
N LYS A 4 -18.50 -15.72 5.99
CA LYS A 4 -18.03 -16.74 5.04
C LYS A 4 -16.53 -16.66 4.81
N ASN A 5 -15.99 -15.46 4.69
CA ASN A 5 -14.60 -15.30 4.27
C ASN A 5 -14.01 -14.00 4.81
N ALA A 6 -12.70 -13.79 4.62
CA ALA A 6 -12.03 -12.58 5.08
C ALA A 6 -12.33 -11.42 4.12
N TYR A 7 -11.99 -10.21 4.55
CA TYR A 7 -12.26 -9.02 3.76
C TYR A 7 -11.21 -8.79 2.69
N THR A 8 -11.40 -7.74 1.89
CA THR A 8 -10.53 -7.45 0.77
C THR A 8 -9.47 -6.41 1.12
N VAL A 9 -8.54 -6.17 0.21
CA VAL A 9 -7.53 -5.15 0.42
C VAL A 9 -8.14 -3.76 0.42
N ALA A 10 -9.30 -3.61 -0.22
CA ALA A 10 -10.03 -2.35 -0.18
C ALA A 10 -10.46 -2.04 1.24
N GLN A 11 -10.94 -3.05 1.95
CA GLN A 11 -11.34 -2.91 3.34
C GLN A 11 -10.12 -2.85 4.24
N LEU A 12 -9.07 -3.57 3.84
CA LEU A 12 -7.81 -3.55 4.55
C LEU A 12 -7.20 -2.15 4.52
N ALA A 13 -7.20 -1.54 3.33
CA ALA A 13 -6.68 -0.19 3.15
C ALA A 13 -7.52 0.82 3.91
N ASP A 14 -8.80 0.50 4.08
CA ASP A 14 -9.70 1.35 4.86
C ASP A 14 -9.31 1.31 6.33
N GLU A 15 -9.08 0.12 6.83
CA GLU A 15 -8.62 -0.08 8.20
C GLU A 15 -7.21 0.50 8.37
N TYR A 16 -6.41 0.34 7.34
CA TYR A 16 -5.07 0.92 7.28
C TYR A 16 -5.13 2.44 7.34
N PHE A 17 -6.10 3.02 6.64
CA PHE A 17 -6.28 4.46 6.58
C PHE A 17 -6.55 5.05 7.96
N GLU A 18 -7.52 4.48 8.67
CA GLU A 18 -7.92 5.01 9.97
C GLU A 18 -6.84 4.77 11.03
N ARG A 19 -5.96 3.82 10.77
CA ARG A 19 -4.85 3.53 11.67
C ARG A 19 -3.66 4.47 11.45
N MET A 20 -3.15 4.52 10.23
CA MET A 20 -1.89 5.22 9.97
C MET A 20 -2.09 6.65 9.49
N ILE A 21 -3.22 6.95 8.85
CA ILE A 21 -3.49 8.28 8.33
C ILE A 21 -4.13 9.14 9.42
N ALA A 22 -3.90 8.74 10.67
CA ALA A 22 -4.38 9.51 11.82
C ALA A 22 -3.21 10.17 12.54
N GLY A 23 -1.99 9.82 12.15
CA GLY A 23 -0.81 10.35 12.80
C GLY A 23 -0.38 11.68 12.22
N ARG A 24 0.14 11.65 11.00
CA ARG A 24 0.54 12.85 10.31
C ARG A 24 0.45 12.59 8.82
N TRP A 25 -0.32 13.40 8.15
CA TRP A 25 -0.55 13.25 6.74
C TRP A 25 -0.71 14.60 6.05
N LYS A 26 -1.41 15.53 6.70
CA LYS A 26 -1.49 16.93 6.25
C LYS A 26 -2.14 17.08 4.87
N HIS A 27 -2.88 16.06 4.45
CA HIS A 27 -3.63 16.08 3.20
C HIS A 27 -4.59 14.89 3.13
N PRO A 28 -5.77 15.03 3.75
CA PRO A 28 -6.70 13.91 3.97
C PRO A 28 -7.22 13.28 2.68
N ASN A 29 -7.83 14.07 1.82
CA ASN A 29 -8.40 13.55 0.59
C ASN A 29 -7.32 13.33 -0.44
N ILE A 30 -6.32 14.21 -0.44
CA ILE A 30 -5.20 14.13 -1.39
C ILE A 30 -4.52 12.77 -1.32
N VAL A 31 -4.25 12.29 -0.11
CA VAL A 31 -3.61 10.99 0.05
C VAL A 31 -4.58 9.88 -0.31
N ARG A 32 -5.87 10.12 -0.06
CA ARG A 32 -6.89 9.13 -0.32
C ARG A 32 -7.13 8.97 -1.82
N SER A 33 -7.02 10.07 -2.56
CA SER A 33 -7.11 10.03 -4.01
C SER A 33 -6.01 9.14 -4.58
N ARG A 34 -4.84 9.17 -3.93
CA ARG A 34 -3.75 8.28 -4.30
C ARG A 34 -4.10 6.86 -3.91
N ILE A 35 -4.63 6.68 -2.71
CA ILE A 35 -4.99 5.35 -2.23
C ILE A 35 -5.97 4.66 -3.18
N GLU A 36 -6.98 5.39 -3.63
CA GLU A 36 -8.02 4.80 -4.48
C GLU A 36 -7.55 4.62 -5.92
N LYS A 37 -6.37 5.15 -6.24
CA LYS A 37 -5.84 5.03 -7.58
C LYS A 37 -4.62 4.10 -7.60
N ASP A 38 -3.72 4.29 -6.64
CA ASP A 38 -2.52 3.48 -6.49
C ASP A 38 -2.86 2.11 -5.93
N ILE A 39 -3.55 2.11 -4.80
CA ILE A 39 -3.86 0.87 -4.09
C ILE A 39 -5.03 0.14 -4.76
N LYS A 40 -5.91 0.89 -5.41
CA LYS A 40 -7.06 0.30 -6.08
C LYS A 40 -7.02 0.57 -7.58
N PRO A 41 -6.14 -0.10 -8.33
CA PRO A 41 -6.14 -0.01 -9.80
C PRO A 41 -7.32 -0.77 -10.39
N ALA A 42 -7.42 -2.05 -10.04
CA ALA A 42 -8.54 -2.89 -10.45
C ALA A 42 -8.58 -4.15 -9.59
N ILE A 43 -7.92 -4.08 -8.44
CA ILE A 43 -7.77 -5.24 -7.57
C ILE A 43 -8.24 -4.92 -6.15
N GLY A 44 -9.13 -3.94 -6.02
CA GLY A 44 -9.61 -3.55 -4.71
C GLY A 44 -10.32 -4.69 -3.99
N SER A 45 -11.08 -5.47 -4.74
CA SER A 45 -11.82 -6.59 -4.17
C SER A 45 -11.09 -7.90 -4.39
N LEU A 46 -9.78 -7.84 -4.57
CA LEU A 46 -8.98 -9.02 -4.87
C LEU A 46 -8.55 -9.73 -3.59
N LYS A 47 -9.31 -9.53 -2.51
CA LYS A 47 -9.03 -10.14 -1.22
C LYS A 47 -7.66 -9.74 -0.65
N VAL A 48 -7.47 -9.98 0.64
CA VAL A 48 -6.17 -9.82 1.27
C VAL A 48 -5.31 -11.05 1.01
N GLU A 49 -5.97 -12.20 0.93
CA GLU A 49 -5.29 -13.48 0.75
C GLU A 49 -5.04 -13.77 -0.74
N ASP A 50 -5.81 -13.11 -1.58
CA ASP A 50 -5.88 -13.47 -3.00
C ASP A 50 -5.11 -12.48 -3.87
N VAL A 51 -4.43 -11.54 -3.24
CA VAL A 51 -3.65 -10.55 -3.96
C VAL A 51 -2.22 -11.07 -4.17
N LYS A 52 -1.92 -11.44 -5.41
CA LYS A 52 -0.60 -11.96 -5.74
C LYS A 52 0.28 -10.86 -6.33
N PRO A 53 1.61 -11.02 -6.20
CA PRO A 53 2.59 -10.00 -6.61
C PRO A 53 2.59 -9.72 -8.11
N ARG A 54 1.98 -10.62 -8.88
CA ARG A 54 1.88 -10.45 -10.32
C ARG A 54 1.12 -9.15 -10.63
N HIS A 55 0.00 -8.97 -9.97
CA HIS A 55 -0.84 -7.80 -10.15
C HIS A 55 -0.14 -6.55 -9.61
N ILE A 56 0.61 -6.75 -8.53
CA ILE A 56 1.39 -5.67 -7.93
C ILE A 56 2.39 -5.10 -8.94
N ASP A 57 2.98 -5.97 -9.74
CA ASP A 57 3.91 -5.54 -10.79
C ASP A 57 3.18 -4.72 -11.84
N ASP A 58 1.97 -5.14 -12.16
CA ASP A 58 1.16 -4.46 -13.18
C ASP A 58 0.82 -3.03 -12.78
N VAL A 59 0.40 -2.82 -11.55
CA VAL A 59 0.04 -1.48 -11.11
C VAL A 59 1.28 -0.58 -11.07
N LEU A 60 2.42 -1.12 -10.65
CA LEU A 60 3.66 -0.36 -10.62
C LEU A 60 4.11 -0.01 -12.04
N LYS A 61 3.90 -0.94 -12.96
CA LYS A 61 4.18 -0.72 -14.36
C LYS A 61 3.34 0.43 -14.90
N ALA A 62 2.11 0.53 -14.42
CA ALA A 62 1.22 1.59 -14.83
C ALA A 62 1.63 2.93 -14.23
N VAL A 63 1.86 2.95 -12.92
CA VAL A 63 2.18 4.19 -12.22
C VAL A 63 3.54 4.75 -12.66
N MET A 64 4.44 3.88 -13.12
CA MET A 64 5.75 4.33 -13.58
C MET A 64 5.65 4.94 -14.99
N LYS A 65 4.61 4.57 -15.74
CA LYS A 65 4.45 5.06 -17.10
C LYS A 65 3.53 6.28 -17.14
N ARG A 66 2.48 6.25 -16.32
CA ARG A 66 1.55 7.36 -16.25
C ARG A 66 2.03 8.42 -15.25
N GLY A 67 3.16 8.12 -14.61
CA GLY A 67 3.72 9.04 -13.65
C GLY A 67 5.23 9.04 -13.67
N ALA A 68 5.83 8.54 -12.60
CA ALA A 68 7.28 8.55 -12.46
C ALA A 68 7.75 7.30 -11.71
N PRO A 69 8.93 6.77 -12.08
CA PRO A 69 9.51 5.59 -11.43
C PRO A 69 9.81 5.82 -9.95
N SER A 70 10.04 7.07 -9.57
CA SER A 70 10.28 7.41 -8.17
C SER A 70 9.00 7.23 -7.37
N ILE A 71 7.86 7.45 -8.01
CA ILE A 71 6.58 7.25 -7.37
C ILE A 71 6.27 5.76 -7.28
N ALA A 72 6.65 5.04 -8.33
CA ALA A 72 6.41 3.59 -8.41
C ALA A 72 7.04 2.86 -7.22
N ASN A 73 8.31 3.14 -6.94
CA ASN A 73 9.00 2.45 -5.86
C ASN A 73 8.45 2.90 -4.50
N ASP A 74 8.00 4.15 -4.44
CA ASP A 74 7.43 4.68 -3.22
C ASP A 74 6.10 4.01 -2.89
N THR A 75 5.27 3.85 -3.92
CA THR A 75 4.00 3.15 -3.78
C THR A 75 4.21 1.69 -3.39
N LEU A 76 5.28 1.08 -3.92
CA LEU A 76 5.66 -0.29 -3.56
C LEU A 76 5.88 -0.36 -2.05
N ARG A 77 6.59 0.63 -1.52
CA ARG A 77 6.85 0.73 -0.09
C ARG A 77 5.55 0.90 0.69
N TRP A 78 4.67 1.72 0.15
CA TRP A 78 3.36 1.96 0.74
C TRP A 78 2.56 0.66 0.79
N LEU A 79 2.59 -0.09 -0.30
CA LEU A 79 1.93 -1.40 -0.37
C LEU A 79 2.47 -2.32 0.72
N LYS A 80 3.78 -2.29 0.90
CA LYS A 80 4.45 -3.10 1.89
C LYS A 80 3.91 -2.81 3.28
N ARG A 81 3.62 -1.53 3.54
CA ARG A 81 3.04 -1.13 4.82
C ARG A 81 1.67 -1.76 5.00
N MET A 82 0.85 -1.69 3.96
CA MET A 82 -0.51 -2.22 4.01
C MET A 82 -0.50 -3.73 4.21
N PHE A 83 0.33 -4.43 3.45
CA PHE A 83 0.43 -5.88 3.57
C PHE A 83 0.97 -6.27 4.94
N ASN A 84 1.94 -5.51 5.44
CA ASN A 84 2.52 -5.77 6.76
C ASN A 84 1.44 -5.75 7.84
N TYR A 85 0.45 -4.87 7.68
CA TYR A 85 -0.66 -4.80 8.61
C TYR A 85 -1.49 -6.07 8.55
N ALA A 86 -1.58 -6.67 7.37
CA ALA A 86 -2.32 -7.91 7.20
C ALA A 86 -1.65 -9.06 7.95
N ILE A 87 -0.32 -9.00 8.07
CA ILE A 87 0.43 -9.98 8.84
C ILE A 87 0.10 -9.85 10.33
N LYS A 88 0.12 -8.63 10.86
CA LYS A 88 -0.22 -8.42 12.26
C LYS A 88 -1.71 -8.62 12.50
N ARG A 89 -2.48 -8.53 11.41
CA ARG A 89 -3.91 -8.85 11.44
C ARG A 89 -4.11 -10.36 11.43
N HIS A 90 -3.02 -11.07 11.15
CA HIS A 90 -2.99 -12.54 11.14
C HIS A 90 -3.82 -13.11 9.98
N ILE A 91 -4.07 -12.27 8.99
CA ILE A 91 -4.80 -12.70 7.80
C ILE A 91 -3.87 -13.51 6.91
N ILE A 92 -2.79 -12.87 6.49
CA ILE A 92 -1.78 -13.52 5.67
C ILE A 92 -0.43 -13.39 6.34
N GLU A 93 0.47 -14.32 6.03
CA GLU A 93 1.80 -14.29 6.61
C GLU A 93 2.83 -14.14 5.51
N TYR A 94 2.40 -13.62 4.37
CA TYR A 94 3.26 -13.39 3.24
C TYR A 94 3.07 -11.97 2.72
N ASN A 95 4.17 -11.32 2.40
CA ASN A 95 4.14 -9.95 1.92
C ASN A 95 4.61 -9.90 0.47
N PRO A 96 3.67 -10.05 -0.48
CA PRO A 96 3.98 -10.12 -1.92
C PRO A 96 4.79 -8.93 -2.44
N ALA A 97 4.70 -7.80 -1.73
CA ALA A 97 5.41 -6.60 -2.14
C ALA A 97 6.90 -6.70 -1.83
N ALA A 98 7.25 -7.54 -0.87
CA ALA A 98 8.64 -7.68 -0.44
C ALA A 98 9.44 -8.52 -1.43
N ALA A 99 8.77 -9.07 -2.42
CA ALA A 99 9.43 -9.91 -3.42
C ALA A 99 10.12 -9.05 -4.47
N PHE A 100 9.93 -7.73 -4.37
CA PHE A 100 10.52 -6.81 -5.32
C PHE A 100 11.26 -5.68 -4.61
N ASP A 101 12.57 -5.63 -4.78
CA ASP A 101 13.35 -4.51 -4.28
C ASP A 101 13.59 -3.52 -5.41
N PRO A 102 13.03 -2.31 -5.26
CA PRO A 102 13.01 -1.31 -6.33
C PRO A 102 14.40 -0.84 -6.78
N GLY A 103 14.81 -1.37 -7.90
CA GLY A 103 16.03 -0.92 -8.55
C GLY A 103 17.27 -1.08 -7.69
N ASP A 104 17.92 0.03 -7.41
CA ASP A 104 19.14 0.03 -6.61
C ASP A 104 18.89 0.66 -5.25
N ALA A 105 18.81 1.99 -5.24
CA ALA A 105 18.59 2.76 -4.03
C ALA A 105 18.66 4.25 -4.36
N GLY A 106 19.72 4.62 -5.05
CA GLY A 106 19.90 6.00 -5.45
C GLY A 106 20.53 6.83 -4.34
N GLY A 107 20.83 8.08 -4.65
CA GLY A 107 21.42 8.96 -3.67
C GLY A 107 22.44 9.88 -4.29
N LYS A 108 23.22 9.32 -5.21
CA LYS A 108 24.24 10.09 -5.91
C LYS A 108 24.57 9.42 -7.23
N LEU A 109 25.60 9.92 -7.90
CA LEU A 109 25.92 9.46 -9.26
C LEU A 109 27.34 9.84 -9.66
N GLU A 110 27.67 9.54 -10.92
CA GLU A 110 28.98 9.83 -11.48
C GLU A 110 28.99 11.24 -12.08
N HIS A 111 30.04 11.55 -12.84
CA HIS A 111 30.13 12.83 -13.54
C HIS A 111 29.37 12.73 -14.85
N HIS A 112 28.72 11.59 -15.05
CA HIS A 112 27.91 11.30 -16.21
C HIS A 112 26.63 12.14 -16.19
N HIS A 113 26.13 12.54 -17.37
CA HIS A 113 24.93 13.38 -17.49
C HIS A 113 25.17 14.79 -16.96
N HIS A 114 26.39 15.09 -16.56
CA HIS A 114 26.73 16.43 -16.11
C HIS A 114 27.60 17.14 -17.14
N HIS A 115 27.86 16.45 -18.23
CA HIS A 115 28.56 17.04 -19.38
C HIS A 115 28.37 16.14 -20.59
N HIS A 116 28.42 16.73 -21.77
CA HIS A 116 28.24 15.99 -23.01
C HIS A 116 29.59 15.61 -23.61
N MET A 1 -19.05 -12.13 6.58
CA MET A 1 -17.91 -12.99 6.18
C MET A 1 -16.60 -12.27 6.40
N ALA A 2 -16.51 -11.04 5.90
CA ALA A 2 -15.31 -10.23 6.05
C ALA A 2 -15.66 -8.90 6.71
N GLU A 3 -16.68 -8.92 7.57
CA GLU A 3 -17.20 -7.70 8.17
C GLU A 3 -16.53 -7.42 9.52
N LYS A 4 -15.50 -8.17 9.84
CA LYS A 4 -14.78 -7.99 11.09
C LYS A 4 -13.27 -8.09 10.89
N ASN A 5 -12.85 -9.03 10.04
CA ASN A 5 -11.44 -9.20 9.72
C ASN A 5 -11.32 -9.95 8.41
N ALA A 6 -10.08 -10.03 7.89
CA ALA A 6 -9.82 -10.66 6.59
C ALA A 6 -10.61 -9.97 5.49
N TYR A 7 -10.29 -8.69 5.29
CA TYR A 7 -10.99 -7.86 4.33
C TYR A 7 -10.55 -8.17 2.91
N THR A 8 -11.10 -7.44 1.96
CA THR A 8 -10.61 -7.46 0.60
C THR A 8 -9.39 -6.54 0.50
N VAL A 9 -8.69 -6.59 -0.61
CA VAL A 9 -7.50 -5.77 -0.78
C VAL A 9 -7.85 -4.28 -0.82
N ALA A 10 -9.08 -3.99 -1.21
CA ALA A 10 -9.58 -2.63 -1.22
C ALA A 10 -9.88 -2.15 0.20
N GLN A 11 -10.61 -2.97 0.95
CA GLN A 11 -10.98 -2.62 2.33
C GLN A 11 -9.77 -2.56 3.25
N LEU A 12 -8.69 -3.22 2.86
CA LEU A 12 -7.45 -3.16 3.62
C LEU A 12 -6.92 -1.74 3.67
N ALA A 13 -7.20 -0.98 2.61
CA ALA A 13 -6.79 0.41 2.54
C ALA A 13 -7.55 1.24 3.57
N ASP A 14 -8.84 0.96 3.71
CA ASP A 14 -9.68 1.64 4.69
C ASP A 14 -9.17 1.36 6.10
N GLU A 15 -8.80 0.11 6.33
CA GLU A 15 -8.27 -0.32 7.62
C GLU A 15 -6.92 0.33 7.90
N TYR A 16 -6.07 0.37 6.90
CA TYR A 16 -4.71 0.89 7.06
C TYR A 16 -4.69 2.41 7.24
N PHE A 17 -5.43 3.14 6.40
CA PHE A 17 -5.36 4.59 6.40
C PHE A 17 -5.93 5.15 7.71
N GLU A 18 -6.90 4.45 8.27
CA GLU A 18 -7.55 4.88 9.50
C GLU A 18 -6.57 4.91 10.66
N ARG A 19 -5.48 4.14 10.53
CA ARG A 19 -4.53 4.02 11.61
C ARG A 19 -3.32 4.93 11.38
N MET A 20 -2.77 4.90 10.17
CA MET A 20 -1.53 5.62 9.88
C MET A 20 -1.79 7.01 9.31
N ILE A 21 -2.92 7.18 8.66
CA ILE A 21 -3.26 8.45 8.01
C ILE A 21 -4.30 9.18 8.85
N ALA A 22 -4.24 8.95 10.15
CA ALA A 22 -5.12 9.63 11.08
C ALA A 22 -4.33 10.58 11.99
N GLY A 23 -3.06 10.78 11.66
CA GLY A 23 -2.23 11.69 12.42
C GLY A 23 -2.20 13.07 11.80
N ARG A 24 -1.14 13.39 11.10
CA ARG A 24 -1.05 14.64 10.37
C ARG A 24 -0.79 14.35 8.90
N TRP A 25 -1.86 14.26 8.14
CA TRP A 25 -1.78 13.98 6.72
C TRP A 25 -2.23 15.20 5.92
N LYS A 26 -3.34 15.79 6.34
CA LYS A 26 -3.91 16.99 5.72
C LYS A 26 -4.45 16.72 4.32
N HIS A 27 -5.56 17.38 4.01
CA HIS A 27 -6.24 17.21 2.72
C HIS A 27 -6.49 15.72 2.44
N PRO A 28 -7.37 15.09 3.25
CA PRO A 28 -7.59 13.63 3.23
C PRO A 28 -7.92 13.08 1.84
N ASN A 29 -8.58 13.90 1.02
CA ASN A 29 -8.96 13.48 -0.32
C ASN A 29 -7.73 13.22 -1.20
N ILE A 30 -6.69 14.00 -0.99
CA ILE A 30 -5.47 13.89 -1.78
C ILE A 30 -4.83 12.51 -1.60
N VAL A 31 -4.63 12.12 -0.35
CA VAL A 31 -4.02 10.83 -0.05
C VAL A 31 -4.98 9.69 -0.40
N ARG A 32 -6.26 9.91 -0.19
CA ARG A 32 -7.27 8.91 -0.52
C ARG A 32 -7.22 8.56 -2.01
N SER A 33 -7.11 9.59 -2.84
CA SER A 33 -7.04 9.42 -4.28
C SER A 33 -5.89 8.49 -4.66
N ARG A 34 -4.70 8.78 -4.13
CA ARG A 34 -3.52 7.98 -4.42
C ARG A 34 -3.72 6.52 -4.03
N ILE A 35 -4.32 6.31 -2.87
CA ILE A 35 -4.55 4.96 -2.39
C ILE A 35 -5.47 4.17 -3.32
N GLU A 36 -6.51 4.82 -3.81
CA GLU A 36 -7.57 4.12 -4.52
C GLU A 36 -7.29 3.97 -6.02
N LYS A 37 -6.65 4.95 -6.64
CA LYS A 37 -6.43 4.86 -8.09
C LYS A 37 -4.96 4.63 -8.45
N ASP A 38 -4.08 4.62 -7.46
CA ASP A 38 -2.66 4.37 -7.71
C ASP A 38 -2.22 3.08 -7.01
N ILE A 39 -2.47 3.02 -5.71
CA ILE A 39 -2.10 1.85 -4.92
C ILE A 39 -3.00 0.65 -5.22
N LYS A 40 -4.31 0.89 -5.29
CA LYS A 40 -5.27 -0.14 -5.71
C LYS A 40 -5.97 0.24 -7.01
N PRO A 41 -5.22 0.37 -8.13
CA PRO A 41 -5.79 0.89 -9.38
C PRO A 41 -6.75 -0.09 -10.06
N ALA A 42 -6.44 -1.38 -9.98
CA ALA A 42 -7.27 -2.39 -10.62
C ALA A 42 -7.55 -3.55 -9.67
N ILE A 43 -7.03 -3.46 -8.47
CA ILE A 43 -7.21 -4.51 -7.49
C ILE A 43 -8.08 -4.04 -6.34
N GLY A 44 -9.35 -4.42 -6.40
CA GLY A 44 -10.28 -4.09 -5.34
C GLY A 44 -11.26 -5.21 -5.08
N SER A 45 -11.75 -5.82 -6.16
CA SER A 45 -12.73 -6.88 -6.08
C SER A 45 -12.07 -8.24 -5.79
N LEU A 46 -10.98 -8.19 -5.02
CA LEU A 46 -10.27 -9.39 -4.61
C LEU A 46 -9.78 -9.22 -3.18
N LYS A 47 -9.44 -10.32 -2.53
CA LYS A 47 -9.02 -10.26 -1.13
C LYS A 47 -7.51 -10.05 -1.00
N VAL A 48 -7.04 -9.97 0.23
CA VAL A 48 -5.65 -9.69 0.51
C VAL A 48 -4.82 -10.96 0.37
N GLU A 49 -5.43 -12.09 0.73
CA GLU A 49 -4.78 -13.39 0.62
C GLU A 49 -4.75 -13.83 -0.84
N ASP A 50 -5.56 -13.16 -1.67
CA ASP A 50 -5.74 -13.58 -3.05
C ASP A 50 -5.05 -12.62 -4.02
N VAL A 51 -4.61 -11.47 -3.52
CA VAL A 51 -3.89 -10.53 -4.36
C VAL A 51 -2.46 -11.00 -4.57
N LYS A 52 -2.29 -11.88 -5.54
CA LYS A 52 -0.99 -12.49 -5.84
C LYS A 52 -0.01 -11.44 -6.37
N PRO A 53 1.30 -11.69 -6.19
CA PRO A 53 2.37 -10.75 -6.56
C PRO A 53 2.24 -10.17 -7.96
N ARG A 54 1.75 -10.99 -8.90
CA ARG A 54 1.63 -10.58 -10.30
C ARG A 54 0.80 -9.30 -10.43
N HIS A 55 -0.21 -9.16 -9.59
CA HIS A 55 -1.07 -7.99 -9.60
C HIS A 55 -0.29 -6.74 -9.24
N ILE A 56 0.66 -6.92 -8.33
CA ILE A 56 1.49 -5.81 -7.85
C ILE A 56 2.35 -5.25 -8.98
N ASP A 57 2.75 -6.10 -9.91
CA ASP A 57 3.53 -5.63 -11.06
C ASP A 57 2.68 -4.74 -11.93
N ASP A 58 1.42 -5.12 -12.10
CA ASP A 58 0.46 -4.35 -12.90
C ASP A 58 0.24 -2.95 -12.34
N VAL A 59 0.20 -2.84 -11.01
CA VAL A 59 -0.02 -1.54 -10.38
C VAL A 59 1.22 -0.66 -10.55
N LEU A 60 2.40 -1.29 -10.56
CA LEU A 60 3.65 -0.58 -10.77
C LEU A 60 3.72 -0.04 -12.18
N LYS A 61 3.32 -0.87 -13.14
CA LYS A 61 3.24 -0.46 -14.55
C LYS A 61 2.43 0.82 -14.67
N ALA A 62 1.22 0.76 -14.12
CA ALA A 62 0.29 1.90 -14.16
C ALA A 62 0.94 3.18 -13.63
N VAL A 63 1.51 3.14 -12.43
CA VAL A 63 2.08 4.35 -11.82
C VAL A 63 3.35 4.79 -12.55
N MET A 64 3.97 3.88 -13.29
CA MET A 64 5.13 4.23 -14.09
C MET A 64 4.70 4.93 -15.38
N LYS A 65 3.60 4.49 -15.97
CA LYS A 65 3.18 5.01 -17.27
C LYS A 65 2.44 6.34 -17.14
N ARG A 66 1.55 6.44 -16.16
CA ARG A 66 0.78 7.68 -15.97
C ARG A 66 1.31 8.46 -14.77
N GLY A 67 2.46 8.05 -14.27
CA GLY A 67 3.10 8.77 -13.19
C GLY A 67 4.60 8.81 -13.37
N ALA A 68 5.33 8.54 -12.31
CA ALA A 68 6.78 8.54 -12.35
C ALA A 68 7.34 7.42 -11.48
N PRO A 69 8.47 6.81 -11.90
CA PRO A 69 9.09 5.70 -11.19
C PRO A 69 9.47 6.07 -9.75
N SER A 70 9.71 7.35 -9.52
CA SER A 70 10.06 7.86 -8.19
C SER A 70 8.96 7.54 -7.19
N ILE A 71 7.71 7.62 -7.64
CA ILE A 71 6.57 7.35 -6.79
C ILE A 71 6.40 5.84 -6.58
N ALA A 72 6.62 5.07 -7.64
CA ALA A 72 6.44 3.62 -7.60
C ALA A 72 7.23 2.97 -6.47
N ASN A 73 8.48 3.40 -6.31
CA ASN A 73 9.36 2.86 -5.27
C ASN A 73 8.79 3.15 -3.89
N ASP A 74 8.35 4.38 -3.69
CA ASP A 74 7.75 4.80 -2.42
C ASP A 74 6.46 4.02 -2.15
N THR A 75 5.67 3.81 -3.19
CA THR A 75 4.44 3.04 -3.08
C THR A 75 4.71 1.61 -2.59
N LEU A 76 5.80 1.02 -3.07
CA LEU A 76 6.20 -0.32 -2.64
C LEU A 76 6.50 -0.34 -1.14
N ARG A 77 7.12 0.72 -0.66
CA ARG A 77 7.42 0.84 0.77
C ARG A 77 6.13 0.98 1.57
N TRP A 78 5.17 1.70 0.99
CA TRP A 78 3.86 1.88 1.61
C TRP A 78 3.10 0.56 1.66
N LEU A 79 3.22 -0.22 0.59
CA LEU A 79 2.60 -1.54 0.51
C LEU A 79 3.13 -2.45 1.60
N LYS A 80 4.43 -2.39 1.83
CA LYS A 80 5.09 -3.18 2.86
C LYS A 80 4.41 -2.97 4.21
N ARG A 81 4.34 -1.71 4.62
CA ARG A 81 3.66 -1.32 5.86
C ARG A 81 2.24 -1.87 5.90
N MET A 82 1.52 -1.72 4.80
CA MET A 82 0.12 -2.08 4.71
C MET A 82 -0.08 -3.59 4.87
N PHE A 83 0.69 -4.38 4.12
CA PHE A 83 0.56 -5.83 4.18
C PHE A 83 1.03 -6.38 5.52
N ASN A 84 2.06 -5.76 6.09
CA ASN A 84 2.60 -6.20 7.38
C ASN A 84 1.54 -6.04 8.48
N TYR A 85 0.74 -5.00 8.37
CA TYR A 85 -0.32 -4.73 9.32
C TYR A 85 -1.41 -5.80 9.22
N ALA A 86 -1.64 -6.29 8.01
CA ALA A 86 -2.60 -7.38 7.80
C ALA A 86 -2.01 -8.70 8.31
N ILE A 87 -0.70 -8.86 8.15
CA ILE A 87 -0.02 -10.06 8.62
C ILE A 87 -0.10 -10.16 10.14
N LYS A 88 0.21 -9.06 10.82
CA LYS A 88 0.21 -9.05 12.28
C LYS A 88 -1.21 -9.26 12.82
N ARG A 89 -2.21 -8.85 12.04
CA ARG A 89 -3.61 -9.01 12.44
C ARG A 89 -4.12 -10.39 12.04
N HIS A 90 -3.22 -11.24 11.54
CA HIS A 90 -3.55 -12.63 11.21
C HIS A 90 -4.46 -12.73 9.99
N ILE A 91 -4.31 -11.80 9.06
CA ILE A 91 -5.06 -11.86 7.82
C ILE A 91 -4.29 -12.66 6.79
N ILE A 92 -3.09 -12.20 6.47
CA ILE A 92 -2.23 -12.88 5.52
C ILE A 92 -0.95 -13.34 6.20
N GLU A 93 -0.16 -14.12 5.48
CA GLU A 93 1.07 -14.69 6.04
C GLU A 93 2.29 -14.28 5.21
N TYR A 94 2.05 -13.72 4.03
CA TYR A 94 3.12 -13.35 3.12
C TYR A 94 2.94 -11.92 2.60
N ASN A 95 4.00 -11.38 2.02
CA ASN A 95 3.98 -10.03 1.45
C ASN A 95 4.08 -10.10 -0.07
N PRO A 96 2.94 -10.23 -0.78
CA PRO A 96 2.91 -10.36 -2.25
C PRO A 96 3.68 -9.24 -2.96
N ALA A 97 3.68 -8.05 -2.36
CA ALA A 97 4.34 -6.89 -2.96
C ALA A 97 5.85 -6.90 -2.71
N ALA A 98 6.30 -7.72 -1.78
CA ALA A 98 7.71 -7.76 -1.41
C ALA A 98 8.52 -8.53 -2.45
N ALA A 99 7.83 -9.21 -3.35
CA ALA A 99 8.47 -9.99 -4.40
C ALA A 99 9.11 -9.08 -5.45
N PHE A 100 8.83 -7.80 -5.36
CA PHE A 100 9.40 -6.82 -6.28
C PHE A 100 10.27 -5.84 -5.51
N ASP A 101 11.51 -5.69 -5.96
CA ASP A 101 12.46 -4.82 -5.30
C ASP A 101 12.57 -3.48 -6.01
N PRO A 102 12.33 -2.38 -5.29
CA PRO A 102 12.45 -1.01 -5.84
C PRO A 102 13.90 -0.64 -6.11
N GLY A 103 14.81 -1.17 -5.29
CA GLY A 103 16.22 -0.90 -5.47
C GLY A 103 16.65 0.43 -4.88
N ASP A 104 16.07 1.51 -5.37
CA ASP A 104 16.44 2.85 -4.94
C ASP A 104 15.25 3.52 -4.26
N ALA A 105 15.53 4.48 -3.40
CA ALA A 105 14.48 5.14 -2.63
C ALA A 105 14.28 6.59 -3.07
N GLY A 106 14.98 7.00 -4.11
CA GLY A 106 14.89 8.36 -4.58
C GLY A 106 16.10 9.17 -4.19
N GLY A 107 16.04 9.82 -3.03
CA GLY A 107 17.18 10.58 -2.55
C GLY A 107 17.29 11.92 -3.23
N LYS A 108 16.23 12.32 -3.91
CA LYS A 108 16.20 13.56 -4.66
C LYS A 108 14.78 14.11 -4.72
N LEU A 109 14.56 15.11 -5.56
CA LEU A 109 13.26 15.77 -5.64
C LEU A 109 13.17 16.60 -6.92
N GLU A 110 12.05 17.26 -7.12
CA GLU A 110 11.85 18.07 -8.31
C GLU A 110 11.14 19.39 -7.98
N HIS A 111 11.69 20.48 -8.47
CA HIS A 111 11.01 21.77 -8.41
C HIS A 111 11.04 22.43 -9.79
N HIS A 112 12.24 22.83 -10.22
CA HIS A 112 12.43 23.48 -11.53
C HIS A 112 11.52 24.69 -11.66
N HIS A 113 11.28 25.37 -10.56
CA HIS A 113 10.28 26.42 -10.54
C HIS A 113 10.95 27.79 -10.34
N HIS A 114 12.10 27.97 -10.95
CA HIS A 114 12.79 29.26 -10.92
C HIS A 114 13.02 29.77 -12.33
N HIS A 115 12.07 30.53 -12.83
CA HIS A 115 12.16 31.08 -14.19
C HIS A 115 12.16 32.60 -14.13
N HIS A 116 13.13 33.21 -14.78
CA HIS A 116 13.26 34.67 -14.80
C HIS A 116 13.58 35.15 -16.21
N MET A 1 -15.78 -5.24 12.92
CA MET A 1 -16.99 -5.56 12.12
C MET A 1 -16.60 -6.40 10.91
N ALA A 2 -15.60 -5.95 10.17
CA ALA A 2 -15.11 -6.65 9.00
C ALA A 2 -13.66 -7.05 9.19
N GLU A 3 -13.39 -8.35 9.18
CA GLU A 3 -12.04 -8.87 9.38
C GLU A 3 -12.02 -10.39 9.26
N LYS A 4 -13.06 -11.04 9.75
CA LYS A 4 -13.12 -12.50 9.76
C LYS A 4 -13.92 -13.04 8.58
N ASN A 5 -14.92 -12.30 8.15
CA ASN A 5 -15.76 -12.75 7.03
C ASN A 5 -15.40 -12.02 5.74
N ALA A 6 -15.83 -10.78 5.63
CA ALA A 6 -15.59 -10.00 4.43
C ALA A 6 -14.68 -8.82 4.72
N TYR A 7 -13.50 -8.84 4.12
CA TYR A 7 -12.53 -7.77 4.33
C TYR A 7 -11.52 -7.78 3.18
N THR A 8 -11.71 -6.87 2.23
CA THR A 8 -10.85 -6.80 1.06
C THR A 8 -9.73 -5.79 1.28
N VAL A 9 -8.77 -5.75 0.36
CA VAL A 9 -7.66 -4.81 0.42
C VAL A 9 -8.16 -3.37 0.33
N ALA A 10 -9.34 -3.19 -0.28
CA ALA A 10 -9.97 -1.88 -0.35
C ALA A 10 -10.42 -1.43 1.03
N GLN A 11 -11.06 -2.35 1.76
CA GLN A 11 -11.52 -2.08 3.12
C GLN A 11 -10.33 -1.92 4.06
N LEU A 12 -9.29 -2.71 3.81
CA LEU A 12 -8.05 -2.62 4.58
C LEU A 12 -7.48 -1.20 4.48
N ALA A 13 -7.49 -0.64 3.27
CA ALA A 13 -6.94 0.68 3.03
C ALA A 13 -7.72 1.76 3.78
N ASP A 14 -8.99 1.50 4.05
CA ASP A 14 -9.84 2.46 4.73
C ASP A 14 -9.47 2.57 6.21
N GLU A 15 -9.16 1.44 6.83
CA GLU A 15 -8.68 1.46 8.21
C GLU A 15 -7.22 1.89 8.23
N TYR A 16 -6.52 1.55 7.15
CA TYR A 16 -5.11 1.89 7.00
C TYR A 16 -4.87 3.39 7.06
N PHE A 17 -5.69 4.17 6.36
CA PHE A 17 -5.47 5.62 6.30
C PHE A 17 -5.77 6.23 7.67
N GLU A 18 -6.69 5.61 8.40
CA GLU A 18 -7.03 6.09 9.74
C GLU A 18 -5.90 5.79 10.73
N ARG A 19 -5.08 4.82 10.37
CA ARG A 19 -3.94 4.42 11.19
C ARG A 19 -2.69 5.23 10.83
N MET A 20 -2.24 5.09 9.58
CA MET A 20 -0.96 5.62 9.17
C MET A 20 -1.07 7.09 8.72
N ILE A 21 -2.23 7.47 8.23
CA ILE A 21 -2.44 8.83 7.73
C ILE A 21 -3.18 9.65 8.78
N ALA A 22 -2.91 9.35 10.04
CA ALA A 22 -3.49 10.08 11.15
C ALA A 22 -2.43 10.96 11.80
N GLY A 23 -2.82 11.67 12.85
CA GLY A 23 -1.88 12.53 13.56
C GLY A 23 -1.76 13.89 12.90
N ARG A 24 -0.92 13.99 11.88
CA ARG A 24 -0.72 15.23 11.17
C ARG A 24 -0.54 14.95 9.69
N TRP A 25 -1.59 15.19 8.92
CA TRP A 25 -1.56 14.92 7.48
C TRP A 25 -2.23 16.04 6.71
N LYS A 26 -3.41 16.47 7.21
CA LYS A 26 -4.22 17.51 6.60
C LYS A 26 -4.79 17.08 5.25
N HIS A 27 -6.11 17.18 5.13
CA HIS A 27 -6.83 16.79 3.92
C HIS A 27 -6.65 15.30 3.63
N PRO A 28 -7.41 14.44 4.34
CA PRO A 28 -7.32 12.99 4.17
C PRO A 28 -7.84 12.53 2.82
N ASN A 29 -8.64 13.38 2.18
CA ASN A 29 -9.29 13.03 0.92
C ASN A 29 -8.29 13.02 -0.22
N ILE A 30 -7.33 13.95 -0.20
CA ILE A 30 -6.34 14.04 -1.25
C ILE A 30 -5.38 12.85 -1.21
N VAL A 31 -4.95 12.49 -0.01
CA VAL A 31 -4.06 11.34 0.16
C VAL A 31 -4.82 10.04 -0.08
N ARG A 32 -6.12 10.06 0.21
CA ARG A 32 -6.98 8.91 -0.03
C ARG A 32 -6.98 8.52 -1.50
N SER A 33 -7.02 9.51 -2.38
CA SER A 33 -7.06 9.28 -3.81
C SER A 33 -5.92 8.36 -4.25
N ARG A 34 -4.74 8.55 -3.67
CA ARG A 34 -3.60 7.71 -3.98
C ARG A 34 -3.75 6.34 -3.34
N ILE A 35 -4.15 6.33 -2.07
CA ILE A 35 -4.25 5.10 -1.28
C ILE A 35 -5.22 4.10 -1.89
N GLU A 36 -6.37 4.56 -2.35
CA GLU A 36 -7.37 3.66 -2.91
C GLU A 36 -7.17 3.46 -4.41
N LYS A 37 -7.06 4.53 -5.18
CA LYS A 37 -7.02 4.45 -6.62
C LYS A 37 -5.66 3.97 -7.11
N ASP A 38 -4.61 4.69 -6.76
CA ASP A 38 -3.28 4.44 -7.35
C ASP A 38 -2.63 3.20 -6.75
N ILE A 39 -2.80 3.00 -5.45
CA ILE A 39 -2.25 1.84 -4.77
C ILE A 39 -3.02 0.58 -5.17
N LYS A 40 -4.27 0.75 -5.56
CA LYS A 40 -5.07 -0.36 -6.07
C LYS A 40 -5.75 0.02 -7.38
N PRO A 41 -4.98 0.02 -8.48
CA PRO A 41 -5.45 0.51 -9.78
C PRO A 41 -6.42 -0.46 -10.47
N ALA A 42 -6.28 -1.74 -10.15
CA ALA A 42 -7.12 -2.77 -10.76
C ALA A 42 -7.36 -3.91 -9.78
N ILE A 43 -7.18 -3.61 -8.50
CA ILE A 43 -7.26 -4.63 -7.46
C ILE A 43 -8.06 -4.14 -6.26
N GLY A 44 -9.05 -3.29 -6.51
CA GLY A 44 -9.91 -2.83 -5.44
C GLY A 44 -10.81 -3.94 -4.90
N SER A 45 -11.21 -4.85 -5.79
CA SER A 45 -12.07 -5.96 -5.40
C SER A 45 -11.23 -7.20 -5.07
N LEU A 46 -9.93 -6.98 -4.88
CA LEU A 46 -8.98 -8.08 -4.67
C LEU A 46 -9.04 -8.60 -3.23
N LYS A 47 -9.09 -9.92 -3.10
CA LYS A 47 -8.95 -10.56 -1.82
C LYS A 47 -7.51 -10.44 -1.33
N VAL A 48 -7.31 -10.48 -0.02
CA VAL A 48 -6.00 -10.26 0.57
C VAL A 48 -5.06 -11.44 0.24
N GLU A 49 -5.59 -12.66 0.29
CA GLU A 49 -4.78 -13.83 0.01
C GLU A 49 -4.74 -14.12 -1.50
N ASP A 50 -5.44 -13.31 -2.27
CA ASP A 50 -5.56 -13.54 -3.71
C ASP A 50 -4.56 -12.68 -4.49
N VAL A 51 -3.70 -12.00 -3.76
CA VAL A 51 -2.69 -11.16 -4.38
C VAL A 51 -1.42 -11.98 -4.67
N LYS A 52 -0.91 -11.83 -5.88
CA LYS A 52 0.34 -12.46 -6.28
C LYS A 52 1.31 -11.39 -6.80
N PRO A 53 2.62 -11.71 -6.90
CA PRO A 53 3.64 -10.76 -7.39
C PRO A 53 3.27 -10.14 -8.74
N ARG A 54 2.51 -10.87 -9.53
CA ARG A 54 2.01 -10.38 -10.82
C ARG A 54 1.23 -9.07 -10.62
N HIS A 55 0.48 -8.99 -9.53
CA HIS A 55 -0.31 -7.80 -9.23
C HIS A 55 0.62 -6.65 -8.84
N ILE A 56 1.71 -6.99 -8.14
CA ILE A 56 2.70 -5.99 -7.74
C ILE A 56 3.32 -5.36 -8.99
N ASP A 57 3.53 -6.17 -10.01
CA ASP A 57 4.01 -5.69 -11.30
C ASP A 57 2.97 -4.79 -11.94
N ASP A 58 1.73 -5.28 -11.98
CA ASP A 58 0.63 -4.59 -12.64
C ASP A 58 0.36 -3.22 -12.02
N VAL A 59 0.49 -3.11 -10.70
CA VAL A 59 0.28 -1.83 -10.03
C VAL A 59 1.45 -0.87 -10.29
N LEU A 60 2.67 -1.38 -10.19
CA LEU A 60 3.86 -0.56 -10.38
C LEU A 60 3.98 -0.09 -11.83
N LYS A 61 3.68 -0.97 -12.78
CA LYS A 61 3.74 -0.60 -14.18
C LYS A 61 2.66 0.45 -14.50
N ALA A 62 1.54 0.37 -13.80
CA ALA A 62 0.47 1.34 -13.97
C ALA A 62 0.89 2.70 -13.42
N VAL A 63 1.37 2.73 -12.18
CA VAL A 63 1.76 3.98 -11.53
C VAL A 63 2.93 4.66 -12.23
N MET A 64 3.81 3.86 -12.83
CA MET A 64 4.95 4.43 -13.56
C MET A 64 4.52 4.92 -14.93
N LYS A 65 3.42 4.39 -15.44
CA LYS A 65 2.94 4.75 -16.76
C LYS A 65 2.15 6.06 -16.69
N ARG A 66 1.22 6.13 -15.74
CA ARG A 66 0.42 7.33 -15.53
C ARG A 66 1.22 8.37 -14.72
N GLY A 67 2.33 7.94 -14.14
CA GLY A 67 3.14 8.85 -13.35
C GLY A 67 4.61 8.71 -13.68
N ALA A 68 5.40 8.30 -12.70
CA ALA A 68 6.84 8.20 -12.85
C ALA A 68 7.38 7.09 -11.96
N PRO A 69 8.54 6.49 -12.33
CA PRO A 69 9.18 5.44 -11.54
C PRO A 69 9.57 5.90 -10.14
N SER A 70 9.72 7.21 -9.99
CA SER A 70 10.04 7.79 -8.69
C SER A 70 8.95 7.47 -7.67
N ILE A 71 7.70 7.42 -8.14
CA ILE A 71 6.56 7.14 -7.27
C ILE A 71 6.52 5.67 -6.89
N ALA A 72 6.94 4.81 -7.82
CA ALA A 72 6.86 3.35 -7.64
C ALA A 72 7.55 2.89 -6.36
N ASN A 73 8.66 3.53 -6.01
CA ASN A 73 9.40 3.20 -4.79
C ASN A 73 8.50 3.38 -3.57
N ASP A 74 7.80 4.50 -3.51
CA ASP A 74 6.90 4.79 -2.41
C ASP A 74 5.62 3.97 -2.52
N THR A 75 5.21 3.67 -3.75
CA THR A 75 4.08 2.79 -3.98
C THR A 75 4.34 1.42 -3.37
N LEU A 76 5.55 0.91 -3.59
CA LEU A 76 5.96 -0.37 -3.02
C LEU A 76 5.98 -0.28 -1.50
N ARG A 77 6.45 0.85 -0.99
CA ARG A 77 6.46 1.10 0.45
C ARG A 77 5.05 1.05 1.02
N TRP A 78 4.12 1.69 0.31
CA TRP A 78 2.71 1.67 0.71
C TRP A 78 2.14 0.27 0.63
N LEU A 79 2.44 -0.45 -0.45
CA LEU A 79 2.01 -1.83 -0.60
C LEU A 79 2.50 -2.68 0.55
N LYS A 80 3.78 -2.53 0.88
CA LYS A 80 4.42 -3.28 1.94
C LYS A 80 3.69 -3.07 3.26
N ARG A 81 3.49 -1.81 3.64
CA ARG A 81 2.87 -1.48 4.92
C ARG A 81 1.38 -1.78 4.91
N MET A 82 0.75 -1.69 3.74
CA MET A 82 -0.67 -1.99 3.61
C MET A 82 -0.91 -3.49 3.88
N PHE A 83 -0.15 -4.33 3.20
CA PHE A 83 -0.27 -5.77 3.40
C PHE A 83 0.28 -6.18 4.76
N ASN A 84 1.24 -5.40 5.27
CA ASN A 84 1.86 -5.66 6.56
C ASN A 84 0.80 -5.64 7.67
N TYR A 85 -0.13 -4.69 7.57
CA TYR A 85 -1.20 -4.56 8.56
C TYR A 85 -2.15 -5.76 8.47
N ALA A 86 -2.32 -6.28 7.26
CA ALA A 86 -3.14 -7.47 7.05
C ALA A 86 -2.43 -8.72 7.59
N ILE A 87 -1.12 -8.78 7.40
CA ILE A 87 -0.31 -9.85 7.98
C ILE A 87 -0.36 -9.77 9.50
N LYS A 88 -0.26 -8.55 10.00
CA LYS A 88 -0.29 -8.25 11.42
C LYS A 88 -1.60 -8.73 12.07
N ARG A 89 -2.72 -8.44 11.43
CA ARG A 89 -4.02 -8.88 11.94
C ARG A 89 -4.28 -10.35 11.57
N HIS A 90 -3.25 -10.99 11.01
CA HIS A 90 -3.25 -12.43 10.75
C HIS A 90 -4.28 -12.82 9.68
N ILE A 91 -4.18 -12.21 8.51
CA ILE A 91 -4.96 -12.65 7.36
C ILE A 91 -4.05 -13.37 6.37
N ILE A 92 -2.95 -12.72 6.04
CA ILE A 92 -1.92 -13.33 5.20
C ILE A 92 -0.64 -13.49 6.00
N GLU A 93 0.23 -14.38 5.54
CA GLU A 93 1.46 -14.66 6.26
C GLU A 93 2.66 -13.98 5.62
N TYR A 94 2.45 -13.37 4.46
CA TYR A 94 3.52 -12.71 3.74
C TYR A 94 2.95 -11.76 2.69
N ASN A 95 3.80 -10.90 2.16
CA ASN A 95 3.42 -10.00 1.08
C ASN A 95 4.16 -10.36 -0.20
N PRO A 96 3.49 -10.23 -1.36
CA PRO A 96 4.09 -10.58 -2.65
C PRO A 96 5.26 -9.67 -3.03
N ALA A 97 5.34 -8.51 -2.37
CA ALA A 97 6.38 -7.54 -2.63
C ALA A 97 7.72 -8.00 -2.10
N ALA A 98 7.70 -9.04 -1.26
CA ALA A 98 8.93 -9.56 -0.66
C ALA A 98 9.75 -10.35 -1.67
N ALA A 99 9.20 -10.53 -2.86
CA ALA A 99 9.90 -11.22 -3.94
C ALA A 99 10.76 -10.25 -4.74
N PHE A 100 10.75 -8.99 -4.33
CA PHE A 100 11.50 -7.96 -5.02
C PHE A 100 12.46 -7.26 -4.06
N ASP A 101 13.74 -7.37 -4.36
CA ASP A 101 14.80 -6.73 -3.58
C ASP A 101 15.05 -5.32 -4.10
N PRO A 102 14.68 -4.30 -3.33
CA PRO A 102 14.82 -2.91 -3.75
C PRO A 102 16.17 -2.31 -3.38
N GLY A 103 16.35 -1.03 -3.68
CA GLY A 103 17.58 -0.35 -3.38
C GLY A 103 17.36 0.95 -2.65
N ASP A 104 17.86 2.03 -3.22
CA ASP A 104 17.76 3.35 -2.61
C ASP A 104 17.63 4.43 -3.67
N ALA A 105 16.75 5.39 -3.44
CA ALA A 105 16.51 6.45 -4.41
C ALA A 105 17.67 7.43 -4.43
N GLY A 106 18.44 7.39 -5.51
CA GLY A 106 19.56 8.29 -5.64
C GLY A 106 19.30 9.39 -6.63
N GLY A 107 20.29 10.22 -6.88
CA GLY A 107 20.13 11.31 -7.83
C GLY A 107 19.48 12.52 -7.21
N LYS A 108 19.92 12.85 -6.01
CA LYS A 108 19.38 13.99 -5.28
C LYS A 108 20.01 15.28 -5.79
N LEU A 109 21.29 15.19 -6.17
CA LEU A 109 22.08 16.34 -6.57
C LEU A 109 22.11 17.37 -5.44
N GLU A 110 23.01 17.17 -4.50
CA GLU A 110 23.11 18.01 -3.32
C GLU A 110 24.07 19.18 -3.58
N HIS A 111 24.61 19.21 -4.79
CA HIS A 111 25.53 20.27 -5.19
C HIS A 111 24.77 21.54 -5.52
N HIS A 112 24.68 22.43 -4.55
CA HIS A 112 24.03 23.72 -4.76
C HIS A 112 24.64 24.79 -3.85
N HIS A 113 25.67 24.41 -3.12
CA HIS A 113 26.37 25.34 -2.24
C HIS A 113 27.88 25.21 -2.43
N HIS A 114 28.62 26.21 -1.99
CA HIS A 114 30.07 26.19 -2.03
C HIS A 114 30.62 26.52 -0.65
N HIS A 115 31.79 26.01 -0.31
CA HIS A 115 32.40 26.36 0.95
C HIS A 115 33.28 27.60 0.79
N HIS A 116 32.65 28.75 0.83
CA HIS A 116 33.33 30.03 0.66
C HIS A 116 33.52 30.71 2.01
N MET A 1 -12.33 -1.39 8.56
CA MET A 1 -13.45 -2.26 8.98
C MET A 1 -13.14 -3.73 8.67
N ALA A 2 -13.27 -4.57 9.69
CA ALA A 2 -13.15 -6.01 9.50
C ALA A 2 -14.50 -6.60 9.09
N GLU A 3 -14.46 -7.60 8.24
CA GLU A 3 -15.67 -8.25 7.74
C GLU A 3 -16.17 -9.26 8.78
N LYS A 4 -15.53 -10.42 8.78
CA LYS A 4 -15.76 -11.48 9.78
C LYS A 4 -14.80 -12.60 9.47
N ASN A 5 -14.67 -12.86 8.17
CA ASN A 5 -13.58 -13.66 7.64
C ASN A 5 -12.52 -12.67 7.16
N ALA A 6 -11.35 -13.16 6.75
CA ALA A 6 -10.32 -12.31 6.19
C ALA A 6 -10.91 -11.36 5.16
N TYR A 7 -10.76 -10.07 5.40
CA TYR A 7 -11.37 -9.04 4.56
C TYR A 7 -10.54 -8.77 3.30
N THR A 8 -11.12 -7.99 2.40
CA THR A 8 -10.48 -7.71 1.13
C THR A 8 -9.51 -6.53 1.23
N VAL A 9 -8.82 -6.25 0.13
CA VAL A 9 -7.83 -5.18 0.11
C VAL A 9 -8.49 -3.81 0.30
N ALA A 10 -9.77 -3.71 -0.03
CA ALA A 10 -10.51 -2.48 0.19
C ALA A 10 -10.65 -2.20 1.68
N GLN A 11 -11.11 -3.20 2.41
CA GLN A 11 -11.27 -3.10 3.86
C GLN A 11 -9.93 -2.95 4.54
N LEU A 12 -8.91 -3.61 3.98
CA LEU A 12 -7.55 -3.51 4.50
C LEU A 12 -7.04 -2.07 4.35
N ALA A 13 -7.25 -1.48 3.18
CA ALA A 13 -6.83 -0.11 2.93
C ALA A 13 -7.65 0.87 3.78
N ASP A 14 -8.93 0.58 3.94
CA ASP A 14 -9.80 1.40 4.78
C ASP A 14 -9.33 1.39 6.23
N GLU A 15 -9.01 0.20 6.72
CA GLU A 15 -8.48 0.03 8.07
C GLU A 15 -7.16 0.80 8.19
N TYR A 16 -6.31 0.62 7.19
CA TYR A 16 -5.01 1.29 7.17
C TYR A 16 -5.15 2.81 7.15
N PHE A 17 -6.08 3.29 6.34
CA PHE A 17 -6.29 4.73 6.16
C PHE A 17 -6.69 5.40 7.47
N GLU A 18 -7.71 4.87 8.13
CA GLU A 18 -8.23 5.49 9.33
C GLU A 18 -7.28 5.35 10.53
N ARG A 19 -6.40 4.36 10.48
CA ARG A 19 -5.52 4.11 11.61
C ARG A 19 -4.22 4.90 11.53
N MET A 20 -3.87 5.38 10.35
CA MET A 20 -2.67 6.21 10.20
C MET A 20 -2.99 7.61 9.70
N ILE A 21 -4.07 7.74 8.94
CA ILE A 21 -4.49 9.05 8.45
C ILE A 21 -5.60 9.60 9.37
N ALA A 22 -5.24 9.74 10.63
CA ALA A 22 -6.11 10.35 11.61
C ALA A 22 -5.33 11.32 12.49
N GLY A 23 -4.03 11.46 12.21
CA GLY A 23 -3.19 12.34 12.99
C GLY A 23 -2.81 13.60 12.23
N ARG A 24 -1.55 13.69 11.80
CA ARG A 24 -1.10 14.81 11.01
C ARG A 24 -0.73 14.35 9.61
N TRP A 25 -1.72 14.33 8.73
CA TRP A 25 -1.48 14.01 7.34
C TRP A 25 -1.54 15.28 6.50
N LYS A 26 -2.57 16.09 6.76
CA LYS A 26 -2.78 17.39 6.10
C LYS A 26 -3.02 17.24 4.60
N HIS A 27 -4.17 17.76 4.15
CA HIS A 27 -4.59 17.67 2.76
C HIS A 27 -4.80 16.20 2.37
N PRO A 28 -5.99 15.66 2.70
CA PRO A 28 -6.30 14.24 2.58
C PRO A 28 -6.08 13.69 1.17
N ASN A 29 -6.41 14.48 0.16
CA ASN A 29 -6.34 14.03 -1.23
C ASN A 29 -4.95 13.52 -1.59
N ILE A 30 -3.93 14.10 -0.95
CA ILE A 30 -2.55 13.67 -1.17
C ILE A 30 -2.39 12.17 -0.91
N VAL A 31 -2.82 11.71 0.25
CA VAL A 31 -2.75 10.29 0.58
C VAL A 31 -3.93 9.54 -0.04
N ARG A 32 -5.05 10.24 -0.23
CA ARG A 32 -6.25 9.64 -0.84
C ARG A 32 -5.97 9.13 -2.24
N SER A 33 -5.33 9.97 -3.05
CA SER A 33 -5.00 9.62 -4.44
C SER A 33 -4.28 8.28 -4.49
N ARG A 34 -3.35 8.08 -3.57
CA ARG A 34 -2.62 6.82 -3.48
C ARG A 34 -3.56 5.64 -3.29
N ILE A 35 -4.43 5.74 -2.30
CA ILE A 35 -5.31 4.62 -1.96
C ILE A 35 -6.43 4.43 -2.99
N GLU A 36 -6.98 5.53 -3.47
CA GLU A 36 -8.15 5.46 -4.36
C GLU A 36 -7.74 5.19 -5.80
N LYS A 37 -6.51 5.54 -6.16
CA LYS A 37 -6.05 5.38 -7.53
C LYS A 37 -4.98 4.28 -7.65
N ASP A 38 -3.92 4.37 -6.85
CA ASP A 38 -2.81 3.42 -6.94
C ASP A 38 -3.14 2.11 -6.24
N ILE A 39 -3.61 2.21 -5.01
CA ILE A 39 -3.95 1.03 -4.22
C ILE A 39 -5.21 0.36 -4.77
N LYS A 40 -6.09 1.16 -5.34
CA LYS A 40 -7.31 0.65 -5.94
C LYS A 40 -7.42 1.05 -7.42
N PRO A 41 -6.64 0.42 -8.31
CA PRO A 41 -6.77 0.61 -9.75
C PRO A 41 -7.88 -0.28 -10.32
N ALA A 42 -7.75 -1.57 -10.09
CA ALA A 42 -8.76 -2.54 -10.51
C ALA A 42 -8.89 -3.64 -9.47
N ILE A 43 -8.34 -3.37 -8.30
CA ILE A 43 -8.33 -4.34 -7.21
C ILE A 43 -8.88 -3.70 -5.93
N GLY A 44 -10.19 -3.77 -5.79
CA GLY A 44 -10.83 -3.25 -4.59
C GLY A 44 -11.57 -4.35 -3.86
N SER A 45 -12.42 -5.06 -4.58
CA SER A 45 -13.19 -6.16 -3.99
C SER A 45 -12.34 -7.43 -3.93
N LEU A 46 -11.08 -7.31 -4.29
CA LEU A 46 -10.16 -8.43 -4.30
C LEU A 46 -9.68 -8.75 -2.89
N LYS A 47 -9.76 -10.01 -2.52
CA LYS A 47 -9.33 -10.48 -1.21
C LYS A 47 -7.81 -10.33 -1.06
N VAL A 48 -7.36 -10.13 0.18
CA VAL A 48 -5.93 -10.02 0.47
C VAL A 48 -5.21 -11.34 0.16
N GLU A 49 -5.96 -12.43 0.19
CA GLU A 49 -5.41 -13.74 -0.12
C GLU A 49 -5.44 -14.02 -1.62
N ASP A 50 -5.93 -13.05 -2.39
CA ASP A 50 -6.01 -13.18 -3.84
C ASP A 50 -5.01 -12.27 -4.54
N VAL A 51 -4.49 -11.30 -3.82
CA VAL A 51 -3.56 -10.34 -4.39
C VAL A 51 -2.12 -10.88 -4.33
N LYS A 52 -1.74 -11.56 -5.40
CA LYS A 52 -0.39 -12.09 -5.53
C LYS A 52 0.55 -11.00 -6.04
N PRO A 53 1.88 -11.19 -5.90
CA PRO A 53 2.89 -10.19 -6.28
C PRO A 53 2.71 -9.61 -7.69
N ARG A 54 2.34 -10.46 -8.65
CA ARG A 54 2.21 -10.02 -10.04
C ARG A 54 1.13 -8.97 -10.20
N HIS A 55 0.08 -9.08 -9.40
CA HIS A 55 -1.00 -8.10 -9.36
C HIS A 55 -0.43 -6.70 -9.17
N ILE A 56 0.44 -6.59 -8.19
CA ILE A 56 1.06 -5.32 -7.83
C ILE A 56 2.08 -4.88 -8.89
N ASP A 57 2.83 -5.82 -9.47
CA ASP A 57 3.83 -5.43 -10.45
C ASP A 57 3.15 -4.88 -11.70
N ASP A 58 2.03 -5.48 -12.06
CA ASP A 58 1.29 -5.06 -13.25
C ASP A 58 0.77 -3.63 -13.08
N VAL A 59 0.37 -3.27 -11.88
CA VAL A 59 -0.15 -1.93 -11.63
C VAL A 59 0.99 -0.92 -11.47
N LEU A 60 2.10 -1.35 -10.88
CA LEU A 60 3.24 -0.46 -10.67
C LEU A 60 3.95 -0.14 -11.98
N LYS A 61 4.09 -1.13 -12.86
CA LYS A 61 4.73 -0.89 -14.15
C LYS A 61 3.92 0.14 -14.95
N ALA A 62 2.61 0.14 -14.74
CA ALA A 62 1.75 1.10 -15.40
C ALA A 62 1.93 2.50 -14.82
N VAL A 63 1.92 2.60 -13.49
CA VAL A 63 2.01 3.91 -12.83
C VAL A 63 3.37 4.56 -13.08
N MET A 64 4.36 3.77 -13.43
CA MET A 64 5.68 4.29 -13.74
C MET A 64 5.71 4.93 -15.13
N LYS A 65 5.04 4.30 -16.08
CA LYS A 65 5.02 4.80 -17.45
C LYS A 65 4.05 5.96 -17.61
N ARG A 66 2.98 5.90 -16.85
CA ARG A 66 1.94 6.94 -16.89
C ARG A 66 2.36 8.14 -16.05
N GLY A 67 3.48 8.03 -15.35
CA GLY A 67 3.92 9.13 -14.51
C GLY A 67 5.40 9.06 -14.18
N ALA A 68 5.73 8.25 -13.19
CA ALA A 68 7.11 8.14 -12.72
C ALA A 68 7.30 6.91 -11.87
N PRO A 69 8.52 6.35 -11.89
CA PRO A 69 8.86 5.18 -11.07
C PRO A 69 8.82 5.51 -9.59
N SER A 70 8.90 6.80 -9.30
CA SER A 70 8.77 7.30 -7.94
C SER A 70 7.42 6.88 -7.36
N ILE A 71 6.39 6.90 -8.20
CA ILE A 71 5.04 6.54 -7.77
C ILE A 71 4.98 5.08 -7.32
N ALA A 72 5.70 4.22 -8.02
CA ALA A 72 5.74 2.80 -7.66
C ALA A 72 6.33 2.60 -6.28
N ASN A 73 7.49 3.22 -6.05
CA ASN A 73 8.16 3.13 -4.75
C ASN A 73 7.33 3.83 -3.67
N ASP A 74 6.73 4.95 -4.04
CA ASP A 74 5.87 5.71 -3.14
C ASP A 74 4.67 4.88 -2.70
N THR A 75 4.07 4.17 -3.66
CA THR A 75 2.95 3.29 -3.36
C THR A 75 3.41 2.10 -2.52
N LEU A 76 4.55 1.54 -2.87
CA LEU A 76 5.11 0.40 -2.16
C LEU A 76 5.43 0.78 -0.72
N ARG A 77 5.77 2.05 -0.52
CA ARG A 77 6.03 2.59 0.81
C ARG A 77 4.86 2.32 1.76
N TRP A 78 3.65 2.63 1.29
CA TRP A 78 2.45 2.39 2.07
C TRP A 78 2.08 0.91 2.07
N LEU A 79 2.27 0.25 0.93
CA LEU A 79 1.98 -1.18 0.79
C LEU A 79 2.73 -2.00 1.83
N LYS A 80 3.99 -1.65 2.04
CA LYS A 80 4.84 -2.35 2.98
C LYS A 80 4.23 -2.34 4.38
N ARG A 81 3.68 -1.20 4.78
CA ARG A 81 3.03 -1.08 6.08
C ARG A 81 1.69 -1.81 6.09
N MET A 82 0.89 -1.54 5.06
CA MET A 82 -0.48 -2.06 4.98
C MET A 82 -0.51 -3.59 5.01
N PHE A 83 0.33 -4.21 4.19
CA PHE A 83 0.35 -5.67 4.10
C PHE A 83 0.99 -6.28 5.35
N ASN A 84 1.92 -5.55 5.96
CA ASN A 84 2.59 -6.04 7.17
C ASN A 84 1.57 -6.22 8.30
N TYR A 85 0.61 -5.32 8.35
CA TYR A 85 -0.46 -5.39 9.34
C TYR A 85 -1.31 -6.64 9.10
N ALA A 86 -1.49 -6.99 7.83
CA ALA A 86 -2.21 -8.21 7.47
C ALA A 86 -1.40 -9.44 7.85
N ILE A 87 -0.08 -9.30 7.77
CA ILE A 87 0.85 -10.38 8.14
C ILE A 87 0.78 -10.66 9.64
N LYS A 88 0.84 -9.61 10.45
CA LYS A 88 0.85 -9.76 11.90
C LYS A 88 -0.52 -10.18 12.43
N ARG A 89 -1.56 -9.98 11.64
CA ARG A 89 -2.90 -10.44 12.00
C ARG A 89 -3.16 -11.83 11.42
N HIS A 90 -2.12 -12.40 10.81
CA HIS A 90 -2.18 -13.74 10.20
C HIS A 90 -3.28 -13.83 9.14
N ILE A 91 -3.16 -13.02 8.11
CA ILE A 91 -3.94 -13.21 6.90
C ILE A 91 -3.04 -13.85 5.86
N ILE A 92 -1.83 -13.31 5.77
CA ILE A 92 -0.76 -13.86 4.96
C ILE A 92 0.54 -13.68 5.74
N GLU A 93 1.57 -14.46 5.42
CA GLU A 93 2.86 -14.27 6.06
C GLU A 93 3.84 -13.59 5.11
N TYR A 94 3.48 -13.55 3.83
CA TYR A 94 4.31 -12.91 2.82
C TYR A 94 3.51 -11.83 2.10
N ASN A 95 4.12 -10.67 1.92
CA ASN A 95 3.44 -9.58 1.23
C ASN A 95 3.94 -9.46 -0.21
N PRO A 96 3.03 -9.11 -1.13
CA PRO A 96 3.36 -9.03 -2.56
C PRO A 96 4.35 -7.91 -2.88
N ALA A 97 4.46 -6.95 -1.96
CA ALA A 97 5.35 -5.81 -2.17
C ALA A 97 6.81 -6.20 -1.98
N ALA A 98 7.05 -7.39 -1.42
CA ALA A 98 8.40 -7.86 -1.18
C ALA A 98 9.04 -8.38 -2.47
N ALA A 99 8.22 -8.54 -3.51
CA ALA A 99 8.70 -9.11 -4.77
C ALA A 99 9.29 -8.04 -5.68
N PHE A 100 9.68 -6.91 -5.09
CA PHE A 100 10.32 -5.84 -5.85
C PHE A 100 11.64 -5.46 -5.20
N ASP A 101 11.54 -4.53 -4.24
CA ASP A 101 12.68 -4.09 -3.45
C ASP A 101 12.23 -2.97 -2.53
N PRO A 102 12.26 -3.19 -1.20
CA PRO A 102 11.76 -2.24 -0.24
C PRO A 102 12.80 -1.21 0.22
N GLY A 103 13.90 -1.11 -0.52
CA GLY A 103 14.96 -0.21 -0.10
C GLY A 103 15.82 0.29 -1.25
N ASP A 104 15.18 0.73 -2.33
CA ASP A 104 15.92 1.35 -3.42
C ASP A 104 16.18 2.81 -3.11
N ALA A 105 17.46 3.17 -3.05
CA ALA A 105 17.89 4.53 -2.70
C ALA A 105 17.57 4.83 -1.23
N GLY A 106 17.68 6.08 -0.85
CA GLY A 106 17.42 6.48 0.52
C GLY A 106 18.65 6.33 1.39
N GLY A 107 19.07 5.09 1.61
CA GLY A 107 20.27 4.83 2.37
C GLY A 107 21.51 4.93 1.51
N LYS A 108 21.31 4.89 0.20
CA LYS A 108 22.41 4.99 -0.76
C LYS A 108 23.02 6.38 -0.77
N LEU A 109 24.33 6.40 -0.86
CA LEU A 109 25.10 7.64 -0.93
C LEU A 109 26.54 7.33 -1.31
N GLU A 110 27.20 8.27 -1.95
CA GLU A 110 28.58 8.10 -2.37
C GLU A 110 29.32 9.42 -2.28
N HIS A 111 30.34 9.46 -1.43
CA HIS A 111 31.09 10.69 -1.22
C HIS A 111 32.53 10.53 -1.65
N HIS A 112 32.81 10.96 -2.86
CA HIS A 112 34.16 10.97 -3.37
C HIS A 112 34.56 12.40 -3.72
N HIS A 113 35.82 12.73 -3.55
CA HIS A 113 36.26 14.12 -3.65
C HIS A 113 36.39 14.54 -5.10
N HIS A 114 35.35 15.18 -5.60
CA HIS A 114 35.32 15.65 -6.98
C HIS A 114 35.14 17.16 -6.98
N HIS A 115 36.13 17.85 -7.54
CA HIS A 115 36.13 19.30 -7.53
C HIS A 115 36.99 19.85 -8.66
N HIS A 116 37.94 19.04 -9.14
CA HIS A 116 38.85 19.47 -10.20
C HIS A 116 39.68 18.28 -10.69
N MET A 1 -12.99 -0.48 7.60
CA MET A 1 -12.93 -1.10 8.94
C MET A 1 -13.79 -2.37 9.00
N ALA A 2 -13.12 -3.52 9.12
CA ALA A 2 -13.80 -4.80 9.29
C ALA A 2 -13.09 -5.62 10.36
N GLU A 3 -13.60 -6.82 10.64
CA GLU A 3 -13.06 -7.60 11.75
C GLU A 3 -13.14 -9.10 11.50
N LYS A 4 -14.36 -9.62 11.39
CA LYS A 4 -14.59 -11.07 11.40
C LYS A 4 -14.40 -11.69 10.02
N ASN A 5 -14.63 -10.92 8.98
CA ASN A 5 -14.53 -11.45 7.63
C ASN A 5 -13.19 -11.09 7.00
N ALA A 6 -12.62 -12.02 6.26
CA ALA A 6 -11.39 -11.77 5.52
C ALA A 6 -11.69 -10.89 4.31
N TYR A 7 -11.39 -9.61 4.44
CA TYR A 7 -11.78 -8.64 3.44
C TYR A 7 -10.75 -8.51 2.32
N THR A 8 -10.99 -7.53 1.45
CA THR A 8 -10.18 -7.33 0.25
C THR A 8 -8.96 -6.47 0.52
N VAL A 9 -8.11 -6.33 -0.50
CA VAL A 9 -6.95 -5.44 -0.43
C VAL A 9 -7.42 -3.99 -0.35
N ALA A 10 -8.60 -3.74 -0.91
CA ALA A 10 -9.18 -2.40 -0.90
C ALA A 10 -9.55 -1.97 0.51
N GLN A 11 -9.97 -2.94 1.31
CA GLN A 11 -10.42 -2.66 2.67
C GLN A 11 -9.23 -2.45 3.60
N LEU A 12 -8.12 -3.14 3.31
CA LEU A 12 -6.88 -2.98 4.08
C LEU A 12 -6.47 -1.52 4.14
N ALA A 13 -6.54 -0.85 2.99
CA ALA A 13 -6.12 0.53 2.87
C ALA A 13 -7.00 1.46 3.71
N ASP A 14 -8.25 1.06 3.93
CA ASP A 14 -9.18 1.87 4.69
C ASP A 14 -8.80 1.90 6.16
N GLU A 15 -8.54 0.72 6.73
CA GLU A 15 -8.06 0.63 8.11
C GLU A 15 -6.68 1.28 8.23
N TYR A 16 -5.85 1.08 7.23
CA TYR A 16 -4.49 1.61 7.24
C TYR A 16 -4.49 3.13 7.22
N PHE A 17 -5.24 3.73 6.30
CA PHE A 17 -5.21 5.19 6.16
C PHE A 17 -5.95 5.86 7.31
N GLU A 18 -6.97 5.20 7.86
CA GLU A 18 -7.75 5.74 8.96
C GLU A 18 -6.86 5.95 10.18
N ARG A 19 -5.84 5.10 10.32
CA ARG A 19 -4.99 5.13 11.49
C ARG A 19 -3.65 5.81 11.20
N MET A 20 -3.07 5.55 10.04
CA MET A 20 -1.76 6.11 9.69
C MET A 20 -1.88 7.55 9.17
N ILE A 21 -3.03 7.87 8.58
CA ILE A 21 -3.24 9.17 7.97
C ILE A 21 -4.20 10.00 8.83
N ALA A 22 -4.29 9.63 10.11
CA ALA A 22 -5.05 10.40 11.08
C ALA A 22 -4.13 11.31 11.88
N GLY A 23 -2.85 11.28 11.55
CA GLY A 23 -1.88 12.07 12.28
C GLY A 23 -1.05 12.92 11.35
N ARG A 24 -1.43 14.19 11.21
CA ARG A 24 -0.74 15.14 10.34
C ARG A 24 -0.71 14.67 8.88
N TRP A 25 -1.68 15.14 8.11
CA TRP A 25 -1.76 14.77 6.71
C TRP A 25 -2.30 15.92 5.86
N LYS A 26 -3.41 16.52 6.32
CA LYS A 26 -4.12 17.59 5.60
C LYS A 26 -4.56 17.12 4.21
N HIS A 27 -5.86 17.24 3.95
CA HIS A 27 -6.46 16.78 2.70
C HIS A 27 -6.47 15.25 2.63
N PRO A 28 -7.48 14.62 3.25
CA PRO A 28 -7.59 13.16 3.27
C PRO A 28 -7.97 12.64 1.89
N ASN A 29 -8.54 13.54 1.08
CA ASN A 29 -9.02 13.19 -0.25
C ASN A 29 -7.87 13.06 -1.24
N ILE A 30 -6.75 13.73 -0.97
CA ILE A 30 -5.60 13.65 -1.85
C ILE A 30 -4.99 12.25 -1.79
N VAL A 31 -4.78 11.76 -0.57
CA VAL A 31 -4.18 10.45 -0.39
C VAL A 31 -5.19 9.35 -0.75
N ARG A 32 -6.48 9.62 -0.55
CA ARG A 32 -7.52 8.69 -0.95
C ARG A 32 -7.51 8.51 -2.47
N SER A 33 -7.22 9.59 -3.18
CA SER A 33 -7.09 9.53 -4.63
C SER A 33 -5.88 8.69 -5.02
N ARG A 34 -4.87 8.65 -4.15
CA ARG A 34 -3.72 7.80 -4.37
C ARG A 34 -4.08 6.35 -4.14
N ILE A 35 -4.84 6.10 -3.08
CA ILE A 35 -5.29 4.74 -2.78
C ILE A 35 -6.08 4.18 -3.96
N GLU A 36 -7.01 4.98 -4.46
CA GLU A 36 -7.86 4.64 -5.59
C GLU A 36 -7.08 4.42 -6.89
N LYS A 37 -5.87 4.98 -6.97
CA LYS A 37 -5.11 4.97 -8.22
C LYS A 37 -3.89 4.04 -8.14
N ASP A 38 -3.18 4.09 -7.02
CA ASP A 38 -1.97 3.29 -6.83
C ASP A 38 -2.30 1.87 -6.41
N ILE A 39 -2.89 1.75 -5.23
CA ILE A 39 -3.10 0.46 -4.58
C ILE A 39 -4.25 -0.32 -5.22
N LYS A 40 -5.41 0.32 -5.33
CA LYS A 40 -6.61 -0.36 -5.78
C LYS A 40 -7.32 0.41 -6.90
N PRO A 41 -6.77 0.38 -8.12
CA PRO A 41 -7.41 0.99 -9.28
C PRO A 41 -8.61 0.19 -9.75
N ALA A 42 -8.42 -1.11 -9.97
CA ALA A 42 -9.50 -1.98 -10.40
C ALA A 42 -9.39 -3.36 -9.77
N ILE A 43 -8.51 -3.49 -8.79
CA ILE A 43 -8.28 -4.76 -8.14
C ILE A 43 -8.85 -4.75 -6.72
N GLY A 44 -9.68 -3.75 -6.42
CA GLY A 44 -10.24 -3.61 -5.09
C GLY A 44 -11.24 -4.71 -4.78
N SER A 45 -11.68 -5.43 -5.79
CA SER A 45 -12.59 -6.54 -5.61
C SER A 45 -11.82 -7.79 -5.16
N LEU A 46 -10.49 -7.72 -5.26
CA LEU A 46 -9.65 -8.85 -4.92
C LEU A 46 -9.29 -8.82 -3.44
N LYS A 47 -9.35 -9.98 -2.81
CA LYS A 47 -9.05 -10.09 -1.39
C LYS A 47 -7.54 -10.14 -1.15
N VAL A 48 -7.16 -10.24 0.11
CA VAL A 48 -5.75 -10.22 0.49
C VAL A 48 -5.04 -11.48 0.00
N GLU A 49 -5.81 -12.55 -0.13
CA GLU A 49 -5.27 -13.83 -0.63
C GLU A 49 -5.20 -13.81 -2.15
N ASP A 50 -5.89 -12.87 -2.77
CA ASP A 50 -6.06 -12.87 -4.22
C ASP A 50 -5.24 -11.75 -4.88
N VAL A 51 -4.70 -10.85 -4.07
CA VAL A 51 -3.79 -9.83 -4.57
C VAL A 51 -2.38 -10.42 -4.71
N LYS A 52 -2.15 -11.06 -5.84
CA LYS A 52 -0.94 -11.84 -6.08
C LYS A 52 0.12 -10.98 -6.79
N PRO A 53 1.40 -11.41 -6.71
CA PRO A 53 2.57 -10.65 -7.21
C PRO A 53 2.35 -9.90 -8.52
N ARG A 54 1.81 -10.56 -9.53
CA ARG A 54 1.68 -9.95 -10.86
C ARG A 54 0.77 -8.71 -10.83
N HIS A 55 -0.13 -8.65 -9.87
CA HIS A 55 -1.01 -7.49 -9.74
C HIS A 55 -0.20 -6.29 -9.30
N ILE A 56 0.79 -6.55 -8.43
CA ILE A 56 1.65 -5.51 -7.91
C ILE A 56 2.54 -4.97 -9.01
N ASP A 57 2.99 -5.84 -9.89
CA ASP A 57 3.78 -5.43 -11.04
C ASP A 57 2.94 -4.54 -11.95
N ASP A 58 1.69 -4.95 -12.17
CA ASP A 58 0.79 -4.19 -13.01
C ASP A 58 0.53 -2.79 -12.46
N VAL A 59 0.21 -2.70 -11.17
CA VAL A 59 -0.12 -1.42 -10.57
C VAL A 59 1.10 -0.49 -10.57
N LEU A 60 2.28 -1.03 -10.24
CA LEU A 60 3.50 -0.24 -10.22
C LEU A 60 3.89 0.19 -11.63
N LYS A 61 3.67 -0.70 -12.58
CA LYS A 61 3.94 -0.39 -13.98
C LYS A 61 2.96 0.66 -14.51
N ALA A 62 1.75 0.66 -13.98
CA ALA A 62 0.74 1.63 -14.39
C ALA A 62 0.99 2.98 -13.72
N VAL A 63 1.39 2.98 -12.45
CA VAL A 63 1.61 4.23 -11.73
C VAL A 63 2.88 4.94 -12.19
N MET A 64 3.84 4.18 -12.71
CA MET A 64 5.09 4.75 -13.18
C MET A 64 4.91 5.44 -14.52
N LYS A 65 3.92 5.00 -15.29
CA LYS A 65 3.68 5.56 -16.62
C LYS A 65 2.73 6.74 -16.54
N ARG A 66 1.73 6.65 -15.68
CA ARG A 66 0.75 7.72 -15.52
C ARG A 66 1.31 8.84 -14.64
N GLY A 67 2.30 8.52 -13.83
CA GLY A 67 2.85 9.49 -12.91
C GLY A 67 4.37 9.57 -12.98
N ALA A 68 5.02 8.73 -12.20
CA ALA A 68 6.48 8.72 -12.12
C ALA A 68 6.97 7.46 -11.44
N PRO A 69 8.13 6.95 -11.85
CA PRO A 69 8.71 5.73 -11.31
C PRO A 69 9.09 5.88 -9.83
N SER A 70 9.40 7.10 -9.43
CA SER A 70 9.75 7.41 -8.05
C SER A 70 8.56 7.18 -7.13
N ILE A 71 7.35 7.33 -7.68
CA ILE A 71 6.14 7.11 -6.91
C ILE A 71 5.97 5.62 -6.61
N ALA A 72 6.23 4.80 -7.62
CA ALA A 72 6.14 3.35 -7.48
C ALA A 72 7.09 2.84 -6.40
N ASN A 73 8.25 3.49 -6.29
CA ASN A 73 9.25 3.13 -5.30
C ASN A 73 8.70 3.33 -3.89
N ASP A 74 8.10 4.50 -3.66
CA ASP A 74 7.53 4.82 -2.36
C ASP A 74 6.30 3.98 -2.08
N THR A 75 5.44 3.83 -3.09
CA THR A 75 4.23 3.02 -2.95
C THR A 75 4.57 1.56 -2.63
N LEU A 76 5.70 1.07 -3.15
CA LEU A 76 6.15 -0.28 -2.87
C LEU A 76 6.39 -0.45 -1.36
N ARG A 77 6.99 0.56 -0.75
CA ARG A 77 7.22 0.56 0.69
C ARG A 77 5.89 0.61 1.42
N TRP A 78 5.00 1.45 0.92
CA TRP A 78 3.66 1.62 1.48
C TRP A 78 2.91 0.29 1.46
N LEU A 79 2.97 -0.41 0.34
CA LEU A 79 2.33 -1.70 0.18
C LEU A 79 2.89 -2.72 1.17
N LYS A 80 4.20 -2.70 1.38
CA LYS A 80 4.85 -3.62 2.28
C LYS A 80 4.37 -3.39 3.70
N ARG A 81 4.24 -2.12 4.09
CA ARG A 81 3.73 -1.77 5.41
C ARG A 81 2.30 -2.24 5.59
N MET A 82 1.53 -2.14 4.51
CA MET A 82 0.14 -2.58 4.51
C MET A 82 0.02 -4.09 4.62
N PHE A 83 0.83 -4.81 3.83
CA PHE A 83 0.84 -6.27 3.89
C PHE A 83 1.35 -6.75 5.24
N ASN A 84 2.38 -6.08 5.75
CA ASN A 84 2.91 -6.36 7.07
C ASN A 84 1.83 -6.14 8.13
N TYR A 85 1.12 -5.04 7.98
CA TYR A 85 -0.01 -4.70 8.85
C TYR A 85 -1.03 -5.83 8.87
N ALA A 86 -1.27 -6.42 7.71
CA ALA A 86 -2.22 -7.53 7.59
C ALA A 86 -1.70 -8.78 8.29
N ILE A 87 -0.38 -8.94 8.33
CA ILE A 87 0.23 -10.07 9.02
C ILE A 87 0.02 -9.95 10.52
N LYS A 88 0.21 -8.73 11.03
CA LYS A 88 0.04 -8.45 12.47
C LYS A 88 -1.35 -8.83 12.94
N ARG A 89 -2.35 -8.39 12.19
CA ARG A 89 -3.75 -8.65 12.54
C ARG A 89 -4.19 -10.06 12.10
N HIS A 90 -3.22 -10.90 11.77
CA HIS A 90 -3.45 -12.33 11.51
C HIS A 90 -4.36 -12.55 10.29
N ILE A 91 -4.25 -11.68 9.30
CA ILE A 91 -4.97 -11.87 8.05
C ILE A 91 -4.15 -12.75 7.12
N ILE A 92 -2.88 -12.43 6.99
CA ILE A 92 -1.97 -13.22 6.18
C ILE A 92 -0.70 -13.53 6.96
N GLU A 93 -0.02 -14.58 6.55
CA GLU A 93 1.23 -14.97 7.17
C GLU A 93 2.40 -14.62 6.25
N TYR A 94 2.15 -14.74 4.95
CA TYR A 94 3.14 -14.40 3.93
C TYR A 94 2.59 -13.32 3.01
N ASN A 95 3.42 -12.35 2.66
CA ASN A 95 3.00 -11.26 1.78
C ASN A 95 3.50 -11.47 0.37
N PRO A 96 2.69 -11.09 -0.64
CA PRO A 96 3.01 -11.28 -2.06
C PRO A 96 4.08 -10.31 -2.57
N ALA A 97 4.53 -9.42 -1.70
CA ALA A 97 5.52 -8.41 -2.08
C ALA A 97 6.84 -8.67 -1.36
N ALA A 98 7.06 -9.91 -0.97
CA ALA A 98 8.26 -10.28 -0.23
C ALA A 98 9.51 -10.20 -1.10
N ALA A 99 9.36 -10.51 -2.39
CA ALA A 99 10.49 -10.54 -3.30
C ALA A 99 10.57 -9.25 -4.11
N PHE A 100 9.63 -8.36 -3.91
CA PHE A 100 9.62 -7.09 -4.63
C PHE A 100 10.50 -6.06 -3.94
N ASP A 101 11.59 -5.68 -4.60
CA ASP A 101 12.51 -4.68 -4.07
C ASP A 101 13.16 -3.91 -5.21
N PRO A 102 13.05 -2.57 -5.18
CA PRO A 102 13.58 -1.71 -6.25
C PRO A 102 15.10 -1.52 -6.16
N GLY A 103 15.77 -2.41 -5.45
CA GLY A 103 17.22 -2.35 -5.33
C GLY A 103 17.69 -1.17 -4.51
N ASP A 104 16.85 -0.77 -3.55
CA ASP A 104 17.14 0.37 -2.67
C ASP A 104 17.28 1.66 -3.47
N ALA A 105 16.18 2.38 -3.60
CA ALA A 105 16.18 3.65 -4.32
C ALA A 105 15.89 4.80 -3.36
N GLY A 106 16.95 5.45 -2.92
CA GLY A 106 16.80 6.52 -1.96
C GLY A 106 16.91 6.03 -0.53
N GLY A 107 17.83 6.61 0.23
CA GLY A 107 18.07 6.18 1.58
C GLY A 107 17.80 7.31 2.54
N LYS A 108 16.81 8.12 2.18
CA LYS A 108 16.41 9.31 2.93
C LYS A 108 17.33 10.47 2.61
N LEU A 109 16.72 11.56 2.17
CA LEU A 109 17.47 12.72 1.71
C LEU A 109 17.45 13.82 2.77
N GLU A 110 16.28 14.46 2.92
CA GLU A 110 16.13 15.60 3.80
C GLU A 110 17.10 16.73 3.41
N HIS A 111 17.40 17.61 4.35
CA HIS A 111 18.27 18.75 4.08
C HIS A 111 18.68 19.41 5.38
N HIS A 112 19.93 19.85 5.44
CA HIS A 112 20.42 20.60 6.58
C HIS A 112 20.66 22.05 6.20
N HIS A 113 21.05 22.26 4.95
CA HIS A 113 21.28 23.60 4.42
C HIS A 113 20.21 23.95 3.39
N HIS A 114 19.40 24.95 3.70
CA HIS A 114 18.40 25.44 2.76
C HIS A 114 18.60 26.93 2.53
N HIS A 115 18.87 27.65 3.62
CA HIS A 115 19.18 29.08 3.55
C HIS A 115 19.76 29.53 4.87
N HIS A 116 20.93 30.15 4.81
CA HIS A 116 21.58 30.67 6.01
C HIS A 116 20.85 31.91 6.52
N MET A 1 -18.44 -5.75 0.15
CA MET A 1 -19.11 -5.75 1.47
C MET A 1 -18.61 -6.92 2.31
N ALA A 2 -17.79 -6.61 3.32
CA ALA A 2 -17.27 -7.62 4.22
C ALA A 2 -16.77 -6.98 5.50
N GLU A 3 -17.68 -6.72 6.41
CA GLU A 3 -17.34 -6.02 7.64
C GLU A 3 -17.29 -6.98 8.83
N LYS A 4 -16.12 -7.57 9.07
CA LYS A 4 -15.91 -8.44 10.20
C LYS A 4 -14.41 -8.63 10.38
N ASN A 5 -13.83 -9.43 9.50
CA ASN A 5 -12.42 -9.81 9.59
C ASN A 5 -12.06 -10.70 8.39
N ALA A 6 -12.74 -10.44 7.27
CA ALA A 6 -12.53 -11.22 6.05
C ALA A 6 -12.77 -10.33 4.84
N TYR A 7 -12.21 -9.13 4.90
CA TYR A 7 -12.48 -8.12 3.88
C TYR A 7 -11.38 -8.06 2.82
N THR A 8 -11.54 -7.12 1.90
CA THR A 8 -10.64 -6.99 0.76
C THR A 8 -9.49 -6.03 1.07
N VAL A 9 -8.58 -5.90 0.12
CA VAL A 9 -7.46 -4.98 0.27
C VAL A 9 -7.94 -3.54 0.36
N ALA A 10 -9.07 -3.25 -0.29
CA ALA A 10 -9.65 -1.92 -0.25
C ALA A 10 -10.15 -1.59 1.15
N GLN A 11 -10.72 -2.58 1.81
CA GLN A 11 -11.20 -2.41 3.18
C GLN A 11 -10.04 -2.44 4.16
N LEU A 12 -9.02 -3.22 3.83
CA LEU A 12 -7.83 -3.31 4.67
C LEU A 12 -7.12 -1.96 4.69
N ALA A 13 -6.91 -1.39 3.50
CA ALA A 13 -6.28 -0.09 3.37
C ALA A 13 -7.12 1.00 4.05
N ASP A 14 -8.43 0.80 4.04
CA ASP A 14 -9.37 1.74 4.65
C ASP A 14 -9.10 1.90 6.14
N GLU A 15 -8.95 0.78 6.84
CA GLU A 15 -8.66 0.83 8.27
C GLU A 15 -7.18 1.17 8.50
N TYR A 16 -6.33 0.67 7.61
CA TYR A 16 -4.89 0.91 7.70
C TYR A 16 -4.55 2.39 7.54
N PHE A 17 -5.14 3.03 6.52
CA PHE A 17 -4.80 4.43 6.24
C PHE A 17 -5.25 5.32 7.38
N GLU A 18 -6.31 4.92 8.07
CA GLU A 18 -6.79 5.69 9.21
C GLU A 18 -5.73 5.75 10.31
N ARG A 19 -4.97 4.68 10.46
CA ARG A 19 -3.95 4.59 11.51
C ARG A 19 -2.77 5.51 11.20
N MET A 20 -2.53 5.77 9.93
CA MET A 20 -1.41 6.62 9.53
C MET A 20 -1.88 8.05 9.26
N ILE A 21 -3.13 8.17 8.84
CA ILE A 21 -3.69 9.44 8.43
C ILE A 21 -4.69 9.95 9.49
N ALA A 22 -4.23 9.92 10.74
CA ALA A 22 -5.04 10.40 11.85
C ALA A 22 -4.28 11.48 12.62
N GLY A 23 -4.99 12.16 13.53
CA GLY A 23 -4.38 13.21 14.31
C GLY A 23 -4.23 14.51 13.54
N ARG A 24 -3.37 14.47 12.53
CA ARG A 24 -3.14 15.62 11.67
C ARG A 24 -2.65 15.14 10.32
N TRP A 25 -3.39 15.49 9.32
CA TRP A 25 -3.10 15.08 7.95
C TRP A 25 -3.48 16.16 6.96
N LYS A 26 -4.69 16.72 7.13
CA LYS A 26 -5.28 17.68 6.21
C LYS A 26 -5.58 17.06 4.85
N HIS A 27 -6.82 17.23 4.40
CA HIS A 27 -7.32 16.60 3.18
C HIS A 27 -7.30 15.09 3.30
N PRO A 28 -8.36 14.49 3.87
CA PRO A 28 -8.45 13.03 4.00
C PRO A 28 -8.53 12.37 2.62
N ASN A 29 -8.96 13.16 1.64
CA ASN A 29 -9.12 12.68 0.28
C ASN A 29 -7.78 12.60 -0.45
N ILE A 30 -6.78 13.32 0.03
CA ILE A 30 -5.48 13.39 -0.66
C ILE A 30 -4.80 12.02 -0.61
N VAL A 31 -4.96 11.32 0.49
CA VAL A 31 -4.37 10.00 0.64
C VAL A 31 -5.21 8.96 -0.10
N ARG A 32 -6.52 9.14 -0.09
CA ARG A 32 -7.43 8.18 -0.69
C ARG A 32 -7.32 8.22 -2.21
N SER A 33 -7.30 9.42 -2.77
CA SER A 33 -7.30 9.61 -4.21
C SER A 33 -6.09 8.93 -4.86
N ARG A 34 -4.98 8.85 -4.13
CA ARG A 34 -3.81 8.19 -4.66
C ARG A 34 -3.95 6.67 -4.54
N ILE A 35 -4.53 6.19 -3.46
CA ILE A 35 -4.69 4.75 -3.25
C ILE A 35 -5.66 4.16 -4.27
N GLU A 36 -6.80 4.82 -4.39
CA GLU A 36 -7.89 4.40 -5.27
C GLU A 36 -7.45 4.36 -6.75
N LYS A 37 -6.39 5.09 -7.08
CA LYS A 37 -5.94 5.18 -8.47
C LYS A 37 -4.62 4.44 -8.66
N ASP A 38 -3.67 4.71 -7.78
CA ASP A 38 -2.29 4.27 -7.96
C ASP A 38 -2.09 2.85 -7.44
N ILE A 39 -2.73 2.54 -6.33
CA ILE A 39 -2.54 1.27 -5.66
C ILE A 39 -3.56 0.24 -6.12
N LYS A 40 -4.84 0.61 -6.08
CA LYS A 40 -5.89 -0.32 -6.45
C LYS A 40 -6.86 0.29 -7.47
N PRO A 41 -6.45 0.29 -8.76
CA PRO A 41 -7.28 0.84 -9.84
C PRO A 41 -8.49 -0.04 -10.15
N ALA A 42 -8.23 -1.31 -10.43
CA ALA A 42 -9.30 -2.24 -10.80
C ALA A 42 -9.39 -3.38 -9.80
N ILE A 43 -8.67 -3.24 -8.70
CA ILE A 43 -8.65 -4.26 -7.66
C ILE A 43 -9.26 -3.73 -6.36
N GLY A 44 -10.58 -3.64 -6.34
CA GLY A 44 -11.29 -3.18 -5.16
C GLY A 44 -11.84 -4.33 -4.36
N SER A 45 -12.58 -5.20 -5.03
CA SER A 45 -13.10 -6.42 -4.40
C SER A 45 -12.03 -7.50 -4.42
N LEU A 46 -10.79 -7.09 -4.33
CA LEU A 46 -9.66 -8.00 -4.35
C LEU A 46 -9.35 -8.45 -2.92
N LYS A 47 -9.67 -9.71 -2.63
CA LYS A 47 -9.40 -10.28 -1.33
C LYS A 47 -7.90 -10.32 -1.07
N VAL A 48 -7.52 -10.17 0.19
CA VAL A 48 -6.11 -10.25 0.59
C VAL A 48 -5.53 -11.62 0.26
N GLU A 49 -6.43 -12.61 0.20
CA GLU A 49 -6.07 -13.98 -0.16
C GLU A 49 -5.79 -14.09 -1.67
N ASP A 50 -6.40 -13.20 -2.43
CA ASP A 50 -6.40 -13.30 -3.88
C ASP A 50 -5.42 -12.33 -4.53
N VAL A 51 -4.80 -11.49 -3.71
CA VAL A 51 -3.84 -10.54 -4.23
C VAL A 51 -2.43 -11.16 -4.28
N LYS A 52 -2.15 -11.84 -5.37
CA LYS A 52 -0.82 -12.39 -5.59
C LYS A 52 0.11 -11.31 -6.17
N PRO A 53 1.44 -11.47 -5.94
CA PRO A 53 2.46 -10.49 -6.34
C PRO A 53 2.26 -9.87 -7.73
N ARG A 54 1.84 -10.67 -8.70
CA ARG A 54 1.65 -10.18 -10.07
C ARG A 54 0.67 -9.02 -10.14
N HIS A 55 -0.27 -8.95 -9.20
CA HIS A 55 -1.21 -7.85 -9.16
C HIS A 55 -0.49 -6.55 -8.81
N ILE A 56 0.40 -6.63 -7.83
CA ILE A 56 1.21 -5.48 -7.43
C ILE A 56 2.23 -5.16 -8.52
N ASP A 57 2.72 -6.20 -9.16
CA ASP A 57 3.65 -6.06 -10.27
C ASP A 57 3.02 -5.30 -11.42
N ASP A 58 1.72 -5.52 -11.61
CA ASP A 58 0.97 -4.90 -12.70
C ASP A 58 0.70 -3.43 -12.41
N VAL A 59 0.49 -3.07 -11.15
CA VAL A 59 0.22 -1.68 -10.82
C VAL A 59 1.52 -0.86 -10.86
N LEU A 60 2.63 -1.47 -10.43
CA LEU A 60 3.92 -0.78 -10.39
C LEU A 60 4.39 -0.40 -11.79
N LYS A 61 4.18 -1.28 -12.76
CA LYS A 61 4.55 -1.00 -14.14
C LYS A 61 3.74 0.19 -14.68
N ALA A 62 2.52 0.31 -14.20
CA ALA A 62 1.62 1.38 -14.62
C ALA A 62 1.99 2.71 -13.97
N VAL A 63 2.27 2.69 -12.66
CA VAL A 63 2.57 3.90 -11.92
C VAL A 63 3.87 4.55 -12.43
N MET A 64 4.74 3.73 -13.01
CA MET A 64 6.00 4.22 -13.55
C MET A 64 5.77 4.94 -14.88
N LYS A 65 4.96 4.33 -15.74
CA LYS A 65 4.78 4.81 -17.11
C LYS A 65 3.96 6.09 -17.15
N ARG A 66 2.92 6.16 -16.33
CA ARG A 66 2.05 7.33 -16.32
C ARG A 66 2.63 8.45 -15.47
N GLY A 67 3.26 8.08 -14.35
CA GLY A 67 3.78 9.06 -13.44
C GLY A 67 5.29 9.12 -13.46
N ALA A 68 5.91 8.38 -12.56
CA ALA A 68 7.36 8.39 -12.43
C ALA A 68 7.81 7.24 -11.53
N PRO A 69 9.06 6.77 -11.69
CA PRO A 69 9.63 5.72 -10.85
C PRO A 69 9.63 6.08 -9.37
N SER A 70 9.70 7.38 -9.09
CA SER A 70 9.67 7.88 -7.72
C SER A 70 8.36 7.50 -7.02
N ILE A 71 7.27 7.51 -7.79
CA ILE A 71 5.96 7.17 -7.26
C ILE A 71 5.95 5.72 -6.81
N ALA A 72 6.53 4.85 -7.63
CA ALA A 72 6.60 3.43 -7.33
C ALA A 72 7.36 3.18 -6.03
N ASN A 73 8.41 3.98 -5.81
CA ASN A 73 9.23 3.87 -4.61
C ASN A 73 8.39 4.12 -3.36
N ASP A 74 7.64 5.22 -3.35
CA ASP A 74 6.78 5.56 -2.23
C ASP A 74 5.61 4.59 -2.11
N THR A 75 5.06 4.18 -3.26
CA THR A 75 3.97 3.23 -3.27
C THR A 75 4.42 1.88 -2.69
N LEU A 76 5.65 1.47 -3.01
CA LEU A 76 6.21 0.23 -2.47
C LEU A 76 6.23 0.24 -0.94
N ARG A 77 6.63 1.37 -0.37
CA ARG A 77 6.63 1.53 1.08
C ARG A 77 5.24 1.30 1.64
N TRP A 78 4.26 1.96 1.04
CA TRP A 78 2.88 1.86 1.48
C TRP A 78 2.35 0.44 1.30
N LEU A 79 2.69 -0.16 0.16
CA LEU A 79 2.26 -1.53 -0.14
C LEU A 79 2.79 -2.51 0.89
N LYS A 80 4.09 -2.44 1.15
CA LYS A 80 4.73 -3.35 2.07
C LYS A 80 4.14 -3.19 3.47
N ARG A 81 3.91 -1.95 3.88
CA ARG A 81 3.30 -1.66 5.17
C ARG A 81 1.87 -2.20 5.22
N MET A 82 1.13 -1.99 4.14
CA MET A 82 -0.26 -2.43 4.05
C MET A 82 -0.35 -3.95 4.18
N PHE A 83 0.52 -4.66 3.47
CA PHE A 83 0.55 -6.11 3.55
C PHE A 83 1.20 -6.57 4.85
N ASN A 84 2.03 -5.72 5.42
CA ASN A 84 2.63 -6.00 6.72
C ASN A 84 1.55 -5.94 7.80
N TYR A 85 0.57 -5.07 7.60
CA TYR A 85 -0.58 -4.99 8.50
C TYR A 85 -1.36 -6.31 8.48
N ALA A 86 -1.40 -6.95 7.32
CA ALA A 86 -2.06 -8.25 7.18
C ALA A 86 -1.32 -9.31 7.98
N ILE A 87 0.00 -9.16 8.05
CA ILE A 87 0.83 -10.07 8.86
C ILE A 87 0.73 -9.69 10.33
N LYS A 88 0.59 -8.40 10.58
CA LYS A 88 0.34 -7.87 11.92
C LYS A 88 -0.96 -8.45 12.49
N ARG A 89 -2.00 -8.45 11.66
CA ARG A 89 -3.26 -9.08 12.03
C ARG A 89 -3.14 -10.61 11.98
N HIS A 90 -2.04 -11.08 11.38
CA HIS A 90 -1.79 -12.51 11.24
C HIS A 90 -2.85 -13.18 10.39
N ILE A 91 -3.22 -12.50 9.32
CA ILE A 91 -4.22 -13.01 8.38
C ILE A 91 -3.57 -13.94 7.38
N ILE A 92 -2.63 -13.41 6.61
CA ILE A 92 -1.95 -14.19 5.58
C ILE A 92 -0.47 -14.28 5.86
N GLU A 93 0.16 -15.28 5.26
CA GLU A 93 1.61 -15.45 5.34
C GLU A 93 2.20 -15.51 3.93
N TYR A 94 2.47 -14.33 3.37
CA TYR A 94 2.95 -14.22 1.99
C TYR A 94 3.65 -12.88 1.77
N ASN A 95 2.91 -11.80 2.03
CA ASN A 95 3.37 -10.44 1.73
C ASN A 95 3.63 -10.27 0.24
N PRO A 96 2.58 -9.96 -0.53
CA PRO A 96 2.65 -9.83 -1.99
C PRO A 96 3.48 -8.63 -2.46
N ALA A 97 3.94 -7.82 -1.51
CA ALA A 97 4.77 -6.66 -1.83
C ALA A 97 6.18 -7.11 -2.22
N ALA A 98 6.48 -8.36 -1.92
CA ALA A 98 7.77 -8.96 -2.25
C ALA A 98 7.95 -9.13 -3.76
N ALA A 99 6.91 -8.78 -4.51
CA ALA A 99 6.93 -8.88 -5.97
C ALA A 99 8.07 -8.04 -6.57
N PHE A 100 8.42 -6.96 -5.88
CA PHE A 100 9.48 -6.10 -6.35
C PHE A 100 10.49 -5.86 -5.24
N ASP A 101 11.77 -6.03 -5.55
CA ASP A 101 12.82 -5.86 -4.56
C ASP A 101 13.63 -4.59 -4.84
N PRO A 102 13.36 -3.52 -4.08
CA PRO A 102 14.11 -2.29 -4.15
C PRO A 102 15.26 -2.26 -3.15
N GLY A 103 15.34 -3.30 -2.31
CA GLY A 103 16.30 -3.32 -1.25
C GLY A 103 15.85 -2.51 -0.05
N ASP A 104 16.72 -2.37 0.92
CA ASP A 104 16.44 -1.55 2.10
C ASP A 104 17.57 -0.55 2.32
N ALA A 105 18.78 -0.96 1.98
CA ALA A 105 19.95 -0.11 2.16
C ALA A 105 21.01 -0.45 1.11
N GLY A 106 21.23 0.48 0.19
CA GLY A 106 22.23 0.27 -0.83
C GLY A 106 22.56 1.53 -1.61
N GLY A 107 23.82 1.93 -1.55
CA GLY A 107 24.27 3.06 -2.33
C GLY A 107 25.78 3.18 -2.25
N LYS A 108 26.26 3.42 -1.04
CA LYS A 108 27.69 3.49 -0.76
C LYS A 108 27.94 3.61 0.74
N LEU A 109 27.20 4.52 1.38
CA LEU A 109 27.29 4.77 2.82
C LEU A 109 28.75 4.82 3.31
N GLU A 110 29.42 5.92 3.01
CA GLU A 110 30.80 6.09 3.43
C GLU A 110 30.92 7.24 4.42
N HIS A 111 32.04 7.27 5.13
CA HIS A 111 32.37 8.38 5.99
C HIS A 111 33.85 8.66 5.93
N HIS A 112 34.24 9.72 5.24
CA HIS A 112 35.65 10.08 5.14
C HIS A 112 35.96 11.21 6.10
N HIS A 113 36.96 10.97 6.94
CA HIS A 113 37.33 11.90 7.98
C HIS A 113 38.79 12.28 7.85
N HIS A 114 39.07 13.58 7.80
CA HIS A 114 40.42 14.07 7.68
C HIS A 114 41.05 14.35 9.04
N HIS A 115 42.16 13.70 9.32
CA HIS A 115 42.97 14.01 10.49
C HIS A 115 44.39 14.27 10.04
N HIS A 116 44.84 15.49 10.22
CA HIS A 116 46.16 15.91 9.75
C HIS A 116 47.21 15.68 10.83
N MET A 1 -14.12 -1.34 8.13
CA MET A 1 -15.58 -1.35 8.37
C MET A 1 -16.08 -2.77 8.65
N ALA A 2 -15.68 -3.72 7.79
CA ALA A 2 -16.00 -5.15 7.97
C ALA A 2 -17.44 -5.47 7.63
N GLU A 3 -18.35 -4.88 8.40
CA GLU A 3 -19.80 -5.04 8.21
C GLU A 3 -20.27 -6.45 8.53
N LYS A 4 -20.07 -7.38 7.60
CA LYS A 4 -20.65 -8.69 7.68
C LYS A 4 -19.62 -9.73 8.13
N ASN A 5 -18.55 -9.88 7.35
CA ASN A 5 -17.52 -10.87 7.63
C ASN A 5 -16.39 -10.71 6.63
N ALA A 6 -15.15 -10.75 7.13
CA ALA A 6 -13.95 -10.70 6.30
C ALA A 6 -13.79 -9.35 5.59
N TYR A 7 -12.75 -9.25 4.78
CA TYR A 7 -12.44 -8.03 4.04
C TYR A 7 -11.98 -8.38 2.63
N THR A 8 -11.83 -7.36 1.80
CA THR A 8 -11.16 -7.52 0.52
C THR A 8 -9.90 -6.67 0.54
N VAL A 9 -9.17 -6.63 -0.57
CA VAL A 9 -7.97 -5.81 -0.66
C VAL A 9 -8.32 -4.33 -0.52
N ALA A 10 -9.51 -3.96 -0.99
CA ALA A 10 -9.96 -2.57 -0.88
C ALA A 10 -10.29 -2.22 0.57
N GLN A 11 -11.11 -3.05 1.22
CA GLN A 11 -11.50 -2.79 2.61
C GLN A 11 -10.30 -2.80 3.53
N LEU A 12 -9.29 -3.62 3.20
CA LEU A 12 -8.06 -3.68 3.98
C LEU A 12 -7.36 -2.31 3.99
N ALA A 13 -7.27 -1.70 2.83
CA ALA A 13 -6.63 -0.39 2.70
C ALA A 13 -7.40 0.69 3.43
N ASP A 14 -8.71 0.69 3.26
CA ASP A 14 -9.57 1.70 3.88
C ASP A 14 -9.67 1.49 5.40
N GLU A 15 -9.49 0.25 5.84
CA GLU A 15 -9.46 -0.03 7.27
C GLU A 15 -8.14 0.49 7.85
N TYR A 16 -7.06 0.28 7.11
CA TYR A 16 -5.75 0.79 7.49
C TYR A 16 -5.76 2.32 7.48
N PHE A 17 -6.51 2.89 6.54
CA PHE A 17 -6.69 4.34 6.44
C PHE A 17 -7.24 4.91 7.75
N GLU A 18 -8.32 4.31 8.24
CA GLU A 18 -8.99 4.77 9.45
C GLU A 18 -8.07 4.77 10.66
N ARG A 19 -7.02 3.96 10.61
CA ARG A 19 -6.15 3.77 11.76
C ARG A 19 -4.83 4.54 11.62
N MET A 20 -4.10 4.30 10.55
CA MET A 20 -2.75 4.86 10.41
C MET A 20 -2.79 6.30 9.88
N ILE A 21 -3.83 6.61 9.11
CA ILE A 21 -4.00 7.94 8.53
C ILE A 21 -4.65 8.88 9.56
N ALA A 22 -5.32 8.29 10.54
CA ALA A 22 -5.96 9.06 11.60
C ALA A 22 -4.93 9.69 12.53
N GLY A 23 -3.72 9.15 12.53
CA GLY A 23 -2.66 9.66 13.37
C GLY A 23 -2.11 10.97 12.85
N ARG A 24 -1.16 10.88 11.92
CA ARG A 24 -0.59 12.05 11.29
C ARG A 24 -0.39 11.77 9.80
N TRP A 25 -1.21 12.41 9.03
CA TRP A 25 -1.27 12.16 7.60
C TRP A 25 -0.91 13.41 6.80
N LYS A 26 -1.21 14.59 7.37
CA LYS A 26 -0.73 15.88 6.87
C LYS A 26 -1.34 16.30 5.52
N HIS A 27 -1.83 15.34 4.74
CA HIS A 27 -2.33 15.63 3.41
C HIS A 27 -3.39 14.61 2.99
N PRO A 28 -4.63 14.84 3.43
CA PRO A 28 -5.77 13.95 3.15
C PRO A 28 -5.98 13.71 1.66
N ASN A 29 -5.85 14.77 0.88
CA ASN A 29 -6.03 14.70 -0.55
C ASN A 29 -4.92 13.88 -1.20
N ILE A 30 -3.69 14.07 -0.74
CA ILE A 30 -2.54 13.40 -1.32
C ILE A 30 -2.49 11.93 -0.90
N VAL A 31 -2.86 11.66 0.36
CA VAL A 31 -2.83 10.29 0.85
C VAL A 31 -3.92 9.45 0.17
N ARG A 32 -5.11 10.02 0.00
CA ARG A 32 -6.19 9.33 -0.70
C ARG A 32 -5.83 9.17 -2.18
N SER A 33 -5.07 10.12 -2.71
CA SER A 33 -4.60 10.03 -4.08
C SER A 33 -3.83 8.73 -4.30
N ARG A 34 -2.98 8.39 -3.35
CA ARG A 34 -2.18 7.17 -3.45
C ARG A 34 -2.99 5.95 -3.08
N ILE A 35 -3.89 6.08 -2.11
CA ILE A 35 -4.71 4.95 -1.70
C ILE A 35 -5.70 4.56 -2.79
N GLU A 36 -6.35 5.54 -3.39
CA GLU A 36 -7.40 5.26 -4.37
C GLU A 36 -6.81 4.96 -5.75
N LYS A 37 -5.71 5.61 -6.10
CA LYS A 37 -5.13 5.45 -7.43
C LYS A 37 -4.02 4.40 -7.46
N ASP A 38 -3.20 4.34 -6.42
CA ASP A 38 -2.11 3.36 -6.38
C ASP A 38 -2.57 2.04 -5.75
N ILE A 39 -3.21 2.13 -4.59
CA ILE A 39 -3.57 0.94 -3.83
C ILE A 39 -4.74 0.19 -4.46
N LYS A 40 -5.79 0.92 -4.84
CA LYS A 40 -6.94 0.28 -5.49
C LYS A 40 -7.15 0.79 -6.92
N PRO A 41 -6.25 0.48 -7.85
CA PRO A 41 -6.40 0.89 -9.25
C PRO A 41 -7.45 0.03 -9.97
N ALA A 42 -7.23 -1.28 -9.94
CA ALA A 42 -8.16 -2.24 -10.52
C ALA A 42 -8.34 -3.42 -9.60
N ILE A 43 -7.74 -3.32 -8.42
CA ILE A 43 -7.82 -4.38 -7.42
C ILE A 43 -8.52 -3.87 -6.18
N GLY A 44 -9.84 -4.00 -6.17
CA GLY A 44 -10.62 -3.59 -5.02
C GLY A 44 -11.53 -4.69 -4.53
N SER A 45 -12.32 -5.25 -5.45
CA SER A 45 -13.17 -6.38 -5.15
C SER A 45 -12.39 -7.69 -5.24
N LEU A 46 -11.07 -7.58 -5.36
CA LEU A 46 -10.20 -8.74 -5.42
C LEU A 46 -10.09 -9.38 -4.05
N LYS A 47 -10.18 -10.70 -4.00
CA LYS A 47 -10.06 -11.44 -2.75
C LYS A 47 -8.67 -11.21 -2.15
N VAL A 48 -8.60 -11.17 -0.83
CA VAL A 48 -7.33 -10.98 -0.14
C VAL A 48 -6.38 -12.15 -0.41
N GLU A 49 -6.96 -13.30 -0.69
CA GLU A 49 -6.18 -14.50 -0.99
C GLU A 49 -5.64 -14.45 -2.42
N ASP A 50 -6.09 -13.47 -3.19
CA ASP A 50 -5.72 -13.38 -4.59
C ASP A 50 -4.69 -12.29 -4.85
N VAL A 51 -4.24 -11.62 -3.80
CA VAL A 51 -3.24 -10.57 -3.98
C VAL A 51 -1.84 -11.18 -4.12
N LYS A 52 -1.56 -11.61 -5.33
CA LYS A 52 -0.32 -12.30 -5.65
C LYS A 52 0.79 -11.30 -5.98
N PRO A 53 2.05 -11.68 -5.73
CA PRO A 53 3.23 -10.82 -5.95
C PRO A 53 3.27 -10.18 -7.34
N ARG A 54 2.77 -10.90 -8.34
CA ARG A 54 2.74 -10.40 -9.71
C ARG A 54 1.95 -9.09 -9.79
N HIS A 55 0.86 -9.01 -9.04
CA HIS A 55 -0.02 -7.84 -9.07
C HIS A 55 0.74 -6.57 -8.68
N ILE A 56 1.67 -6.71 -7.75
CA ILE A 56 2.51 -5.59 -7.32
C ILE A 56 3.26 -4.99 -8.50
N ASP A 57 3.77 -5.86 -9.37
CA ASP A 57 4.47 -5.39 -10.57
C ASP A 57 3.47 -4.77 -11.54
N ASP A 58 2.31 -5.40 -11.67
CA ASP A 58 1.25 -4.92 -12.55
C ASP A 58 0.76 -3.54 -12.17
N VAL A 59 0.52 -3.33 -10.87
CA VAL A 59 0.03 -2.05 -10.40
C VAL A 59 1.09 -0.95 -10.54
N LEU A 60 2.34 -1.28 -10.24
CA LEU A 60 3.43 -0.31 -10.37
C LEU A 60 3.60 0.10 -11.83
N LYS A 61 3.35 -0.85 -12.73
CA LYS A 61 3.43 -0.57 -14.15
C LYS A 61 2.29 0.35 -14.58
N ALA A 62 1.13 0.20 -13.94
CA ALA A 62 -0.03 1.01 -14.25
C ALA A 62 0.12 2.42 -13.66
N VAL A 63 0.65 2.51 -12.45
CA VAL A 63 0.84 3.79 -11.80
C VAL A 63 2.03 4.55 -12.40
N MET A 64 2.92 3.80 -13.05
CA MET A 64 4.08 4.38 -13.70
C MET A 64 3.70 5.02 -15.03
N LYS A 65 2.93 4.28 -15.83
CA LYS A 65 2.60 4.71 -17.19
C LYS A 65 1.80 6.01 -17.21
N ARG A 66 0.93 6.16 -16.22
CA ARG A 66 0.08 7.34 -16.11
C ARG A 66 0.89 8.57 -15.71
N GLY A 67 2.12 8.37 -15.28
CA GLY A 67 2.95 9.47 -14.83
C GLY A 67 4.43 9.18 -15.01
N ALA A 68 5.12 8.94 -13.91
CA ALA A 68 6.55 8.68 -13.94
C ALA A 68 6.91 7.55 -12.98
N PRO A 69 8.02 6.84 -13.24
CA PRO A 69 8.49 5.73 -12.39
C PRO A 69 8.84 6.20 -10.98
N SER A 70 9.03 7.51 -10.83
CA SER A 70 9.37 8.11 -9.55
C SER A 70 8.26 7.89 -8.52
N ILE A 71 7.03 7.79 -9.00
CA ILE A 71 5.89 7.54 -8.13
C ILE A 71 5.85 6.09 -7.70
N ALA A 72 6.19 5.20 -8.64
CA ALA A 72 6.08 3.75 -8.44
C ALA A 72 6.89 3.29 -7.22
N ASN A 73 8.16 3.68 -7.18
CA ASN A 73 9.04 3.26 -6.09
C ASN A 73 8.59 3.85 -4.75
N ASP A 74 7.90 4.97 -4.81
CA ASP A 74 7.42 5.64 -3.60
C ASP A 74 6.22 4.88 -3.01
N THR A 75 5.38 4.35 -3.89
CA THR A 75 4.22 3.57 -3.50
C THR A 75 4.62 2.34 -2.66
N LEU A 76 5.81 1.82 -2.94
CA LEU A 76 6.35 0.66 -2.23
C LEU A 76 6.29 0.83 -0.71
N ARG A 77 6.70 2.02 -0.25
CA ARG A 77 6.69 2.33 1.18
C ARG A 77 5.31 2.04 1.78
N TRP A 78 4.29 2.54 1.09
CA TRP A 78 2.93 2.44 1.56
C TRP A 78 2.42 1.00 1.46
N LEU A 79 2.86 0.29 0.43
CA LEU A 79 2.46 -1.09 0.22
C LEU A 79 2.95 -1.98 1.36
N LYS A 80 4.24 -1.93 1.65
CA LYS A 80 4.83 -2.84 2.62
C LYS A 80 4.31 -2.60 4.04
N ARG A 81 3.99 -1.35 4.38
CA ARG A 81 3.48 -1.05 5.71
C ARG A 81 2.03 -1.52 5.84
N MET A 82 1.27 -1.41 4.76
CA MET A 82 -0.13 -1.82 4.74
C MET A 82 -0.24 -3.34 4.88
N PHE A 83 0.54 -4.06 4.08
CA PHE A 83 0.52 -5.51 4.12
C PHE A 83 1.13 -6.04 5.41
N ASN A 84 2.10 -5.28 5.95
CA ASN A 84 2.74 -5.66 7.22
C ASN A 84 1.70 -5.80 8.33
N TYR A 85 0.75 -4.89 8.34
CA TYR A 85 -0.32 -4.90 9.33
C TYR A 85 -1.19 -6.14 9.16
N ALA A 86 -1.42 -6.51 7.90
CA ALA A 86 -2.23 -7.67 7.58
C ALA A 86 -1.50 -8.97 7.93
N ILE A 87 -0.18 -8.92 7.92
CA ILE A 87 0.64 -10.07 8.33
C ILE A 87 0.49 -10.32 9.83
N LYS A 88 0.58 -9.24 10.60
CA LYS A 88 0.46 -9.31 12.05
C LYS A 88 -0.90 -9.85 12.44
N ARG A 89 -1.92 -9.25 11.86
CA ARG A 89 -3.30 -9.69 12.06
C ARG A 89 -3.52 -11.06 11.40
N HIS A 90 -2.56 -11.48 10.60
CA HIS A 90 -2.56 -12.79 9.95
C HIS A 90 -3.74 -12.97 9.00
N ILE A 91 -4.00 -11.94 8.22
CA ILE A 91 -4.97 -12.03 7.14
C ILE A 91 -4.30 -12.70 5.95
N ILE A 92 -3.10 -12.23 5.64
CA ILE A 92 -2.28 -12.80 4.57
C ILE A 92 -0.82 -12.84 5.00
N GLU A 93 -0.26 -14.03 5.04
CA GLU A 93 1.14 -14.21 5.39
C GLU A 93 1.99 -14.28 4.13
N TYR A 94 1.32 -14.13 2.99
CA TYR A 94 1.99 -14.16 1.70
C TYR A 94 2.82 -12.89 1.52
N ASN A 95 2.17 -11.75 1.71
CA ASN A 95 2.76 -10.43 1.50
C ASN A 95 3.47 -10.32 0.17
N PRO A 96 2.73 -9.95 -0.89
CA PRO A 96 3.29 -9.77 -2.23
C PRO A 96 4.42 -8.73 -2.25
N ALA A 97 4.41 -7.83 -1.28
CA ALA A 97 5.42 -6.78 -1.20
C ALA A 97 6.73 -7.32 -0.62
N ALA A 98 6.69 -8.53 -0.09
CA ALA A 98 7.88 -9.17 0.44
C ALA A 98 8.74 -9.70 -0.71
N ALA A 99 8.15 -9.74 -1.89
CA ALA A 99 8.86 -10.20 -3.08
C ALA A 99 9.64 -9.05 -3.72
N PHE A 100 9.06 -7.86 -3.70
CA PHE A 100 9.70 -6.71 -4.34
C PHE A 100 9.55 -5.44 -3.50
N ASP A 101 10.69 -4.83 -3.21
CA ASP A 101 10.74 -3.51 -2.60
C ASP A 101 12.02 -2.83 -3.09
N PRO A 102 12.16 -1.50 -2.91
CA PRO A 102 13.35 -0.79 -3.37
C PRO A 102 14.63 -1.34 -2.77
N GLY A 103 14.85 -1.08 -1.48
CA GLY A 103 16.03 -1.57 -0.80
C GLY A 103 17.29 -0.84 -1.21
N ASP A 104 17.74 -1.09 -2.45
CA ASP A 104 18.99 -0.55 -2.97
C ASP A 104 20.17 -1.06 -2.16
N ALA A 105 20.77 -2.15 -2.63
CA ALA A 105 21.82 -2.83 -1.89
C ALA A 105 23.08 -1.99 -1.73
N GLY A 106 23.25 -1.03 -2.63
CA GLY A 106 24.42 -0.18 -2.55
C GLY A 106 24.32 0.85 -1.45
N GLY A 107 23.21 1.56 -1.40
CA GLY A 107 23.07 2.64 -0.45
C GLY A 107 23.69 3.90 -1.01
N LYS A 108 23.50 4.09 -2.30
CA LYS A 108 24.15 5.18 -3.01
C LYS A 108 23.16 6.27 -3.39
N LEU A 109 23.68 7.38 -3.89
CA LEU A 109 22.87 8.55 -4.23
C LEU A 109 23.73 9.54 -5.02
N GLU A 110 23.13 10.67 -5.41
CA GLU A 110 23.87 11.72 -6.08
C GLU A 110 24.84 12.39 -5.11
N HIS A 111 26.12 12.11 -5.30
CA HIS A 111 27.14 12.54 -4.34
C HIS A 111 28.43 12.92 -5.08
N HIS A 112 28.33 13.08 -6.39
CA HIS A 112 29.49 13.38 -7.20
C HIS A 112 29.60 14.88 -7.49
N HIS A 113 30.65 15.49 -6.94
CA HIS A 113 30.97 16.88 -7.23
C HIS A 113 32.48 17.09 -7.06
N HIS A 114 33.15 17.51 -8.13
CA HIS A 114 34.60 17.70 -8.07
C HIS A 114 34.95 18.91 -7.21
N HIS A 115 34.01 19.84 -7.10
CA HIS A 115 34.17 20.99 -6.21
C HIS A 115 32.84 21.71 -6.05
N HIS A 116 32.47 22.49 -7.06
CA HIS A 116 31.21 23.23 -7.03
C HIS A 116 30.06 22.34 -7.46
N MET A 1 -13.88 -11.71 13.23
CA MET A 1 -14.11 -10.27 12.99
C MET A 1 -14.82 -10.05 11.65
N ALA A 2 -14.54 -10.90 10.68
CA ALA A 2 -15.21 -10.83 9.39
C ALA A 2 -16.41 -11.75 9.38
N GLU A 3 -16.15 -13.04 9.56
CA GLU A 3 -17.17 -14.08 9.60
C GLU A 3 -17.94 -14.19 8.29
N LYS A 4 -18.95 -13.35 8.13
CA LYS A 4 -19.80 -13.39 6.96
C LYS A 4 -19.36 -12.36 5.93
N ASN A 5 -18.98 -11.19 6.39
CA ASN A 5 -18.53 -10.10 5.51
C ASN A 5 -17.12 -10.34 5.02
N ALA A 6 -16.94 -10.48 3.71
CA ALA A 6 -15.64 -10.69 3.13
C ALA A 6 -14.85 -9.39 3.06
N TYR A 7 -13.58 -9.46 3.40
CA TYR A 7 -12.72 -8.27 3.44
C TYR A 7 -11.85 -8.22 2.18
N THR A 8 -11.97 -7.14 1.43
CA THR A 8 -11.19 -6.95 0.22
C THR A 8 -10.11 -5.90 0.41
N VAL A 9 -9.17 -5.83 -0.53
CA VAL A 9 -8.04 -4.91 -0.42
C VAL A 9 -8.50 -3.44 -0.48
N ALA A 10 -9.64 -3.21 -1.12
CA ALA A 10 -10.19 -1.86 -1.23
C ALA A 10 -10.52 -1.28 0.14
N GLN A 11 -11.05 -2.12 1.02
CA GLN A 11 -11.39 -1.69 2.37
C GLN A 11 -10.15 -1.60 3.23
N LEU A 12 -9.15 -2.41 2.91
CA LEU A 12 -7.89 -2.40 3.64
C LEU A 12 -7.20 -1.05 3.45
N ALA A 13 -7.39 -0.44 2.29
CA ALA A 13 -6.86 0.88 2.01
C ALA A 13 -7.50 1.92 2.95
N ASP A 14 -8.80 1.80 3.13
CA ASP A 14 -9.54 2.69 4.03
C ASP A 14 -9.06 2.50 5.47
N GLU A 15 -8.96 1.25 5.90
CA GLU A 15 -8.50 0.92 7.24
C GLU A 15 -7.10 1.49 7.47
N TYR A 16 -6.21 1.25 6.51
CA TYR A 16 -4.82 1.64 6.65
C TYR A 16 -4.64 3.16 6.69
N PHE A 17 -5.35 3.89 5.83
CA PHE A 17 -5.14 5.33 5.74
C PHE A 17 -5.74 6.03 6.96
N GLU A 18 -6.78 5.43 7.54
CA GLU A 18 -7.34 5.93 8.80
C GLU A 18 -6.35 5.73 9.95
N ARG A 19 -5.42 4.81 9.77
CA ARG A 19 -4.41 4.52 10.79
C ARG A 19 -3.19 5.44 10.67
N MET A 20 -2.52 5.37 9.53
CA MET A 20 -1.23 6.03 9.36
C MET A 20 -1.37 7.50 8.93
N ILE A 21 -2.55 7.86 8.47
CA ILE A 21 -2.79 9.22 7.99
C ILE A 21 -3.69 9.96 8.98
N ALA A 22 -3.73 9.45 10.21
CA ALA A 22 -4.48 10.10 11.27
C ALA A 22 -3.54 10.78 12.26
N GLY A 23 -3.42 12.09 12.13
CA GLY A 23 -2.56 12.87 13.00
C GLY A 23 -2.28 14.24 12.43
N ARG A 24 -1.32 14.30 11.51
CA ARG A 24 -0.97 15.54 10.84
C ARG A 24 -0.64 15.25 9.39
N TRP A 25 -1.60 15.49 8.51
CA TRP A 25 -1.46 15.11 7.12
C TRP A 25 -1.96 16.21 6.17
N LYS A 26 -3.15 16.77 6.48
CA LYS A 26 -3.84 17.72 5.62
C LYS A 26 -4.36 17.05 4.34
N HIS A 27 -5.67 17.15 4.14
CA HIS A 27 -6.35 16.58 2.95
C HIS A 27 -6.34 15.05 2.97
N PRO A 28 -7.26 14.43 3.72
CA PRO A 28 -7.33 12.97 3.86
C PRO A 28 -7.83 12.29 2.58
N ASN A 29 -8.77 12.94 1.90
CA ASN A 29 -9.39 12.37 0.72
C ASN A 29 -8.46 12.47 -0.49
N ILE A 30 -7.53 13.41 -0.44
CA ILE A 30 -6.58 13.59 -1.54
C ILE A 30 -5.60 12.43 -1.56
N VAL A 31 -5.04 12.09 -0.40
CA VAL A 31 -4.13 10.96 -0.30
C VAL A 31 -4.89 9.65 -0.46
N ARG A 32 -6.16 9.64 -0.05
CA ARG A 32 -7.03 8.49 -0.26
C ARG A 32 -7.23 8.24 -1.75
N SER A 33 -7.45 9.32 -2.50
CA SER A 33 -7.58 9.25 -3.95
C SER A 33 -6.30 8.71 -4.58
N ARG A 34 -5.17 8.98 -3.93
CA ARG A 34 -3.88 8.52 -4.40
C ARG A 34 -3.75 7.02 -4.17
N ILE A 35 -3.97 6.60 -2.92
CA ILE A 35 -3.87 5.21 -2.52
C ILE A 35 -4.76 4.29 -3.38
N GLU A 36 -5.98 4.72 -3.64
CA GLU A 36 -6.94 3.85 -4.31
C GLU A 36 -6.66 3.71 -5.81
N LYS A 37 -5.76 4.53 -6.35
CA LYS A 37 -5.40 4.39 -7.76
C LYS A 37 -3.99 3.86 -7.91
N ASP A 38 -3.23 3.89 -6.83
CA ASP A 38 -1.87 3.33 -6.81
C ASP A 38 -1.92 1.87 -6.39
N ILE A 39 -2.50 1.62 -5.24
CA ILE A 39 -2.54 0.29 -4.65
C ILE A 39 -3.59 -0.60 -5.31
N LYS A 40 -4.74 -0.01 -5.66
CA LYS A 40 -5.81 -0.78 -6.29
C LYS A 40 -6.28 -0.13 -7.59
N PRO A 41 -5.45 -0.12 -8.64
CA PRO A 41 -5.82 0.44 -9.94
C PRO A 41 -6.91 -0.37 -10.63
N ALA A 42 -6.99 -1.66 -10.28
CA ALA A 42 -8.01 -2.53 -10.86
C ALA A 42 -8.33 -3.69 -9.93
N ILE A 43 -7.34 -4.09 -9.15
CA ILE A 43 -7.48 -5.22 -8.23
C ILE A 43 -8.24 -4.84 -6.96
N GLY A 44 -9.01 -3.76 -7.01
CA GLY A 44 -9.70 -3.27 -5.83
C GLY A 44 -10.78 -4.21 -5.35
N SER A 45 -11.40 -4.93 -6.27
CA SER A 45 -12.49 -5.84 -5.93
C SER A 45 -11.99 -7.25 -5.63
N LEU A 46 -10.67 -7.38 -5.50
CA LEU A 46 -10.07 -8.67 -5.18
C LEU A 46 -9.93 -8.83 -3.67
N LYS A 47 -9.95 -10.08 -3.23
CA LYS A 47 -9.75 -10.42 -1.82
C LYS A 47 -8.34 -10.01 -1.40
N VAL A 48 -8.15 -9.80 -0.10
CA VAL A 48 -6.83 -9.47 0.43
C VAL A 48 -5.83 -10.60 0.11
N GLU A 49 -6.35 -11.80 -0.02
CA GLU A 49 -5.53 -12.95 -0.38
C GLU A 49 -5.11 -12.89 -1.84
N ASP A 50 -5.92 -12.22 -2.66
CA ASP A 50 -5.73 -12.26 -4.10
C ASP A 50 -4.95 -11.07 -4.61
N VAL A 51 -4.36 -10.31 -3.69
CA VAL A 51 -3.47 -9.21 -4.05
C VAL A 51 -2.07 -9.79 -4.37
N LYS A 52 -2.11 -11.01 -4.90
CA LYS A 52 -0.93 -11.85 -5.12
C LYS A 52 0.18 -11.15 -5.90
N PRO A 53 1.43 -11.58 -5.66
CA PRO A 53 2.66 -10.96 -6.18
C PRO A 53 2.56 -10.35 -7.58
N ARG A 54 2.12 -11.13 -8.57
CA ARG A 54 2.13 -10.68 -9.95
C ARG A 54 1.19 -9.50 -10.18
N HIS A 55 0.25 -9.30 -9.26
CA HIS A 55 -0.68 -8.18 -9.37
C HIS A 55 0.01 -6.89 -8.94
N ILE A 56 0.86 -6.99 -7.92
CA ILE A 56 1.62 -5.84 -7.45
C ILE A 56 2.64 -5.43 -8.52
N ASP A 57 3.24 -6.43 -9.15
CA ASP A 57 4.17 -6.20 -10.25
C ASP A 57 3.47 -5.49 -11.39
N ASP A 58 2.22 -5.89 -11.63
CA ASP A 58 1.44 -5.38 -12.75
C ASP A 58 0.95 -3.95 -12.50
N VAL A 59 0.53 -3.67 -11.28
CA VAL A 59 0.03 -2.34 -10.94
C VAL A 59 1.16 -1.32 -10.88
N LEU A 60 2.37 -1.79 -10.57
CA LEU A 60 3.54 -0.91 -10.50
C LEU A 60 3.90 -0.36 -11.87
N LYS A 61 3.73 -1.16 -12.91
CA LYS A 61 3.96 -0.69 -14.28
C LYS A 61 3.03 0.47 -14.57
N ALA A 62 1.75 0.19 -14.40
CA ALA A 62 0.69 1.17 -14.59
C ALA A 62 0.98 2.50 -13.86
N VAL A 63 1.30 2.42 -12.58
CA VAL A 63 1.49 3.64 -11.77
C VAL A 63 2.76 4.41 -12.19
N MET A 64 3.76 3.69 -12.71
CA MET A 64 4.99 4.35 -13.17
C MET A 64 4.73 5.15 -14.44
N LYS A 65 3.79 4.68 -15.25
CA LYS A 65 3.49 5.31 -16.52
C LYS A 65 2.53 6.48 -16.33
N ARG A 66 1.40 6.23 -15.67
CA ARG A 66 0.36 7.24 -15.56
C ARG A 66 0.60 8.18 -14.38
N GLY A 67 1.56 7.82 -13.54
CA GLY A 67 1.94 8.69 -12.45
C GLY A 67 3.40 9.07 -12.56
N ALA A 68 4.25 8.34 -11.87
CA ALA A 68 5.68 8.53 -11.93
C ALA A 68 6.40 7.41 -11.19
N PRO A 69 7.57 6.98 -11.68
CA PRO A 69 8.37 5.93 -11.04
C PRO A 69 8.80 6.34 -9.63
N SER A 70 8.84 7.65 -9.39
CA SER A 70 9.21 8.21 -8.10
C SER A 70 8.17 7.85 -7.03
N ILE A 71 6.94 7.67 -7.46
CA ILE A 71 5.86 7.27 -6.56
C ILE A 71 5.97 5.78 -6.23
N ALA A 72 6.16 4.98 -7.26
CA ALA A 72 6.13 3.52 -7.14
C ALA A 72 7.12 2.98 -6.10
N ASN A 73 8.30 3.58 -6.02
CA ASN A 73 9.31 3.09 -5.07
C ASN A 73 8.93 3.48 -3.65
N ASP A 74 8.30 4.63 -3.49
CA ASP A 74 7.87 5.09 -2.17
C ASP A 74 6.61 4.34 -1.73
N THR A 75 5.70 4.10 -2.67
CA THR A 75 4.49 3.34 -2.38
C THR A 75 4.82 1.89 -2.06
N LEU A 76 5.91 1.38 -2.65
CA LEU A 76 6.42 0.07 -2.27
C LEU A 76 6.64 0.00 -0.75
N ARG A 77 7.13 1.10 -0.18
CA ARG A 77 7.29 1.21 1.28
C ARG A 77 5.92 1.15 1.95
N TRP A 78 4.97 1.85 1.34
CA TRP A 78 3.60 1.92 1.84
C TRP A 78 2.98 0.52 1.85
N LEU A 79 3.17 -0.20 0.75
CA LEU A 79 2.71 -1.58 0.61
C LEU A 79 3.38 -2.48 1.64
N LYS A 80 4.69 -2.35 1.75
CA LYS A 80 5.47 -3.08 2.74
C LYS A 80 4.82 -3.02 4.12
N ARG A 81 4.68 -1.80 4.61
CA ARG A 81 4.01 -1.54 5.88
C ARG A 81 2.63 -2.18 5.93
N MET A 82 1.84 -1.98 4.86
CA MET A 82 0.46 -2.44 4.82
C MET A 82 0.37 -3.96 4.90
N PHE A 83 1.12 -4.64 4.03
CA PHE A 83 1.06 -6.09 3.96
C PHE A 83 1.61 -6.71 5.24
N ASN A 84 2.64 -6.12 5.80
CA ASN A 84 3.23 -6.61 7.04
C ASN A 84 2.24 -6.43 8.19
N TYR A 85 1.48 -5.35 8.16
CA TYR A 85 0.45 -5.08 9.14
C TYR A 85 -0.65 -6.13 9.05
N ALA A 86 -0.95 -6.55 7.82
CA ALA A 86 -1.95 -7.58 7.58
C ALA A 86 -1.45 -8.93 8.09
N ILE A 87 -0.15 -9.15 8.00
CA ILE A 87 0.46 -10.38 8.51
C ILE A 87 0.33 -10.45 10.03
N LYS A 88 0.45 -9.31 10.69
CA LYS A 88 0.34 -9.24 12.15
C LYS A 88 -1.04 -9.67 12.60
N ARG A 89 -2.05 -9.08 11.98
CA ARG A 89 -3.45 -9.48 12.23
C ARG A 89 -3.74 -10.86 11.65
N HIS A 90 -2.78 -11.40 10.92
CA HIS A 90 -2.92 -12.71 10.26
C HIS A 90 -4.11 -12.70 9.29
N ILE A 91 -4.21 -11.64 8.51
CA ILE A 91 -5.16 -11.61 7.41
C ILE A 91 -4.60 -12.46 6.28
N ILE A 92 -3.37 -12.14 5.92
CA ILE A 92 -2.60 -12.94 4.98
C ILE A 92 -1.19 -13.11 5.51
N GLU A 93 -0.67 -14.32 5.44
CA GLU A 93 0.69 -14.60 5.90
C GLU A 93 1.69 -14.48 4.76
N TYR A 94 1.30 -13.77 3.71
CA TYR A 94 2.16 -13.59 2.55
C TYR A 94 2.37 -12.10 2.28
N ASN A 95 3.58 -11.75 1.87
CA ASN A 95 3.91 -10.39 1.49
C ASN A 95 4.10 -10.32 -0.02
N PRO A 96 3.00 -10.08 -0.76
CA PRO A 96 2.98 -10.16 -2.23
C PRO A 96 3.97 -9.23 -2.92
N ALA A 97 4.36 -8.16 -2.24
CA ALA A 97 5.26 -7.18 -2.83
C ALA A 97 6.69 -7.73 -2.93
N ALA A 98 6.91 -8.88 -2.30
CA ALA A 98 8.24 -9.49 -2.27
C ALA A 98 8.63 -10.09 -3.61
N ALA A 99 7.70 -10.09 -4.57
CA ALA A 99 7.99 -10.60 -5.90
C ALA A 99 8.73 -9.56 -6.73
N PHE A 100 8.32 -8.31 -6.58
CA PHE A 100 8.99 -7.21 -7.26
C PHE A 100 10.25 -6.84 -6.48
N ASP A 101 10.05 -6.57 -5.20
CA ASP A 101 11.15 -6.26 -4.30
C ASP A 101 10.65 -6.29 -2.85
N PRO A 102 11.12 -7.27 -2.07
CA PRO A 102 10.70 -7.43 -0.67
C PRO A 102 11.04 -6.22 0.18
N GLY A 103 12.14 -5.55 -0.17
CA GLY A 103 12.59 -4.41 0.59
C GLY A 103 12.93 -4.79 2.01
N ASP A 104 12.23 -4.17 2.96
CA ASP A 104 12.43 -4.40 4.39
C ASP A 104 13.91 -4.27 4.75
N ALA A 105 14.37 -3.03 4.86
CA ALA A 105 15.76 -2.76 5.16
C ALA A 105 15.96 -2.59 6.65
N GLY A 106 16.43 -3.66 7.31
CA GLY A 106 16.78 -3.59 8.71
C GLY A 106 18.02 -2.76 8.93
N GLY A 107 17.82 -1.47 9.16
CA GLY A 107 18.92 -0.55 9.29
C GLY A 107 18.47 0.86 9.03
N LYS A 108 17.60 1.35 9.91
CA LYS A 108 16.98 2.66 9.79
C LYS A 108 15.85 2.65 8.78
N LEU A 109 14.63 2.71 9.30
CA LEU A 109 13.43 2.70 8.47
C LEU A 109 12.68 4.01 8.62
N GLU A 110 12.13 4.23 9.81
CA GLU A 110 11.41 5.45 10.11
C GLU A 110 11.49 5.75 11.59
N HIS A 111 11.67 7.01 11.93
CA HIS A 111 11.85 7.42 13.31
C HIS A 111 10.77 8.43 13.71
N HIS A 112 9.66 7.91 14.23
CA HIS A 112 8.54 8.77 14.60
C HIS A 112 8.50 8.99 16.11
N HIS A 113 8.58 10.24 16.51
CA HIS A 113 8.39 10.63 17.91
C HIS A 113 7.17 11.53 17.99
N HIS A 114 6.58 11.62 19.18
CA HIS A 114 5.39 12.46 19.39
C HIS A 114 5.61 13.89 18.92
N HIS A 115 4.95 14.24 17.82
CA HIS A 115 5.00 15.57 17.23
C HIS A 115 6.38 15.87 16.66
N HIS A 116 7.36 16.12 17.52
CA HIS A 116 8.72 16.40 17.08
C HIS A 116 9.54 15.11 17.00
N MET A 1 -15.16 -1.68 10.70
CA MET A 1 -14.66 -2.52 9.58
C MET A 1 -15.83 -2.98 8.71
N ALA A 2 -15.54 -3.70 7.64
CA ALA A 2 -16.58 -4.23 6.77
C ALA A 2 -17.13 -5.52 7.36
N GLU A 3 -18.38 -5.44 7.83
CA GLU A 3 -19.07 -6.58 8.46
C GLU A 3 -18.39 -6.96 9.78
N LYS A 4 -17.28 -7.67 9.68
CA LYS A 4 -16.56 -8.15 10.84
C LYS A 4 -15.09 -8.41 10.52
N ASN A 5 -14.86 -9.29 9.56
CA ASN A 5 -13.52 -9.65 9.14
C ASN A 5 -13.55 -10.25 7.73
N ALA A 6 -12.38 -10.66 7.23
CA ALA A 6 -12.28 -11.26 5.89
C ALA A 6 -12.72 -10.27 4.82
N TYR A 7 -12.52 -8.99 5.09
CA TYR A 7 -12.90 -7.93 4.16
C TYR A 7 -11.92 -7.84 2.99
N THR A 8 -12.25 -7.01 2.02
CA THR A 8 -11.48 -6.91 0.80
C THR A 8 -10.31 -5.94 0.96
N VAL A 9 -9.37 -5.98 0.00
CA VAL A 9 -8.22 -5.08 0.02
C VAL A 9 -8.64 -3.62 -0.04
N ALA A 10 -9.80 -3.36 -0.64
CA ALA A 10 -10.36 -2.01 -0.68
C ALA A 10 -10.57 -1.49 0.74
N GLN A 11 -11.14 -2.33 1.59
CA GLN A 11 -11.42 -1.96 2.96
C GLN A 11 -10.18 -2.12 3.83
N LEU A 12 -9.30 -3.05 3.46
CA LEU A 12 -8.04 -3.22 4.16
C LEU A 12 -7.18 -1.96 4.06
N ALA A 13 -7.19 -1.36 2.87
CA ALA A 13 -6.46 -0.12 2.64
C ALA A 13 -7.05 1.01 3.47
N ASP A 14 -8.38 1.01 3.62
CA ASP A 14 -9.06 2.00 4.44
C ASP A 14 -8.74 1.77 5.91
N GLU A 15 -8.66 0.50 6.29
CA GLU A 15 -8.28 0.11 7.63
C GLU A 15 -6.91 0.69 7.98
N TYR A 16 -5.93 0.43 7.12
CA TYR A 16 -4.58 0.94 7.32
C TYR A 16 -4.57 2.47 7.25
N PHE A 17 -5.43 3.02 6.40
CA PHE A 17 -5.55 4.47 6.23
C PHE A 17 -5.90 5.14 7.55
N GLU A 18 -6.95 4.67 8.20
CA GLU A 18 -7.46 5.32 9.40
C GLU A 18 -6.48 5.27 10.57
N ARG A 19 -5.80 4.15 10.73
CA ARG A 19 -4.92 4.00 11.89
C ARG A 19 -3.64 4.82 11.72
N MET A 20 -3.21 4.97 10.48
CA MET A 20 -2.01 5.77 10.19
C MET A 20 -2.36 7.23 9.93
N ILE A 21 -3.57 7.46 9.47
CA ILE A 21 -4.02 8.79 9.08
C ILE A 21 -5.30 9.16 9.86
N ALA A 22 -5.12 9.52 11.12
CA ALA A 22 -6.24 9.93 11.98
C ALA A 22 -5.92 11.17 12.80
N GLY A 23 -4.65 11.37 13.10
CA GLY A 23 -4.25 12.48 13.95
C GLY A 23 -3.95 13.75 13.18
N ARG A 24 -2.72 13.87 12.71
CA ARG A 24 -2.28 15.07 12.02
C ARG A 24 -1.65 14.69 10.69
N TRP A 25 -2.44 14.76 9.63
CA TRP A 25 -1.95 14.43 8.30
C TRP A 25 -2.13 15.63 7.36
N LYS A 26 -3.32 16.25 7.44
CA LYS A 26 -3.68 17.41 6.64
C LYS A 26 -3.84 17.02 5.16
N HIS A 27 -5.03 17.28 4.63
CA HIS A 27 -5.38 16.95 3.24
C HIS A 27 -5.48 15.43 3.06
N PRO A 28 -6.61 14.83 3.47
CA PRO A 28 -6.80 13.37 3.40
C PRO A 28 -6.92 12.87 1.97
N ASN A 29 -7.56 13.66 1.12
CA ASN A 29 -7.86 13.25 -0.25
C ASN A 29 -6.58 13.10 -1.08
N ILE A 30 -5.55 13.85 -0.72
CA ILE A 30 -4.28 13.79 -1.43
C ILE A 30 -3.67 12.40 -1.33
N VAL A 31 -3.56 11.91 -0.11
CA VAL A 31 -3.00 10.58 0.12
C VAL A 31 -4.01 9.50 -0.24
N ARG A 32 -5.29 9.81 -0.07
CA ARG A 32 -6.35 8.85 -0.39
C ARG A 32 -6.40 8.58 -1.89
N SER A 33 -5.96 9.55 -2.68
CA SER A 33 -5.89 9.38 -4.12
C SER A 33 -4.97 8.22 -4.49
N ARG A 34 -3.91 8.04 -3.71
CA ARG A 34 -3.01 6.91 -3.90
C ARG A 34 -3.72 5.61 -3.56
N ILE A 35 -4.52 5.65 -2.51
CA ILE A 35 -5.17 4.45 -2.00
C ILE A 35 -6.30 3.98 -2.91
N GLU A 36 -7.03 4.91 -3.50
CA GLU A 36 -8.16 4.55 -4.35
C GLU A 36 -7.74 4.37 -5.82
N LYS A 37 -6.58 4.87 -6.20
CA LYS A 37 -6.12 4.76 -7.57
C LYS A 37 -5.02 3.71 -7.70
N ASP A 38 -3.94 3.92 -6.96
CA ASP A 38 -2.74 3.08 -7.09
C ASP A 38 -2.90 1.78 -6.34
N ILE A 39 -3.55 1.85 -5.18
CA ILE A 39 -3.80 0.64 -4.40
C ILE A 39 -4.94 -0.16 -5.04
N LYS A 40 -5.69 0.48 -5.92
CA LYS A 40 -6.80 -0.16 -6.61
C LYS A 40 -6.59 -0.14 -8.13
N PRO A 41 -5.70 -1.00 -8.66
CA PRO A 41 -5.45 -1.07 -10.11
C PRO A 41 -6.67 -1.57 -10.87
N ALA A 42 -7.41 -2.45 -10.20
CA ALA A 42 -8.59 -3.08 -10.79
C ALA A 42 -9.22 -4.00 -9.76
N ILE A 43 -8.38 -4.54 -8.88
CA ILE A 43 -8.82 -5.46 -7.83
C ILE A 43 -9.94 -4.85 -7.00
N GLY A 44 -9.71 -3.69 -6.41
CA GLY A 44 -10.72 -3.01 -5.62
C GLY A 44 -11.31 -3.89 -4.55
N SER A 45 -12.56 -4.29 -4.73
CA SER A 45 -13.22 -5.18 -3.80
C SER A 45 -12.81 -6.63 -4.08
N LEU A 46 -11.60 -6.98 -3.67
CA LEU A 46 -11.08 -8.32 -3.86
C LEU A 46 -10.48 -8.81 -2.55
N LYS A 47 -10.56 -10.11 -2.29
CA LYS A 47 -10.00 -10.69 -1.07
C LYS A 47 -8.51 -10.41 -0.93
N VAL A 48 -8.09 -10.25 0.31
CA VAL A 48 -6.70 -9.91 0.62
C VAL A 48 -5.79 -11.10 0.32
N GLU A 49 -6.36 -12.29 0.34
CA GLU A 49 -5.60 -13.51 0.11
C GLU A 49 -5.23 -13.67 -1.37
N ASP A 50 -5.94 -12.96 -2.24
CA ASP A 50 -5.78 -13.13 -3.68
C ASP A 50 -4.75 -12.16 -4.27
N VAL A 51 -4.23 -11.27 -3.46
CA VAL A 51 -3.30 -10.26 -3.97
C VAL A 51 -1.91 -10.87 -4.26
N LYS A 52 -1.78 -11.38 -5.47
CA LYS A 52 -0.49 -11.85 -5.97
C LYS A 52 0.45 -10.68 -6.17
N PRO A 53 1.77 -10.92 -6.05
CA PRO A 53 2.79 -9.89 -6.28
C PRO A 53 2.64 -9.22 -7.65
N ARG A 54 2.16 -9.98 -8.64
CA ARG A 54 1.97 -9.45 -9.99
C ARG A 54 0.90 -8.36 -10.02
N HIS A 55 0.02 -8.32 -9.02
CA HIS A 55 -1.00 -7.26 -8.96
C HIS A 55 -0.33 -5.94 -8.64
N ILE A 56 0.66 -6.01 -7.75
CA ILE A 56 1.44 -4.84 -7.38
C ILE A 56 2.32 -4.43 -8.56
N ASP A 57 2.93 -5.43 -9.18
CA ASP A 57 3.79 -5.22 -10.34
C ASP A 57 3.01 -4.57 -11.48
N ASP A 58 1.78 -5.03 -11.67
CA ASP A 58 0.92 -4.56 -12.74
C ASP A 58 0.57 -3.09 -12.59
N VAL A 59 0.11 -2.70 -11.41
CA VAL A 59 -0.29 -1.32 -11.19
C VAL A 59 0.92 -0.38 -11.22
N LEU A 60 2.04 -0.83 -10.65
CA LEU A 60 3.23 -0.01 -10.61
C LEU A 60 3.80 0.23 -12.00
N LYS A 61 3.87 -0.81 -12.82
CA LYS A 61 4.40 -0.65 -14.17
C LYS A 61 3.52 0.30 -14.98
N ALA A 62 2.22 0.30 -14.67
CA ALA A 62 1.28 1.21 -15.30
C ALA A 62 1.49 2.65 -14.84
N VAL A 63 1.64 2.84 -13.52
CA VAL A 63 1.81 4.17 -12.95
C VAL A 63 3.20 4.73 -13.24
N MET A 64 4.15 3.85 -13.55
CA MET A 64 5.49 4.27 -13.95
C MET A 64 5.44 5.04 -15.26
N LYS A 65 4.52 4.63 -16.14
CA LYS A 65 4.40 5.24 -17.44
C LYS A 65 3.53 6.49 -17.37
N ARG A 66 2.34 6.35 -16.79
CA ARG A 66 1.36 7.44 -16.79
C ARG A 66 1.74 8.55 -15.82
N GLY A 67 2.47 8.20 -14.77
CA GLY A 67 2.86 9.20 -13.79
C GLY A 67 4.36 9.34 -13.71
N ALA A 68 5.00 8.41 -13.01
CA ALA A 68 6.45 8.38 -12.85
C ALA A 68 6.88 7.14 -12.09
N PRO A 69 8.03 6.56 -12.44
CA PRO A 69 8.59 5.42 -11.72
C PRO A 69 8.91 5.79 -10.27
N SER A 70 9.23 7.06 -10.06
CA SER A 70 9.53 7.59 -8.74
C SER A 70 8.34 7.39 -7.80
N ILE A 71 7.13 7.56 -8.34
CA ILE A 71 5.91 7.38 -7.57
C ILE A 71 5.75 5.93 -7.16
N ALA A 72 6.11 5.03 -8.07
CA ALA A 72 6.02 3.60 -7.81
C ALA A 72 6.98 3.19 -6.69
N ASN A 73 8.20 3.72 -6.74
CA ASN A 73 9.19 3.44 -5.70
C ASN A 73 8.72 3.96 -4.35
N ASP A 74 8.13 5.16 -4.36
CA ASP A 74 7.62 5.76 -3.14
C ASP A 74 6.46 4.94 -2.56
N THR A 75 5.59 4.48 -3.43
CA THR A 75 4.41 3.72 -3.02
C THR A 75 4.80 2.32 -2.54
N LEU A 76 5.85 1.75 -3.14
CA LEU A 76 6.27 0.40 -2.82
C LEU A 76 6.45 0.18 -1.33
N ARG A 77 7.23 1.05 -0.69
CA ARG A 77 7.48 0.94 0.75
C ARG A 77 6.19 0.99 1.56
N TRP A 78 5.23 1.77 1.10
CA TRP A 78 3.93 1.88 1.77
C TRP A 78 3.17 0.56 1.64
N LEU A 79 3.36 -0.11 0.51
CA LEU A 79 2.64 -1.34 0.20
C LEU A 79 2.95 -2.46 1.18
N LYS A 80 4.23 -2.71 1.47
CA LYS A 80 4.60 -3.78 2.39
C LYS A 80 3.97 -3.53 3.75
N ARG A 81 4.21 -2.33 4.27
CA ARG A 81 3.66 -1.91 5.55
C ARG A 81 2.16 -2.09 5.60
N MET A 82 1.48 -1.63 4.55
CA MET A 82 0.03 -1.74 4.45
C MET A 82 -0.43 -3.20 4.57
N PHE A 83 0.15 -4.08 3.76
CA PHE A 83 -0.20 -5.49 3.78
C PHE A 83 0.23 -6.15 5.09
N ASN A 84 1.27 -5.60 5.70
CA ASN A 84 1.82 -6.14 6.94
C ASN A 84 0.77 -6.17 8.05
N TYR A 85 -0.24 -5.32 7.94
CA TYR A 85 -1.35 -5.31 8.88
C TYR A 85 -2.06 -6.65 8.86
N ALA A 86 -2.20 -7.22 7.67
CA ALA A 86 -2.87 -8.51 7.51
C ALA A 86 -1.96 -9.64 7.97
N ILE A 87 -0.66 -9.45 7.79
CA ILE A 87 0.33 -10.43 8.23
C ILE A 87 0.43 -10.42 9.75
N LYS A 88 0.42 -9.23 10.35
CA LYS A 88 0.56 -9.11 11.80
C LYS A 88 -0.70 -9.57 12.52
N ARG A 89 -1.81 -9.60 11.79
CA ARG A 89 -3.06 -10.14 12.33
C ARG A 89 -3.17 -11.61 11.94
N HIS A 90 -2.20 -12.04 11.12
CA HIS A 90 -2.09 -13.42 10.62
C HIS A 90 -3.32 -13.83 9.83
N ILE A 91 -3.95 -12.85 9.19
CA ILE A 91 -5.06 -13.14 8.29
C ILE A 91 -4.48 -13.80 7.04
N ILE A 92 -3.41 -13.21 6.54
CA ILE A 92 -2.66 -13.80 5.45
C ILE A 92 -1.19 -13.87 5.86
N GLU A 93 -0.45 -14.78 5.27
CA GLU A 93 0.97 -14.89 5.53
C GLU A 93 1.74 -14.72 4.22
N TYR A 94 1.15 -13.92 3.35
CA TYR A 94 1.72 -13.64 2.03
C TYR A 94 1.88 -12.13 1.87
N ASN A 95 3.11 -11.66 1.74
CA ASN A 95 3.36 -10.24 1.59
C ASN A 95 3.89 -9.97 0.18
N PRO A 96 3.00 -9.78 -0.81
CA PRO A 96 3.37 -9.63 -2.22
C PRO A 96 4.35 -8.48 -2.45
N ALA A 97 4.10 -7.36 -1.78
CA ALA A 97 4.90 -6.16 -1.96
C ALA A 97 6.25 -6.25 -1.27
N ALA A 98 6.42 -7.26 -0.42
CA ALA A 98 7.68 -7.44 0.29
C ALA A 98 8.72 -8.06 -0.62
N ALA A 99 8.26 -8.86 -1.57
CA ALA A 99 9.15 -9.49 -2.54
C ALA A 99 9.51 -8.51 -3.65
N PHE A 100 8.55 -7.67 -4.03
CA PHE A 100 8.78 -6.70 -5.09
C PHE A 100 9.55 -5.50 -4.56
N ASP A 101 10.87 -5.57 -4.71
CA ASP A 101 11.80 -4.51 -4.31
C ASP A 101 11.50 -3.96 -2.91
N PRO A 102 12.08 -4.59 -1.87
CA PRO A 102 11.94 -4.11 -0.49
C PRO A 102 12.72 -2.82 -0.27
N GLY A 103 13.69 -2.56 -1.14
CA GLY A 103 14.55 -1.40 -0.98
C GLY A 103 15.43 -1.53 0.24
N ASP A 104 15.02 -0.89 1.32
CA ASP A 104 15.72 -1.01 2.60
C ASP A 104 14.73 -0.88 3.74
N ALA A 105 14.57 -1.96 4.49
CA ALA A 105 13.65 -1.97 5.61
C ALA A 105 14.33 -2.50 6.86
N GLY A 106 14.61 -1.60 7.79
CA GLY A 106 15.21 -2.00 9.04
C GLY A 106 14.15 -2.20 10.10
N GLY A 107 12.97 -1.63 9.85
CA GLY A 107 11.87 -1.76 10.78
C GLY A 107 12.02 -0.82 11.95
N LYS A 108 12.67 0.31 11.72
CA LYS A 108 12.84 1.31 12.73
C LYS A 108 11.53 1.99 13.06
N LEU A 109 10.99 1.66 14.21
CA LEU A 109 9.82 2.32 14.73
C LEU A 109 10.08 2.68 16.19
N GLU A 110 10.10 3.98 16.48
CA GLU A 110 10.36 4.45 17.83
C GLU A 110 9.48 3.73 18.84
N HIS A 111 9.99 3.55 20.05
CA HIS A 111 9.33 2.72 21.05
C HIS A 111 7.99 3.30 21.47
N HIS A 112 6.96 2.88 20.77
CA HIS A 112 5.61 3.30 21.04
C HIS A 112 4.84 2.14 21.66
N HIS A 113 5.48 1.52 22.65
CA HIS A 113 4.92 0.34 23.34
C HIS A 113 3.83 0.76 24.33
N HIS A 114 3.25 1.92 24.10
CA HIS A 114 2.17 2.44 24.91
C HIS A 114 1.33 3.36 24.05
N HIS A 115 0.03 3.43 24.34
CA HIS A 115 -0.94 4.17 23.52
C HIS A 115 -1.27 3.40 22.26
N HIS A 116 -2.56 3.28 21.97
CA HIS A 116 -3.02 2.50 20.83
C HIS A 116 -4.02 3.30 20.01
N MET A 1 -16.97 -7.73 12.80
CA MET A 1 -15.90 -7.00 13.50
C MET A 1 -14.56 -7.14 12.76
N ALA A 2 -14.50 -8.11 11.83
CA ALA A 2 -13.30 -8.37 11.02
C ALA A 2 -12.09 -8.66 11.89
N GLU A 3 -11.88 -9.92 12.21
CA GLU A 3 -10.75 -10.29 13.05
C GLU A 3 -10.07 -11.56 12.54
N LYS A 4 -10.87 -12.51 12.05
CA LYS A 4 -10.30 -13.74 11.50
C LYS A 4 -10.05 -13.59 10.00
N ASN A 5 -11.07 -13.18 9.27
CA ASN A 5 -10.96 -12.96 7.82
C ASN A 5 -12.23 -12.31 7.30
N ALA A 6 -12.20 -11.00 7.19
CA ALA A 6 -13.28 -10.24 6.59
C ALA A 6 -12.69 -9.02 5.91
N TYR A 7 -11.43 -9.17 5.51
CA TYR A 7 -10.65 -8.07 5.00
C TYR A 7 -10.60 -8.07 3.48
N THR A 8 -11.39 -7.21 2.88
CA THR A 8 -11.24 -6.90 1.47
C THR A 8 -10.00 -6.01 1.32
N VAL A 9 -9.31 -6.07 0.19
CA VAL A 9 -8.09 -5.28 0.02
C VAL A 9 -8.40 -3.78 0.16
N ALA A 10 -9.58 -3.39 -0.32
CA ALA A 10 -10.03 -2.01 -0.19
C ALA A 10 -10.38 -1.68 1.25
N GLN A 11 -10.97 -2.67 1.94
CA GLN A 11 -11.34 -2.51 3.34
C GLN A 11 -10.09 -2.30 4.19
N LEU A 12 -9.06 -3.09 3.89
CA LEU A 12 -7.78 -2.98 4.58
C LEU A 12 -7.14 -1.62 4.31
N ALA A 13 -7.27 -1.14 3.09
CA ALA A 13 -6.70 0.15 2.70
C ALA A 13 -7.38 1.30 3.46
N ASP A 14 -8.68 1.17 3.67
CA ASP A 14 -9.44 2.21 4.38
C ASP A 14 -9.13 2.16 5.88
N GLU A 15 -8.97 0.94 6.40
CA GLU A 15 -8.53 0.73 7.77
C GLU A 15 -7.15 1.34 7.97
N TYR A 16 -6.26 1.06 7.02
CA TYR A 16 -4.90 1.59 7.02
C TYR A 16 -4.93 3.12 7.07
N PHE A 17 -5.85 3.71 6.31
CA PHE A 17 -6.01 5.17 6.28
C PHE A 17 -6.30 5.71 7.68
N GLU A 18 -7.21 5.04 8.38
CA GLU A 18 -7.62 5.46 9.71
C GLU A 18 -6.48 5.33 10.72
N ARG A 19 -5.53 4.46 10.43
CA ARG A 19 -4.47 4.14 11.39
C ARG A 19 -3.17 4.89 11.12
N MET A 20 -2.82 5.02 9.85
CA MET A 20 -1.52 5.58 9.49
C MET A 20 -1.63 6.98 8.90
N ILE A 21 -2.83 7.38 8.49
CA ILE A 21 -3.05 8.68 7.88
C ILE A 21 -3.72 9.62 8.88
N ALA A 22 -4.83 9.16 9.46
CA ALA A 22 -5.58 9.95 10.44
C ALA A 22 -4.69 10.32 11.62
N GLY A 23 -4.38 11.60 11.72
CA GLY A 23 -3.51 12.10 12.76
C GLY A 23 -2.70 13.29 12.28
N ARG A 24 -1.61 13.01 11.57
CA ARG A 24 -0.80 14.05 10.95
C ARG A 24 -0.36 13.58 9.57
N TRP A 25 -1.11 14.00 8.56
CA TRP A 25 -0.85 13.53 7.20
C TRP A 25 -0.67 14.70 6.24
N LYS A 26 -1.59 15.69 6.33
CA LYS A 26 -1.60 16.85 5.43
C LYS A 26 -1.96 16.43 3.99
N HIS A 27 -2.96 17.10 3.42
CA HIS A 27 -3.45 16.81 2.06
C HIS A 27 -4.00 15.38 1.99
N PRO A 28 -5.24 15.18 2.44
CA PRO A 28 -5.87 13.85 2.45
C PRO A 28 -6.17 13.33 1.05
N ASN A 29 -6.67 14.22 0.18
CA ASN A 29 -7.07 13.84 -1.17
C ASN A 29 -5.89 13.36 -2.01
N ILE A 30 -4.75 14.02 -1.86
CA ILE A 30 -3.56 13.67 -2.63
C ILE A 30 -3.11 12.25 -2.31
N VAL A 31 -2.97 11.93 -1.03
CA VAL A 31 -2.51 10.62 -0.61
C VAL A 31 -3.58 9.56 -0.86
N ARG A 32 -4.85 9.95 -0.75
CA ARG A 32 -5.95 9.03 -0.96
C ARG A 32 -6.07 8.68 -2.44
N SER A 33 -5.68 9.61 -3.31
CA SER A 33 -5.69 9.39 -4.75
C SER A 33 -4.81 8.19 -5.10
N ARG A 34 -3.68 8.07 -4.40
CA ARG A 34 -2.77 6.95 -4.59
C ARG A 34 -3.46 5.65 -4.19
N ILE A 35 -4.10 5.68 -3.03
CA ILE A 35 -4.79 4.53 -2.50
C ILE A 35 -5.94 4.09 -3.41
N GLU A 36 -6.84 5.01 -3.71
CA GLU A 36 -8.07 4.66 -4.42
C GLU A 36 -7.82 4.27 -5.88
N LYS A 37 -6.85 4.89 -6.52
CA LYS A 37 -6.63 4.68 -7.94
C LYS A 37 -5.58 3.61 -8.21
N ASP A 38 -4.47 3.65 -7.47
CA ASP A 38 -3.37 2.73 -7.73
C ASP A 38 -3.57 1.39 -7.04
N ILE A 39 -4.03 1.42 -5.80
CA ILE A 39 -4.19 0.20 -5.02
C ILE A 39 -5.43 -0.59 -5.44
N LYS A 40 -6.49 0.11 -5.83
CA LYS A 40 -7.70 -0.56 -6.30
C LYS A 40 -8.00 -0.19 -7.76
N PRO A 41 -7.30 -0.81 -8.72
CA PRO A 41 -7.59 -0.62 -10.14
C PRO A 41 -8.75 -1.49 -10.62
N ALA A 42 -8.62 -2.80 -10.43
CA ALA A 42 -9.64 -3.75 -10.83
C ALA A 42 -9.68 -4.92 -9.84
N ILE A 43 -9.25 -4.66 -8.63
CA ILE A 43 -9.19 -5.67 -7.59
C ILE A 43 -9.73 -5.11 -6.28
N GLY A 44 -10.56 -4.08 -6.37
CA GLY A 44 -11.07 -3.42 -5.17
C GLY A 44 -12.03 -4.30 -4.39
N SER A 45 -12.64 -5.26 -5.07
CA SER A 45 -13.58 -6.18 -4.43
C SER A 45 -12.87 -7.48 -4.07
N LEU A 46 -11.56 -7.50 -4.29
CA LEU A 46 -10.76 -8.69 -4.04
C LEU A 46 -10.31 -8.72 -2.58
N LYS A 47 -10.09 -9.91 -2.04
CA LYS A 47 -9.65 -10.03 -0.66
C LYS A 47 -8.14 -10.09 -0.57
N VAL A 48 -7.68 -10.38 0.63
CA VAL A 48 -6.25 -10.35 0.93
C VAL A 48 -5.57 -11.65 0.48
N GLU A 49 -6.34 -12.72 0.37
CA GLU A 49 -5.78 -14.03 0.06
C GLU A 49 -5.48 -14.20 -1.44
N ASP A 50 -5.83 -13.21 -2.25
CA ASP A 50 -5.57 -13.31 -3.68
C ASP A 50 -4.68 -12.16 -4.16
N VAL A 51 -4.26 -11.29 -3.26
CA VAL A 51 -3.39 -10.19 -3.65
C VAL A 51 -1.96 -10.69 -3.86
N LYS A 52 -1.77 -11.31 -5.01
CA LYS A 52 -0.47 -11.85 -5.39
C LYS A 52 0.41 -10.75 -5.96
N PRO A 53 1.75 -10.92 -5.88
CA PRO A 53 2.72 -9.94 -6.39
C PRO A 53 2.51 -9.64 -7.88
N ARG A 54 1.90 -10.60 -8.58
CA ARG A 54 1.55 -10.42 -9.99
C ARG A 54 0.70 -9.18 -10.20
N HIS A 55 -0.18 -8.90 -9.23
CA HIS A 55 -1.10 -7.77 -9.33
C HIS A 55 -0.36 -6.47 -9.11
N ILE A 56 0.57 -6.50 -8.16
CA ILE A 56 1.34 -5.32 -7.78
C ILE A 56 2.32 -4.93 -8.89
N ASP A 57 2.82 -5.92 -9.61
CA ASP A 57 3.74 -5.68 -10.71
C ASP A 57 3.08 -4.81 -11.77
N ASP A 58 1.82 -5.13 -12.06
CA ASP A 58 1.07 -4.43 -13.10
C ASP A 58 0.83 -2.98 -12.74
N VAL A 59 0.47 -2.74 -11.47
CA VAL A 59 0.15 -1.39 -11.02
C VAL A 59 1.40 -0.51 -10.94
N LEU A 60 2.56 -1.15 -10.78
CA LEU A 60 3.82 -0.42 -10.76
C LEU A 60 4.07 0.25 -12.11
N LYS A 61 3.93 -0.52 -13.18
CA LYS A 61 4.06 0.02 -14.53
C LYS A 61 3.02 1.09 -14.78
N ALA A 62 1.81 0.81 -14.30
CA ALA A 62 0.68 1.72 -14.48
C ALA A 62 0.96 3.11 -13.89
N VAL A 63 1.59 3.17 -12.73
CA VAL A 63 1.89 4.45 -12.12
C VAL A 63 3.13 5.09 -12.75
N MET A 64 4.04 4.26 -13.23
CA MET A 64 5.28 4.75 -13.85
C MET A 64 4.98 5.40 -15.21
N LYS A 65 4.05 4.81 -15.95
CA LYS A 65 3.74 5.30 -17.29
C LYS A 65 3.07 6.68 -17.23
N ARG A 66 2.21 6.87 -16.25
CA ARG A 66 1.47 8.12 -16.10
C ARG A 66 2.36 9.21 -15.52
N GLY A 67 3.18 8.82 -14.55
CA GLY A 67 4.05 9.78 -13.90
C GLY A 67 5.50 9.36 -13.94
N ALA A 68 5.95 8.70 -12.86
CA ALA A 68 7.34 8.31 -12.74
C ALA A 68 7.50 7.24 -11.66
N PRO A 69 8.55 6.42 -11.76
CA PRO A 69 8.85 5.38 -10.76
C PRO A 69 9.06 5.96 -9.36
N SER A 70 9.38 7.25 -9.29
CA SER A 70 9.59 7.94 -8.02
C SER A 70 8.35 7.82 -7.13
N ILE A 71 7.17 7.83 -7.73
CA ILE A 71 5.93 7.69 -6.98
C ILE A 71 5.74 6.24 -6.54
N ALA A 72 6.20 5.32 -7.38
CA ALA A 72 6.08 3.89 -7.09
C ALA A 72 6.89 3.51 -5.86
N ASN A 73 8.00 4.22 -5.63
CA ASN A 73 8.83 3.98 -4.45
C ASN A 73 8.02 4.23 -3.19
N ASP A 74 7.25 5.31 -3.21
CA ASP A 74 6.37 5.66 -2.10
C ASP A 74 5.30 4.59 -1.94
N THR A 75 4.76 4.15 -3.06
CA THR A 75 3.72 3.14 -3.06
C THR A 75 4.22 1.81 -2.49
N LEU A 76 5.46 1.44 -2.83
CA LEU A 76 6.08 0.23 -2.29
C LEU A 76 6.20 0.32 -0.77
N ARG A 77 6.64 1.48 -0.29
CA ARG A 77 6.73 1.73 1.15
C ARG A 77 5.34 1.66 1.79
N TRP A 78 4.37 2.18 1.07
CA TRP A 78 2.98 2.22 1.51
C TRP A 78 2.41 0.81 1.66
N LEU A 79 2.55 0.01 0.60
CA LEU A 79 2.02 -1.35 0.58
C LEU A 79 2.76 -2.24 1.56
N LYS A 80 4.05 -1.98 1.72
CA LYS A 80 4.89 -2.73 2.65
C LYS A 80 4.25 -2.77 4.03
N ARG A 81 4.03 -1.61 4.59
CA ARG A 81 3.39 -1.46 5.89
C ARG A 81 2.00 -2.10 5.88
N MET A 82 1.24 -1.76 4.86
CA MET A 82 -0.16 -2.21 4.74
C MET A 82 -0.27 -3.73 4.78
N PHE A 83 0.51 -4.42 3.95
CA PHE A 83 0.41 -5.88 3.86
C PHE A 83 1.02 -6.55 5.08
N ASN A 84 1.94 -5.87 5.75
CA ASN A 84 2.57 -6.40 6.95
C ASN A 84 1.53 -6.54 8.07
N TYR A 85 0.53 -5.67 8.04
CA TYR A 85 -0.56 -5.72 9.01
C TYR A 85 -1.31 -7.04 8.88
N ALA A 86 -1.45 -7.53 7.66
CA ALA A 86 -2.14 -8.77 7.39
C ALA A 86 -1.37 -9.95 7.95
N ILE A 87 -0.05 -9.81 8.05
CA ILE A 87 0.80 -10.85 8.61
C ILE A 87 0.60 -10.95 10.11
N LYS A 88 0.49 -9.80 10.77
CA LYS A 88 0.29 -9.76 12.22
C LYS A 88 -1.06 -10.35 12.57
N ARG A 89 -2.06 -10.02 11.77
CA ARG A 89 -3.40 -10.62 11.89
C ARG A 89 -3.37 -12.09 11.49
N HIS A 90 -2.28 -12.49 10.84
CA HIS A 90 -2.05 -13.86 10.39
C HIS A 90 -3.05 -14.25 9.30
N ILE A 91 -3.50 -13.27 8.55
CA ILE A 91 -4.38 -13.51 7.42
C ILE A 91 -3.57 -14.12 6.29
N ILE A 92 -2.54 -13.40 5.87
CA ILE A 92 -1.56 -13.91 4.92
C ILE A 92 -0.17 -13.69 5.47
N GLU A 93 0.67 -14.69 5.37
CA GLU A 93 2.04 -14.59 5.84
C GLU A 93 2.99 -14.58 4.65
N TYR A 94 2.50 -14.01 3.55
CA TYR A 94 3.24 -13.98 2.29
C TYR A 94 3.79 -12.58 2.02
N ASN A 95 2.92 -11.57 2.14
CA ASN A 95 3.29 -10.18 1.91
C ASN A 95 3.77 -9.98 0.47
N PRO A 96 2.84 -9.73 -0.47
CA PRO A 96 3.15 -9.59 -1.89
C PRO A 96 4.15 -8.46 -2.18
N ALA A 97 4.20 -7.48 -1.29
CA ALA A 97 5.07 -6.32 -1.46
C ALA A 97 6.53 -6.66 -1.13
N ALA A 98 6.79 -7.93 -0.80
CA ALA A 98 8.13 -8.37 -0.50
C ALA A 98 8.94 -8.56 -1.78
N ALA A 99 8.25 -8.57 -2.91
CA ALA A 99 8.89 -8.78 -4.20
C ALA A 99 9.61 -7.51 -4.66
N PHE A 100 8.98 -6.36 -4.44
CA PHE A 100 9.53 -5.09 -4.87
C PHE A 100 9.74 -4.16 -3.69
N ASP A 101 11.00 -3.93 -3.35
CA ASP A 101 11.35 -3.06 -2.24
C ASP A 101 11.70 -1.66 -2.76
N PRO A 102 11.34 -0.63 -1.99
CA PRO A 102 11.64 0.76 -2.35
C PRO A 102 13.12 1.04 -2.25
N GLY A 103 13.61 1.83 -3.21
CA GLY A 103 15.01 2.19 -3.25
C GLY A 103 15.53 2.74 -1.93
N ASP A 104 16.61 2.16 -1.46
CA ASP A 104 17.23 2.57 -0.20
C ASP A 104 17.80 3.98 -0.31
N ALA A 105 17.12 4.93 0.30
CA ALA A 105 17.55 6.31 0.27
C ALA A 105 17.47 6.92 1.67
N GLY A 106 18.62 7.09 2.29
CA GLY A 106 18.68 7.67 3.62
C GLY A 106 19.74 8.74 3.72
N GLY A 107 19.73 9.48 4.82
CA GLY A 107 20.66 10.57 5.00
C GLY A 107 20.03 11.73 5.73
N LYS A 108 19.28 11.41 6.78
CA LYS A 108 18.54 12.38 7.58
C LYS A 108 17.45 13.05 6.76
N LEU A 109 16.21 12.64 7.01
CA LEU A 109 15.07 13.12 6.24
C LEU A 109 14.14 13.96 7.13
N GLU A 110 13.75 15.12 6.61
CA GLU A 110 12.79 16.01 7.27
C GLU A 110 13.28 16.52 8.62
N HIS A 111 14.59 16.50 8.82
CA HIS A 111 15.17 16.96 10.07
C HIS A 111 15.97 18.23 9.82
N HIS A 112 15.44 19.33 10.35
CA HIS A 112 15.98 20.70 10.16
C HIS A 112 16.29 21.00 8.70
N HIS A 113 15.28 21.52 8.00
CA HIS A 113 15.43 21.89 6.60
C HIS A 113 15.19 23.39 6.43
N HIS A 114 15.33 24.11 7.55
CA HIS A 114 15.08 25.55 7.59
C HIS A 114 16.02 26.29 6.64
N HIS A 115 17.28 25.88 6.63
CA HIS A 115 18.30 26.53 5.82
C HIS A 115 19.45 25.56 5.58
N HIS A 116 20.13 25.66 4.45
CA HIS A 116 21.22 24.75 4.13
C HIS A 116 22.47 25.10 4.94
#